data_8ZKH
#
_entry.id   8ZKH
#
_cell.length_a   1.00
_cell.length_b   1.00
_cell.length_c   1.00
_cell.angle_alpha   90.00
_cell.angle_beta   90.00
_cell.angle_gamma   90.00
#
_symmetry.space_group_name_H-M   'P 1'
#
loop_
_entity.id
_entity.type
_entity.pdbx_description
1 polymer Polycystin-1
2 polymer Polycystin-2
3 non-polymer '(1R)-2-{[(S)-{[(2S)-2,3-dihydroxypropyl]oxy}(hydroxy)phosphoryl]oxy}-1-[(hexadecanoyloxy)methyl]ethyl (9Z)-octadec-9-enoate'
4 non-polymer 'CALCIUM ION'
5 non-polymer 2-acetamido-2-deoxy-beta-D-glucopyranose
#
loop_
_entity_poly.entity_id
_entity_poly.type
_entity_poly.pdbx_seq_one_letter_code
_entity_poly.pdbx_strand_id
1 'polypeptide(L)'
;MDYKDDDDKGASLFVPPSHVRFVFPEPTADVNYIVMLTCAVCLVTYMVMAAILHKLDQLDASRGRAIPFCGQRGRFKYEI
LVKTGWGRGSGTTAHVGIMLYGVDSRSGHRHLDGDRAFHRNSLDIFRIATPHSLGSVWKIRVWHDNKGLSPAWFLQHVIV
RDLQTARSAFFLVNDWLSVETEANGGLVEKEVLAASDAALLRFRRLLVAELQRGFFDKHIWLSIWDRPPRSRFTRIQRAT
CCVLLICLFLGANAVWYGAVGDSAYSTGHVSRLSPLSVDTVAVGLVSSVVVYPVYLAILFLFRMSRSKVAGSPSPTPAGQ
QVLDIDSCLDSSVLDSSFLTFSGLHAEQAFVGQMKSDLFLDDSKSLVCWPSGEGTLSWPDLLSDPSIVGSNLRQLARGQA
GHGLGPEEDGFSLASPYSPAKSFSASDEDLIQQVLAEGVSSPAPTQDTHMETDLLSSLSSTPGEKTETLALQRLGELGPP
SPGLNWEQPQAARLSRTGLVEGLRKRLLPAWCASLAHGLSLLLVAVAVAVSGWVGASFPPGVSVAWLLSSSASFLASFLG
WEPLKVLLEALYFSLVAKRLHPDEDDTLVESPAVTPVSARVPRVRPPHGFALFLAKEEARKVKRLHGMLRSLLVYMLFLL
VTLLASYGDASCHGHAYRLQSAIKQELHSRAFLAITRSEELWPWMAHVLLPYVHGNQSSPELGPPRLRQVRLQEALYPDP
PGPRVHTCSAAGGFSTSDYDVGWESPHNGSGTWAYSAPDLLGAWSWGSCAVYDSGGYVQELGLSLEESRDRLRFLQLHNW
LDNRSRAVFLELTRYSPAVGLHAAVTLRLEFPAAGRALAALSVRPFALRRLSAGLSLPLLTSVCLLLFAVHFAVAEARTW
HREGRWRVLRLGAWARWLLVALTAATALVRLAQLGAADRQWTRFVRGRPRRFTSFDQVAQLSSAARGLAASLLFLLLVKA
AQQLRFVRQWSVFGKTLCRALPELLGVTLGLVVLGVAYAQLAILLVSSCVDSLWSVAQALLVLCPGTGLSTLCPAESWHL
SPLLCVGLWALRLWGALRLGAVILRWRYHALRGELYRPAWEPQDYEMVELFLRRLRLWMGLSKVKEFRHKVRFEGMEPLP
SRSSRGSKVSPDVPPPSAGSDASHPSTSSSQLDGLSVSLGRLGTRCEPEPSRLQAVFEALLTQFDRLNQATEDVYQLEQQ
LHSLQGRRSSRAPAGSSRGPSPGLRPALPSRLARASRGVDLATGPSRTPLRAKNKVHPSST
;
A
2 'polypeptide(L)'
;MGASSAWSHPQFEKGGGSGGGSGGSAWSHPQFEKGSAAAMVNSSRVQPQQPGDAKRPPAPRAPDPGRLMAGCAAVGASLA
APGGLCEQRGLEIEMQRIRQAAARDPPAGAAASPSPPLSSCSRQAWSRDNPGFEAEEEEEEVEGEEGGMVVEMDVEWRPG
SRRSAASSAVSSVGARSRGLGGYHGAGHPSGRRRRREDQGPPCPSPVGGGDPLHRHLPLEGQPPRVAWAERLVRGLRGLW
GTRLMEESSTNREKYLKSVLRELVTYLLFLIVLCILTYGMMSSNVYYYTRMMSQLFLDTPVSKTEKTNFKTLSSMEDFWK
FTEGSLLDGLYWKMQPSNQTEADNRSFIFYENLLLGVPRIRQLRVRNGSCSIPQDLRDEIKECYDVYSVSSEDRAPFGPR
NGTAWIYTSEKDLNGSSHWGIIATYSGAGYYLDLSRTREETAAQVASLKKNVWLDRGTRATFIDFSVYNANINLFCVVRL
LVEFPATGGVIPSWQFQPLKLIRYVTTFDFFLAACEIIFCFFIFYYVVEEILEIRIHKLHYFRSFWNCLDVVIVVLSVVA
IGINIYRTSNVEVLLQFLEDQNTFPNFEHLAYWQIQFNNIAAVTVFFVWIKLFKFINFNRTMSQLSTTMSRCAKDLFGFA
IMFFIIFLAYAQLAYLVFGTQVDDFSTFQECIFTQFRIILGDINFAEIEEANRVLGPIYFTTFVFFMFFILLNMFLAIIN
DTYSEVKSDLAQQKAEMELSDLIRKGYHKALVKLKLKKNTVDDISESLRQGGGKLNFDELRQDLKGKGHTDAEIEAIFTK
YDQDGDQELTEHEHQQMRDDLEKEREDLDLDHSSLPRPMSSRSFPRSLDDSEEDDDEDSGHSSRRRGSISSGVSYEEFQV
LVRRVDRMEHSIGSIVSKIDAVIVKLEIMERAKLKRREVLGRLLDGVAEDERLGRDSEIHREQMERLVREELERWESDDA
ASQISHGLGTPVGLNGQPRPRSSRPSSSQSTEGMEGAGGNGSSNVHV
;
B,C,D
#
loop_
_chem_comp.id
_chem_comp.type
_chem_comp.name
_chem_comp.formula
CA non-polymer 'CALCIUM ION' 'Ca 2'
NAG D-saccharide, beta linking 2-acetamido-2-deoxy-beta-D-glucopyranose 'C8 H15 N O6'
PGW non-polymer '(1R)-2-{[(S)-{[(2S)-2,3-dihydroxypropyl]oxy}(hydroxy)phosphoryl]oxy}-1-[(hexadecanoyloxy)methyl]ethyl (9Z)-octadec-9-enoate' 'C40 H77 O10 P'
#
# COMPACT_ATOMS: atom_id res chain seq x y z
N VAL A 23 19.41 -44.32 16.93
CA VAL A 23 19.95 -43.15 16.25
C VAL A 23 19.01 -41.96 16.40
N PHE A 24 19.54 -40.85 16.89
CA PHE A 24 18.76 -39.63 17.06
C PHE A 24 19.12 -38.65 15.95
N PRO A 25 18.24 -38.51 14.96
CA PRO A 25 18.47 -37.63 13.81
C PRO A 25 17.93 -36.20 13.96
N GLU A 26 18.15 -35.43 12.90
CA GLU A 26 17.72 -34.03 12.81
C GLU A 26 18.55 -33.09 13.69
N PRO A 27 19.84 -32.89 13.39
CA PRO A 27 20.57 -31.78 14.00
C PRO A 27 20.41 -30.46 13.26
N THR A 28 19.77 -30.48 12.10
CA THR A 28 19.62 -29.31 11.25
C THR A 28 18.31 -28.59 11.57
N ALA A 29 17.95 -27.62 10.73
CA ALA A 29 16.76 -26.80 10.98
C ALA A 29 15.86 -26.62 9.76
N ASP A 30 16.22 -27.15 8.60
CA ASP A 30 15.35 -27.03 7.44
C ASP A 30 14.13 -27.93 7.58
N VAL A 31 13.06 -27.57 6.88
CA VAL A 31 11.78 -28.26 7.00
C VAL A 31 11.43 -28.89 5.65
N ASN A 32 10.75 -30.04 5.72
CA ASN A 32 10.26 -30.74 4.54
C ASN A 32 8.77 -30.48 4.42
N TYR A 33 8.34 -29.97 3.27
CA TYR A 33 6.96 -29.56 3.09
C TYR A 33 6.06 -30.68 2.62
N ILE A 34 6.61 -31.77 2.07
CA ILE A 34 5.78 -32.86 1.56
C ILE A 34 5.01 -33.52 2.69
N VAL A 35 5.69 -33.85 3.78
CA VAL A 35 5.05 -34.53 4.89
C VAL A 35 4.00 -33.62 5.55
N MET A 36 4.34 -32.35 5.74
CA MET A 36 3.40 -31.42 6.35
C MET A 36 2.16 -31.26 5.47
N LEU A 37 2.35 -31.11 4.16
CA LEU A 37 1.22 -30.93 3.27
C LEU A 37 0.31 -32.16 3.26
N THR A 38 0.90 -33.36 3.19
CA THR A 38 0.06 -34.55 3.13
C THR A 38 -0.66 -34.78 4.46
N CYS A 39 0.00 -34.51 5.59
CA CYS A 39 -0.67 -34.64 6.88
C CYS A 39 -1.81 -33.63 7.01
N ALA A 40 -1.58 -32.39 6.56
CA ALA A 40 -2.66 -31.39 6.62
C ALA A 40 -3.83 -31.81 5.75
N VAL A 41 -3.55 -32.34 4.55
CA VAL A 41 -4.63 -32.74 3.65
C VAL A 41 -5.43 -33.88 4.27
N CYS A 42 -4.75 -34.88 4.84
CA CYS A 42 -5.47 -36.00 5.44
C CYS A 42 -6.29 -35.55 6.65
N LEU A 43 -5.74 -34.66 7.48
CA LEU A 43 -6.49 -34.18 8.62
C LEU A 43 -7.73 -33.40 8.19
N VAL A 44 -7.59 -32.53 7.18
CA VAL A 44 -8.72 -31.74 6.72
C VAL A 44 -9.81 -32.63 6.11
N THR A 45 -9.41 -33.60 5.29
CA THR A 45 -10.41 -34.49 4.72
C THR A 45 -11.08 -35.34 5.80
N TYR A 46 -10.34 -35.73 6.84
CA TYR A 46 -10.99 -36.41 7.95
C TYR A 46 -11.99 -35.52 8.65
N MET A 47 -11.66 -34.25 8.85
CA MET A 47 -12.59 -33.35 9.53
C MET A 47 -13.88 -33.20 8.73
N VAL A 48 -13.76 -32.99 7.42
CA VAL A 48 -14.94 -32.82 6.58
C VAL A 48 -15.78 -34.10 6.57
N MET A 49 -15.11 -35.24 6.39
CA MET A 49 -15.83 -36.51 6.40
C MET A 49 -16.49 -36.78 7.75
N ALA A 50 -15.83 -36.42 8.84
CA ALA A 50 -16.42 -36.63 10.16
C ALA A 50 -17.68 -35.79 10.32
N ALA A 51 -17.65 -34.52 9.90
CA ALA A 51 -18.84 -33.69 10.00
C ALA A 51 -19.98 -34.28 9.18
N ILE A 52 -19.71 -34.60 7.91
CA ILE A 52 -20.79 -35.06 7.03
C ILE A 52 -21.31 -36.42 7.50
N LEU A 53 -20.41 -37.31 7.92
CA LEU A 53 -20.82 -38.63 8.38
C LEU A 53 -21.58 -38.57 9.69
N HIS A 54 -21.24 -37.62 10.58
CA HIS A 54 -22.05 -37.44 11.78
C HIS A 54 -23.45 -36.97 11.44
N LYS A 55 -23.56 -36.04 10.47
CA LYS A 55 -24.88 -35.62 10.01
C LYS A 55 -25.68 -36.80 9.46
N LEU A 56 -25.05 -37.61 8.61
CA LEU A 56 -25.73 -38.76 8.04
C LEU A 56 -26.11 -39.78 9.12
N ASP A 57 -25.23 -39.98 10.10
CA ASP A 57 -25.51 -40.92 11.18
C ASP A 57 -26.71 -40.47 12.00
N GLN A 58 -26.77 -39.18 12.33
CA GLN A 58 -27.91 -38.69 13.09
C GLN A 58 -29.19 -38.77 12.28
N LEU A 59 -29.11 -38.52 10.97
CA LEU A 59 -30.28 -38.64 10.11
C LEU A 59 -30.79 -40.08 10.07
N ASP A 60 -29.87 -41.04 9.97
CA ASP A 60 -30.25 -42.45 9.90
C ASP A 60 -30.77 -42.96 11.25
N ALA A 61 -30.13 -42.54 12.35
CA ALA A 61 -30.54 -43.00 13.67
C ALA A 61 -31.86 -42.37 14.09
N SER A 62 -32.19 -41.19 13.57
CA SER A 62 -33.50 -40.61 13.84
C SER A 62 -34.63 -41.46 13.27
N ARG A 63 -34.34 -42.29 12.26
CA ARG A 63 -35.32 -43.20 11.69
C ARG A 63 -35.25 -44.58 12.34
N GLY A 64 -34.05 -45.03 12.72
CA GLY A 64 -33.88 -46.30 13.39
C GLY A 64 -34.22 -46.25 14.87
N ARG A 75 -37.81 -53.06 -7.28
CA ARG A 75 -36.79 -53.56 -6.37
C ARG A 75 -37.29 -54.77 -5.58
N PHE A 76 -36.64 -55.03 -4.45
CA PHE A 76 -37.07 -56.15 -3.60
C PHE A 76 -38.46 -55.91 -3.04
N LYS A 77 -38.75 -54.69 -2.61
CA LYS A 77 -40.05 -54.36 -2.06
C LYS A 77 -41.08 -54.26 -3.18
N TYR A 78 -42.22 -54.91 -2.99
CA TYR A 78 -43.29 -54.92 -3.98
C TYR A 78 -44.57 -54.38 -3.35
N GLU A 79 -45.56 -54.10 -4.21
CA GLU A 79 -46.86 -53.58 -3.79
C GLU A 79 -47.96 -54.59 -4.04
N ILE A 80 -47.67 -55.87 -3.79
CA ILE A 80 -48.63 -56.94 -4.00
C ILE A 80 -49.13 -57.44 -2.65
N LEU A 81 -50.21 -58.23 -2.69
CA LEU A 81 -50.82 -58.72 -1.47
C LEU A 81 -49.93 -59.76 -0.79
N VAL A 82 -50.08 -59.87 0.53
CA VAL A 82 -49.31 -60.82 1.32
C VAL A 82 -50.28 -61.68 2.13
N LYS A 83 -51.48 -61.88 1.60
CA LYS A 83 -52.52 -62.63 2.29
C LYS A 83 -52.17 -64.12 2.29
N THR A 84 -51.55 -64.58 3.37
CA THR A 84 -51.16 -65.98 3.54
C THR A 84 -52.12 -66.60 4.57
N GLY A 85 -53.25 -67.10 4.08
CA GLY A 85 -54.24 -67.71 4.94
C GLY A 85 -54.43 -69.19 4.67
N TRP A 86 -53.36 -69.88 4.28
CA TRP A 86 -53.43 -71.30 3.96
C TRP A 86 -53.49 -72.19 5.19
N GLY A 87 -53.29 -71.63 6.39
CA GLY A 87 -53.34 -72.42 7.60
C GLY A 87 -53.75 -71.56 8.78
N ARG A 88 -53.85 -72.19 9.94
CA ARG A 88 -54.26 -71.53 11.16
C ARG A 88 -53.60 -72.23 12.34
N GLY A 89 -53.99 -71.82 13.55
CA GLY A 89 -53.44 -72.39 14.77
C GLY A 89 -52.21 -71.68 15.30
N SER A 90 -51.67 -70.70 14.58
CA SER A 90 -50.49 -69.96 15.01
C SER A 90 -50.85 -68.57 15.53
N GLY A 91 -52.01 -68.43 16.17
CA GLY A 91 -52.44 -67.13 16.67
C GLY A 91 -51.54 -66.57 17.75
N THR A 92 -50.76 -65.54 17.39
CA THR A 92 -49.84 -64.89 18.31
C THR A 92 -49.36 -63.60 17.66
N THR A 93 -48.83 -62.71 18.48
CA THR A 93 -48.29 -61.44 17.99
C THR A 93 -46.99 -61.72 17.24
N ALA A 94 -47.05 -61.67 15.91
CA ALA A 94 -45.91 -61.96 15.06
C ALA A 94 -45.71 -60.83 14.06
N HIS A 95 -44.44 -60.47 13.83
CA HIS A 95 -44.10 -59.45 12.84
C HIS A 95 -42.71 -59.78 12.32
N VAL A 96 -42.66 -60.40 11.13
CA VAL A 96 -41.40 -60.82 10.54
C VAL A 96 -41.22 -60.13 9.20
N GLY A 97 -40.05 -60.32 8.59
CA GLY A 97 -39.76 -59.73 7.29
C GLY A 97 -38.99 -60.67 6.38
N ILE A 98 -38.29 -60.11 5.40
CA ILE A 98 -37.51 -60.88 4.45
C ILE A 98 -36.12 -60.28 4.34
N MET A 99 -35.17 -61.12 3.91
CA MET A 99 -33.77 -60.72 3.72
C MET A 99 -33.45 -60.87 2.24
N LEU A 100 -33.41 -59.73 1.54
CA LEU A 100 -33.14 -59.73 0.09
C LEU A 100 -31.62 -59.67 -0.12
N TYR A 101 -30.99 -60.83 0.06
CA TYR A 101 -29.54 -60.95 -0.10
C TYR A 101 -29.23 -60.99 -1.60
N GLY A 102 -29.23 -59.81 -2.20
CA GLY A 102 -28.97 -59.69 -3.63
C GLY A 102 -27.67 -59.00 -3.95
N VAL A 103 -27.64 -58.26 -5.06
CA VAL A 103 -26.45 -57.56 -5.51
C VAL A 103 -26.57 -56.09 -5.13
N ASP A 104 -25.56 -55.57 -4.45
CA ASP A 104 -25.41 -54.17 -4.03
C ASP A 104 -26.40 -53.77 -2.95
N SER A 105 -27.30 -54.67 -2.53
CA SER A 105 -28.26 -54.35 -1.47
C SER A 105 -28.71 -55.65 -0.83
N ARG A 106 -28.26 -55.91 0.39
CA ARG A 106 -28.60 -57.12 1.14
C ARG A 106 -28.97 -56.69 2.56
N SER A 107 -30.24 -56.39 2.78
CA SER A 107 -30.73 -55.96 4.09
C SER A 107 -31.44 -57.11 4.80
N GLY A 108 -31.56 -56.98 6.12
CA GLY A 108 -32.20 -57.99 6.93
C GLY A 108 -33.70 -57.81 7.00
N HIS A 109 -34.34 -58.71 7.76
CA HIS A 109 -35.78 -58.68 7.93
C HIS A 109 -36.19 -57.53 8.85
N ARG A 110 -37.44 -57.07 8.67
CA ARG A 110 -37.97 -55.98 9.47
C ARG A 110 -39.27 -56.38 10.15
N HIS A 111 -39.93 -55.42 10.80
CA HIS A 111 -41.17 -55.67 11.51
C HIS A 111 -42.11 -54.51 11.31
N LEU A 112 -43.40 -54.75 11.60
CA LEU A 112 -44.43 -53.73 11.48
C LEU A 112 -45.56 -54.07 12.44
N ASP A 113 -46.39 -53.07 12.70
CA ASP A 113 -47.51 -53.23 13.63
C ASP A 113 -48.71 -52.48 13.09
N GLY A 114 -49.83 -53.18 12.97
CA GLY A 114 -51.07 -52.59 12.49
C GLY A 114 -52.07 -52.36 13.59
N ASP A 115 -53.35 -52.34 13.24
CA ASP A 115 -54.41 -52.14 14.23
C ASP A 115 -54.56 -53.36 15.12
N ARG A 116 -54.83 -54.52 14.52
CA ARG A 116 -54.97 -55.74 15.31
C ARG A 116 -53.64 -56.25 15.84
N ALA A 117 -52.52 -55.78 15.28
CA ALA A 117 -51.18 -56.16 15.71
C ALA A 117 -50.98 -57.67 15.66
N PHE A 118 -51.52 -58.30 14.61
CA PHE A 118 -51.40 -59.75 14.40
C PHE A 118 -51.97 -60.53 15.59
N HIS A 119 -53.27 -60.38 15.79
CA HIS A 119 -53.96 -61.01 16.91
C HIS A 119 -54.11 -62.51 16.65
N ARG A 120 -54.84 -63.19 17.52
CA ARG A 120 -55.02 -64.64 17.39
C ARG A 120 -55.81 -64.97 16.12
N ASN A 121 -55.35 -66.01 15.41
CA ASN A 121 -55.98 -66.46 14.17
C ASN A 121 -56.09 -65.33 13.15
N SER A 122 -55.01 -64.57 13.01
CA SER A 122 -54.95 -63.46 12.08
C SER A 122 -53.70 -63.58 11.21
N LEU A 123 -53.86 -63.26 9.93
CA LEU A 123 -52.77 -63.31 8.96
C LEU A 123 -52.49 -61.90 8.47
N ASP A 124 -51.22 -61.51 8.51
CA ASP A 124 -50.83 -60.16 8.11
C ASP A 124 -50.67 -60.09 6.59
N ILE A 125 -51.32 -59.11 5.98
CA ILE A 125 -51.23 -58.87 4.53
C ILE A 125 -50.96 -57.38 4.35
N PHE A 126 -49.69 -57.01 4.23
CA PHE A 126 -49.31 -55.61 4.08
C PHE A 126 -47.87 -55.56 3.57
N ARG A 127 -47.44 -54.37 3.17
CA ARG A 127 -46.09 -54.14 2.70
C ARG A 127 -45.38 -53.18 3.66
N ILE A 128 -44.10 -53.47 3.90
CA ILE A 128 -43.30 -52.69 4.83
C ILE A 128 -42.38 -51.76 4.04
N ALA A 129 -41.77 -50.82 4.73
CA ALA A 129 -40.87 -49.84 4.12
C ALA A 129 -39.47 -50.42 4.10
N THR A 130 -39.14 -51.11 3.01
CA THR A 130 -37.83 -51.72 2.81
C THR A 130 -37.14 -51.06 1.63
N PRO A 131 -36.02 -50.37 1.83
CA PRO A 131 -35.33 -49.72 0.70
C PRO A 131 -34.32 -50.61 -0.02
N HIS A 132 -34.11 -51.84 0.43
CA HIS A 132 -33.18 -52.74 -0.23
C HIS A 132 -33.71 -53.15 -1.60
N SER A 133 -32.80 -53.31 -2.55
CA SER A 133 -33.14 -53.69 -3.92
C SER A 133 -32.52 -55.04 -4.24
N LEU A 134 -33.33 -55.96 -4.74
CA LEU A 134 -32.87 -57.27 -5.15
C LEU A 134 -32.77 -57.34 -6.66
N GLY A 135 -32.48 -58.54 -7.19
CA GLY A 135 -32.36 -58.75 -8.62
C GLY A 135 -33.24 -59.90 -9.07
N SER A 136 -33.24 -60.11 -10.39
CA SER A 136 -34.01 -61.20 -10.98
C SER A 136 -33.20 -62.48 -11.00
N VAL A 137 -32.68 -62.87 -9.83
CA VAL A 137 -31.86 -64.07 -9.67
C VAL A 137 -32.31 -64.78 -8.40
N TRP A 138 -31.61 -65.86 -8.05
CA TRP A 138 -31.92 -66.62 -6.85
C TRP A 138 -31.45 -65.87 -5.62
N LYS A 139 -32.15 -64.79 -5.25
CA LYS A 139 -31.81 -63.97 -4.10
C LYS A 139 -33.09 -63.69 -3.32
N ILE A 140 -33.41 -64.58 -2.37
CA ILE A 140 -34.60 -64.42 -1.54
C ILE A 140 -34.37 -65.19 -0.25
N ARG A 141 -34.84 -64.61 0.86
CA ARG A 141 -34.75 -65.24 2.16
C ARG A 141 -35.73 -64.54 3.10
N VAL A 142 -36.49 -65.33 3.85
CA VAL A 142 -37.52 -64.81 4.73
C VAL A 142 -37.28 -65.35 6.14
N TRP A 143 -37.33 -64.46 7.13
CA TRP A 143 -37.16 -64.83 8.53
C TRP A 143 -38.52 -64.98 9.19
N HIS A 144 -38.51 -65.56 10.40
CA HIS A 144 -39.71 -65.80 11.17
C HIS A 144 -39.53 -65.21 12.57
N ASP A 145 -40.60 -65.27 13.36
CA ASP A 145 -40.57 -64.78 14.74
C ASP A 145 -41.56 -65.59 15.55
N ASN A 146 -41.05 -66.52 16.36
CA ASN A 146 -41.88 -67.38 17.20
C ASN A 146 -41.65 -66.98 18.66
N LYS A 147 -42.45 -66.03 19.13
CA LYS A 147 -42.36 -65.53 20.50
C LYS A 147 -43.47 -66.18 21.31
N GLY A 148 -43.10 -67.19 22.10
CA GLY A 148 -44.06 -67.88 22.95
C GLY A 148 -44.66 -69.11 22.31
N LEU A 149 -45.89 -68.97 21.79
CA LEU A 149 -46.57 -70.10 21.18
C LEU A 149 -45.88 -70.53 19.90
N SER A 150 -45.84 -71.84 19.66
CA SER A 150 -45.22 -72.37 18.46
C SER A 150 -46.10 -72.09 17.25
N PRO A 151 -45.50 -72.07 16.05
CA PRO A 151 -46.29 -71.78 14.84
C PRO A 151 -46.93 -73.03 14.25
N ALA A 152 -48.21 -72.89 13.91
CA ALA A 152 -48.97 -73.97 13.29
C ALA A 152 -49.57 -73.61 11.94
N TRP A 153 -49.75 -72.32 11.64
CA TRP A 153 -50.28 -71.91 10.35
C TRP A 153 -49.23 -72.07 9.27
N PHE A 154 -49.70 -72.28 8.03
CA PHE A 154 -48.83 -72.45 6.87
C PHE A 154 -48.94 -71.20 6.00
N LEU A 155 -48.00 -70.28 6.22
CA LEU A 155 -47.92 -69.05 5.41
C LEU A 155 -47.05 -69.34 4.20
N GLN A 156 -47.68 -69.52 3.04
CA GLN A 156 -46.95 -69.89 1.82
C GLN A 156 -45.94 -68.82 1.42
N HIS A 157 -46.43 -67.66 1.01
CA HIS A 157 -45.60 -66.55 0.55
C HIS A 157 -46.50 -65.38 0.23
N VAL A 158 -45.88 -64.25 -0.11
CA VAL A 158 -46.60 -63.08 -0.59
C VAL A 158 -46.64 -63.17 -2.12
N ILE A 159 -47.84 -63.32 -2.66
CA ILE A 159 -48.01 -63.53 -4.10
C ILE A 159 -47.68 -62.22 -4.81
N VAL A 160 -46.51 -62.15 -5.43
CA VAL A 160 -46.07 -60.98 -6.17
C VAL A 160 -45.55 -61.44 -7.53
N ARG A 161 -46.01 -60.80 -8.59
CA ARG A 161 -45.59 -61.13 -9.95
C ARG A 161 -44.77 -60.03 -10.59
N ASP A 162 -45.32 -58.80 -10.66
CA ASP A 162 -44.58 -57.68 -11.24
C ASP A 162 -45.16 -56.40 -10.65
N LEU A 163 -44.44 -55.82 -9.68
CA LEU A 163 -44.84 -54.57 -9.05
C LEU A 163 -43.85 -53.45 -9.35
N GLN A 164 -42.57 -53.64 -9.02
CA GLN A 164 -41.54 -52.66 -9.32
C GLN A 164 -40.46 -53.22 -10.25
N THR A 165 -39.85 -54.35 -9.89
CA THR A 165 -38.84 -54.97 -10.73
C THR A 165 -38.93 -56.49 -10.77
N ALA A 166 -39.93 -57.10 -10.14
CA ALA A 166 -40.11 -58.55 -10.12
C ALA A 166 -38.88 -59.25 -9.56
N ARG A 167 -38.55 -58.94 -8.32
CA ARG A 167 -37.40 -59.48 -7.62
C ARG A 167 -37.81 -60.43 -6.49
N SER A 168 -38.87 -61.20 -6.72
CA SER A 168 -39.36 -62.14 -5.72
C SER A 168 -40.08 -63.28 -6.43
N ALA A 169 -40.47 -64.29 -5.65
CA ALA A 169 -41.18 -65.45 -6.17
C ALA A 169 -42.40 -65.73 -5.30
N PHE A 170 -43.52 -66.06 -5.95
CA PHE A 170 -44.77 -66.33 -5.24
C PHE A 170 -44.92 -67.81 -4.90
N PHE A 171 -43.91 -68.37 -4.25
CA PHE A 171 -43.93 -69.78 -3.86
C PHE A 171 -42.84 -70.01 -2.82
N LEU A 172 -43.07 -70.98 -1.94
CA LEU A 172 -42.10 -71.34 -0.91
C LEU A 172 -42.45 -72.73 -0.39
N VAL A 173 -41.71 -73.15 0.64
CA VAL A 173 -41.94 -74.48 1.22
C VAL A 173 -43.30 -74.54 1.90
N ASN A 174 -43.65 -73.50 2.66
CA ASN A 174 -44.92 -73.43 3.39
C ASN A 174 -45.07 -74.62 4.35
N ASP A 175 -44.14 -74.70 5.29
CA ASP A 175 -44.10 -75.77 6.27
C ASP A 175 -43.88 -75.18 7.66
N TRP A 176 -44.10 -76.02 8.67
CA TRP A 176 -43.93 -75.64 10.06
C TRP A 176 -42.71 -76.35 10.65
N LEU A 177 -42.00 -75.66 11.54
CA LEU A 177 -40.77 -76.19 12.11
C LEU A 177 -40.66 -75.64 13.54
N SER A 178 -39.45 -75.73 14.10
CA SER A 178 -39.22 -75.29 15.47
C SER A 178 -39.34 -73.75 15.57
N VAL A 179 -39.16 -73.25 16.79
CA VAL A 179 -39.31 -71.82 17.04
C VAL A 179 -38.20 -71.05 16.32
N GLU A 180 -38.58 -69.96 15.66
CA GLU A 180 -37.66 -69.08 14.94
C GLU A 180 -36.88 -69.83 13.86
N THR A 181 -37.54 -70.79 13.21
CA THR A 181 -36.92 -71.55 12.13
C THR A 181 -37.26 -70.88 10.81
N GLU A 182 -36.35 -70.05 10.32
CA GLU A 182 -36.56 -69.33 9.06
C GLU A 182 -36.42 -70.28 7.88
N ALA A 183 -37.39 -70.22 6.96
CA ALA A 183 -37.35 -71.08 5.79
C ALA A 183 -36.30 -70.58 4.80
N ASN A 184 -35.48 -71.49 4.29
CA ASN A 184 -34.45 -71.16 3.33
C ASN A 184 -35.01 -71.24 1.92
N GLY A 185 -34.14 -71.13 0.93
CA GLY A 185 -34.57 -71.22 -0.46
C GLY A 185 -33.67 -70.38 -1.34
N GLY A 186 -34.00 -70.37 -2.62
CA GLY A 186 -33.26 -69.61 -3.60
C GLY A 186 -33.99 -68.35 -4.04
N LEU A 187 -34.62 -68.40 -5.22
CA LEU A 187 -35.36 -67.26 -5.74
C LEU A 187 -36.69 -67.10 -5.03
N LEU A 201 -27.45 -78.81 7.14
CA LEU A 201 -26.44 -77.77 7.02
C LEU A 201 -25.14 -78.35 6.46
N ARG A 202 -24.73 -77.86 5.28
CA ARG A 202 -23.51 -78.31 4.62
C ARG A 202 -22.41 -77.30 4.83
N PHE A 203 -21.20 -77.80 5.08
CA PHE A 203 -20.05 -76.91 5.32
C PHE A 203 -19.74 -76.06 4.10
N ARG A 204 -20.01 -76.57 2.89
CA ARG A 204 -19.78 -75.78 1.69
C ARG A 204 -20.76 -74.63 1.56
N ARG A 205 -21.89 -74.67 2.27
CA ARG A 205 -22.86 -73.58 2.25
C ARG A 205 -23.28 -73.16 3.66
N LEU A 206 -22.44 -73.46 4.67
CA LEU A 206 -22.80 -73.12 6.04
C LEU A 206 -22.80 -71.60 6.25
N LEU A 207 -21.76 -70.92 5.76
CA LEU A 207 -21.65 -69.48 5.97
C LEU A 207 -21.17 -68.73 4.73
N VAL A 208 -21.32 -69.32 3.54
CA VAL A 208 -20.96 -68.61 2.31
C VAL A 208 -21.89 -67.42 2.11
N ALA A 209 -23.17 -67.58 2.43
CA ALA A 209 -24.09 -66.45 2.37
C ALA A 209 -23.69 -65.36 3.35
N GLU A 210 -23.13 -65.73 4.50
CA GLU A 210 -22.63 -64.75 5.46
C GLU A 210 -21.52 -63.89 4.85
N LEU A 211 -20.81 -64.39 3.86
CA LEU A 211 -19.80 -63.60 3.16
C LEU A 211 -20.41 -62.57 2.23
N GLN A 212 -21.73 -62.42 2.19
CA GLN A 212 -22.38 -61.33 1.48
C GLN A 212 -22.98 -60.31 2.42
N ARG A 213 -22.92 -60.54 3.74
CA ARG A 213 -23.41 -59.59 4.73
C ARG A 213 -22.28 -58.76 5.32
N GLY A 214 -21.27 -59.42 5.88
CA GLY A 214 -20.13 -58.75 6.47
C GLY A 214 -18.99 -58.45 5.52
N PHE A 215 -19.15 -58.75 4.22
CA PHE A 215 -18.07 -58.49 3.27
C PHE A 215 -17.73 -57.02 3.20
N PHE A 216 -18.74 -56.15 3.18
CA PHE A 216 -18.56 -54.70 3.17
C PHE A 216 -18.82 -54.09 4.55
N ASP A 217 -18.82 -54.92 5.60
CA ASP A 217 -19.01 -54.45 6.96
C ASP A 217 -17.71 -54.41 7.75
N LYS A 218 -16.96 -55.52 7.76
CA LYS A 218 -15.68 -55.56 8.45
C LYS A 218 -14.51 -55.07 7.60
N HIS A 219 -14.73 -54.84 6.31
CA HIS A 219 -13.74 -54.19 5.46
C HIS A 219 -13.84 -52.70 5.74
N ILE A 220 -12.90 -52.18 6.54
CA ILE A 220 -13.03 -50.85 7.12
C ILE A 220 -13.06 -49.75 6.05
N TRP A 221 -12.51 -50.02 4.87
CA TRP A 221 -12.51 -48.99 3.82
C TRP A 221 -13.90 -48.80 3.22
N LEU A 222 -14.47 -49.87 2.67
CA LEU A 222 -15.81 -49.81 2.08
C LEU A 222 -16.89 -50.15 3.11
N SER A 223 -16.88 -49.45 4.23
CA SER A 223 -17.88 -49.66 5.26
C SER A 223 -18.44 -48.37 5.83
N ILE A 224 -17.94 -47.20 5.42
CA ILE A 224 -18.45 -45.94 5.93
C ILE A 224 -19.75 -45.50 5.28
N TRP A 225 -20.13 -46.10 4.15
CA TRP A 225 -21.40 -45.79 3.51
C TRP A 225 -22.19 -47.05 3.13
N ASP A 226 -21.73 -48.22 3.55
CA ASP A 226 -22.40 -49.48 3.24
C ASP A 226 -22.62 -50.31 4.51
N ARG A 227 -23.12 -49.66 5.57
CA ARG A 227 -23.40 -50.38 6.79
C ARG A 227 -24.91 -50.53 6.98
N PRO A 228 -25.36 -51.59 7.65
CA PRO A 228 -26.80 -51.78 7.84
C PRO A 228 -27.33 -50.84 8.90
N PRO A 229 -28.61 -50.49 8.84
CA PRO A 229 -29.18 -49.58 9.84
C PRO A 229 -29.15 -50.17 11.23
N ARG A 230 -29.01 -49.29 12.22
CA ARG A 230 -28.98 -49.65 13.64
C ARG A 230 -27.85 -50.66 13.93
N SER A 231 -26.64 -50.17 13.71
CA SER A 231 -25.42 -50.92 14.01
C SER A 231 -24.64 -50.21 15.10
N ARG A 232 -23.86 -50.98 15.84
CA ARG A 232 -23.09 -50.45 16.97
C ARG A 232 -21.70 -50.02 16.51
N PHE A 233 -21.68 -49.14 15.51
CA PHE A 233 -20.43 -48.59 15.00
C PHE A 233 -20.44 -47.08 14.79
N THR A 234 -21.60 -46.43 14.78
CA THR A 234 -21.75 -44.98 14.78
C THR A 234 -21.30 -44.37 13.45
N ARG A 235 -20.72 -45.18 12.56
CA ARG A 235 -20.38 -44.80 11.20
C ARG A 235 -19.31 -43.70 11.15
N ILE A 236 -18.89 -43.20 12.30
CA ILE A 236 -17.75 -42.30 12.38
C ILE A 236 -16.60 -42.91 13.15
N GLN A 237 -16.84 -43.96 13.95
CA GLN A 237 -15.74 -44.74 14.51
C GLN A 237 -14.94 -45.40 13.40
N ARG A 238 -15.61 -45.79 12.31
CA ARG A 238 -14.91 -46.33 11.15
C ARG A 238 -13.96 -45.30 10.57
N ALA A 239 -14.42 -44.05 10.44
CA ALA A 239 -13.54 -42.99 9.94
C ALA A 239 -12.38 -42.75 10.89
N THR A 240 -12.63 -42.83 12.20
CA THR A 240 -11.56 -42.64 13.18
C THR A 240 -10.48 -43.70 13.03
N CYS A 241 -10.88 -44.97 12.96
CA CYS A 241 -9.87 -46.00 12.81
C CYS A 241 -9.21 -45.97 11.42
N CYS A 242 -9.93 -45.52 10.40
CA CYS A 242 -9.33 -45.38 9.08
C CYS A 242 -8.24 -44.32 9.08
N VAL A 243 -8.53 -43.14 9.66
CA VAL A 243 -7.52 -42.09 9.69
C VAL A 243 -6.35 -42.51 10.57
N LEU A 244 -6.64 -43.22 11.66
CA LEU A 244 -5.56 -43.77 12.48
C LEU A 244 -4.68 -44.70 11.67
N LEU A 245 -5.29 -45.56 10.85
CA LEU A 245 -4.53 -46.51 10.06
C LEU A 245 -3.65 -45.79 9.04
N ILE A 246 -4.20 -44.81 8.33
CA ILE A 246 -3.41 -44.13 7.31
C ILE A 246 -2.30 -43.29 7.95
N CYS A 247 -2.60 -42.62 9.06
CA CYS A 247 -1.56 -41.85 9.74
C CYS A 247 -0.48 -42.76 10.30
N LEU A 248 -0.83 -43.97 10.71
CA LEU A 248 0.15 -44.89 11.24
C LEU A 248 1.00 -45.50 10.14
N PHE A 249 0.43 -45.77 8.96
CA PHE A 249 1.27 -46.08 7.80
C PHE A 249 2.26 -44.96 7.52
N LEU A 250 1.78 -43.71 7.50
CA LEU A 250 2.69 -42.59 7.24
C LEU A 250 3.80 -42.52 8.28
N GLY A 251 3.44 -42.68 9.56
CA GLY A 251 4.44 -42.62 10.61
C GLY A 251 5.46 -43.75 10.52
N ALA A 252 4.99 -44.97 10.25
CA ALA A 252 5.91 -46.10 10.14
C ALA A 252 6.85 -45.92 8.96
N ASN A 253 6.33 -45.48 7.82
CA ASN A 253 7.20 -45.27 6.66
C ASN A 253 8.22 -44.17 6.94
N ALA A 254 7.79 -43.07 7.56
CA ALA A 254 8.72 -42.00 7.89
C ALA A 254 9.78 -42.46 8.87
N VAL A 255 9.40 -43.25 9.87
CA VAL A 255 10.36 -43.75 10.85
C VAL A 255 11.38 -44.67 10.18
N TRP A 256 10.91 -45.56 9.31
CA TRP A 256 11.83 -46.48 8.65
C TRP A 256 12.79 -45.73 7.73
N TYR A 257 12.28 -44.75 6.98
CA TYR A 257 13.15 -44.01 6.06
C TYR A 257 14.03 -43.00 6.75
N GLY A 258 13.70 -42.60 7.98
CA GLY A 258 14.45 -41.56 8.65
C GLY A 258 15.46 -42.03 9.68
N ALA A 259 15.06 -42.96 10.56
CA ALA A 259 15.91 -43.36 11.67
C ALA A 259 16.39 -44.80 11.55
N VAL A 260 15.48 -45.77 11.43
CA VAL A 260 15.86 -47.19 11.37
C VAL A 260 16.07 -47.52 9.90
N GLY A 261 17.27 -47.19 9.41
CA GLY A 261 17.65 -47.47 8.05
C GLY A 261 19.12 -47.80 7.91
N ASP A 262 19.80 -47.94 9.05
CA ASP A 262 21.23 -48.22 9.07
C ASP A 262 21.59 -49.52 9.77
N SER A 263 20.75 -50.00 10.69
CA SER A 263 21.06 -51.25 11.39
C SER A 263 21.14 -52.42 10.42
N ALA A 264 20.20 -52.50 9.47
CA ALA A 264 20.25 -53.55 8.46
C ALA A 264 21.36 -53.27 7.45
N TYR A 265 21.32 -52.10 6.82
CA TYR A 265 22.34 -51.68 5.85
C TYR A 265 22.72 -50.24 6.18
N SER A 266 23.97 -50.04 6.62
CA SER A 266 24.44 -48.72 7.02
C SER A 266 25.02 -47.98 5.82
N THR A 267 25.65 -46.85 6.10
CA THR A 267 26.31 -46.01 5.09
C THR A 267 25.34 -45.59 3.99
N GLY A 268 24.17 -45.11 4.42
CA GLY A 268 23.18 -44.58 3.50
C GLY A 268 22.57 -45.62 2.58
N HIS A 269 21.78 -46.54 3.14
CA HIS A 269 21.11 -47.54 2.34
C HIS A 269 20.05 -46.94 1.42
N VAL A 270 19.46 -45.80 1.80
CA VAL A 270 18.40 -45.18 1.03
C VAL A 270 19.07 -44.38 -0.08
N SER A 271 19.27 -45.03 -1.23
CA SER A 271 19.91 -44.39 -2.37
C SER A 271 19.25 -44.74 -3.70
N ARG A 272 18.09 -45.37 -3.68
CA ARG A 272 17.37 -45.73 -4.90
C ARG A 272 15.91 -45.32 -4.75
N LEU A 273 15.39 -44.63 -5.75
CA LEU A 273 14.04 -44.08 -5.70
C LEU A 273 13.13 -44.72 -6.75
N SER A 274 13.72 -45.16 -7.86
CA SER A 274 12.91 -45.74 -8.93
C SER A 274 12.37 -47.11 -8.50
N PRO A 275 11.14 -47.44 -8.93
CA PRO A 275 10.57 -48.74 -8.56
C PRO A 275 11.27 -49.90 -9.25
N LEU A 276 12.02 -50.69 -8.47
CA LEU A 276 12.70 -51.88 -8.98
C LEU A 276 12.02 -53.16 -8.51
N SER A 277 10.75 -53.08 -8.10
CA SER A 277 9.91 -54.18 -7.64
C SER A 277 10.38 -54.78 -6.32
N VAL A 278 11.45 -54.26 -5.72
CA VAL A 278 11.94 -54.77 -4.45
C VAL A 278 12.03 -53.63 -3.45
N ASP A 279 12.13 -52.40 -3.95
CA ASP A 279 12.23 -51.23 -3.12
C ASP A 279 10.95 -50.40 -3.21
N THR A 280 10.70 -49.62 -2.16
CA THR A 280 9.52 -48.75 -2.05
C THR A 280 8.23 -49.56 -2.07
N VAL A 281 8.34 -50.88 -2.11
CA VAL A 281 7.21 -51.79 -2.01
C VAL A 281 7.38 -52.76 -0.85
N ALA A 282 8.56 -53.35 -0.71
CA ALA A 282 8.84 -54.25 0.40
C ALA A 282 8.82 -53.54 1.75
N VAL A 283 8.84 -52.22 1.76
CA VAL A 283 8.76 -51.46 3.01
C VAL A 283 7.32 -51.24 3.42
N GLY A 284 6.41 -51.10 2.45
CA GLY A 284 5.01 -50.88 2.78
C GLY A 284 4.36 -52.08 3.47
N LEU A 285 4.61 -53.28 2.94
CA LEU A 285 3.96 -54.47 3.51
C LEU A 285 4.44 -54.74 4.93
N VAL A 286 5.76 -54.64 5.18
CA VAL A 286 6.24 -54.91 6.53
C VAL A 286 5.70 -53.88 7.51
N SER A 287 5.64 -52.62 7.09
CA SER A 287 5.08 -51.56 7.95
C SER A 287 3.61 -51.84 8.26
N SER A 288 2.94 -52.03 7.13
CA SER A 288 1.54 -52.34 7.00
C SER A 288 1.20 -53.35 8.04
N VAL A 289 1.72 -54.55 7.84
CA VAL A 289 1.52 -55.64 8.76
C VAL A 289 1.93 -55.24 10.15
N VAL A 290 3.12 -54.67 10.29
CA VAL A 290 3.67 -54.26 11.58
C VAL A 290 2.90 -53.34 12.54
N VAL A 291 1.76 -52.87 12.08
CA VAL A 291 0.89 -52.00 12.85
C VAL A 291 -0.58 -52.43 12.72
N TYR A 292 -0.81 -53.36 11.80
CA TYR A 292 -2.13 -53.92 11.53
C TYR A 292 -2.78 -54.38 12.82
N PRO A 293 -2.05 -55.17 13.61
CA PRO A 293 -2.45 -55.70 14.91
C PRO A 293 -2.79 -54.59 15.90
N VAL A 294 -2.04 -53.49 15.88
CA VAL A 294 -2.32 -52.40 16.80
C VAL A 294 -3.62 -51.71 16.39
N TYR A 295 -3.88 -51.66 15.08
CA TYR A 295 -5.14 -51.11 14.59
C TYR A 295 -6.25 -52.01 15.08
N LEU A 296 -6.03 -53.33 15.00
CA LEU A 296 -7.01 -54.31 15.45
C LEU A 296 -7.34 -54.07 16.90
N ALA A 297 -6.31 -53.88 17.72
CA ALA A 297 -6.45 -53.65 19.15
C ALA A 297 -7.57 -52.68 19.52
N ILE A 298 -7.85 -51.70 18.68
CA ILE A 298 -8.93 -50.82 19.01
C ILE A 298 -10.19 -51.29 18.33
N LEU A 299 -10.04 -52.02 17.25
CA LEU A 299 -11.25 -52.49 16.61
C LEU A 299 -11.92 -53.47 17.55
N PHE A 300 -11.24 -53.88 18.64
CA PHE A 300 -11.81 -54.89 19.53
C PHE A 300 -12.22 -56.14 18.76
N SER A 514 -17.05 -48.10 24.78
CA SER A 514 -15.71 -47.95 24.21
C SER A 514 -15.43 -46.49 23.86
N LEU A 515 -14.95 -45.74 24.84
CA LEU A 515 -14.64 -44.32 24.67
C LEU A 515 -13.14 -44.07 24.50
N ALA A 516 -12.40 -45.06 24.04
CA ALA A 516 -10.98 -44.89 23.77
C ALA A 516 -10.73 -43.99 22.56
N HIS A 517 -11.74 -43.79 21.72
CA HIS A 517 -11.58 -42.94 20.54
C HIS A 517 -11.19 -41.52 20.95
N GLY A 518 -11.79 -41.01 22.02
CA GLY A 518 -11.41 -39.71 22.54
C GLY A 518 -9.94 -39.61 22.89
N LEU A 519 -9.31 -40.73 23.26
CA LEU A 519 -7.87 -40.78 23.44
C LEU A 519 -7.14 -41.21 22.18
N SER A 520 -7.82 -41.92 21.28
CA SER A 520 -7.18 -42.37 20.04
C SER A 520 -6.72 -41.17 19.20
N LEU A 521 -7.56 -40.14 19.13
CA LEU A 521 -7.17 -38.93 18.40
C LEU A 521 -5.89 -38.33 18.96
N LEU A 522 -5.59 -38.59 20.24
CA LEU A 522 -4.31 -38.17 20.79
C LEU A 522 -3.16 -38.90 20.11
N LEU A 523 -3.26 -40.24 20.03
CA LEU A 523 -2.17 -41.03 19.48
C LEU A 523 -1.86 -40.62 18.05
N VAL A 524 -2.90 -40.53 17.22
CA VAL A 524 -2.73 -40.06 15.84
C VAL A 524 -1.90 -38.79 15.82
N ALA A 525 -2.20 -37.87 16.73
CA ALA A 525 -1.43 -36.63 16.84
C ALA A 525 0.07 -36.93 16.89
N VAL A 526 0.51 -37.66 17.91
CA VAL A 526 1.95 -37.86 18.06
C VAL A 526 2.49 -38.60 16.85
N ALA A 527 1.65 -39.40 16.19
CA ALA A 527 2.05 -40.04 14.94
C ALA A 527 2.61 -39.00 13.97
N VAL A 528 1.76 -38.04 13.57
CA VAL A 528 2.24 -37.05 12.61
C VAL A 528 3.38 -36.24 13.20
N ALA A 529 3.46 -36.18 14.54
CA ALA A 529 4.57 -35.50 15.18
C ALA A 529 5.90 -36.06 14.70
N VAL A 530 6.03 -37.40 14.72
CA VAL A 530 7.29 -37.96 14.24
C VAL A 530 7.44 -37.70 12.75
N SER A 531 6.33 -37.72 12.00
CA SER A 531 6.40 -37.37 10.59
C SER A 531 6.84 -35.91 10.42
N GLY A 532 6.49 -35.05 11.37
CA GLY A 532 6.98 -33.69 11.34
C GLY A 532 8.37 -33.50 11.88
N TRP A 533 8.97 -34.55 12.42
CA TRP A 533 10.31 -34.46 13.01
C TRP A 533 11.34 -35.27 12.24
N VAL A 534 11.11 -36.58 12.07
CA VAL A 534 12.10 -37.43 11.43
C VAL A 534 12.19 -37.17 9.93
N GLY A 535 11.16 -36.57 9.34
CA GLY A 535 11.16 -36.32 7.91
C GLY A 535 11.81 -35.03 7.47
N ALA A 536 12.25 -34.18 8.40
CA ALA A 536 12.83 -32.89 8.02
C ALA A 536 14.12 -33.06 7.24
N SER A 537 14.97 -34.01 7.64
CA SER A 537 16.23 -34.26 6.96
C SER A 537 16.07 -35.35 5.90
N PHE A 538 15.15 -35.11 4.97
CA PHE A 538 14.90 -36.04 3.88
C PHE A 538 15.47 -35.47 2.58
N PRO A 539 16.38 -36.16 1.92
CA PRO A 539 16.79 -35.75 0.58
C PRO A 539 15.61 -35.88 -0.39
N PRO A 540 15.64 -35.13 -1.50
CA PRO A 540 14.49 -35.15 -2.42
C PRO A 540 14.15 -36.54 -2.94
N GLY A 541 15.17 -37.38 -3.13
CA GLY A 541 14.92 -38.75 -3.58
C GLY A 541 14.27 -39.63 -2.54
N VAL A 542 14.45 -39.30 -1.26
CA VAL A 542 13.85 -40.13 -0.20
C VAL A 542 12.40 -39.73 0.04
N SER A 543 12.07 -38.45 -0.05
CA SER A 543 10.71 -37.98 0.18
C SER A 543 9.77 -38.32 -0.95
N VAL A 544 10.29 -38.70 -2.12
CA VAL A 544 9.45 -39.14 -3.24
C VAL A 544 9.25 -40.65 -3.23
N ALA A 545 10.07 -41.37 -2.48
CA ALA A 545 9.87 -42.80 -2.25
C ALA A 545 9.07 -43.07 -0.99
N TRP A 546 9.13 -42.18 -0.01
CA TRP A 546 8.31 -42.30 1.19
C TRP A 546 6.82 -42.27 0.87
N LEU A 547 6.41 -41.39 -0.05
CA LEU A 547 5.02 -41.34 -0.51
C LEU A 547 4.63 -42.60 -1.26
N LEU A 548 5.50 -43.09 -2.13
CA LEU A 548 5.21 -44.31 -2.88
C LEU A 548 5.06 -45.51 -1.95
N SER A 549 5.92 -45.61 -0.93
CA SER A 549 5.81 -46.71 0.02
C SER A 549 4.51 -46.65 0.79
N SER A 550 4.10 -45.44 1.22
CA SER A 550 2.83 -45.31 1.93
C SER A 550 1.65 -45.69 1.03
N SER A 551 1.68 -45.25 -0.23
CA SER A 551 0.62 -45.62 -1.17
C SER A 551 0.58 -47.13 -1.39
N ALA A 552 1.75 -47.75 -1.51
CA ALA A 552 1.80 -49.20 -1.68
C ALA A 552 1.25 -49.93 -0.46
N SER A 553 1.59 -49.45 0.74
CA SER A 553 1.06 -50.06 1.96
C SER A 553 -0.45 -49.93 2.03
N PHE A 554 -0.98 -48.76 1.69
CA PHE A 554 -2.43 -48.57 1.69
C PHE A 554 -3.09 -49.49 0.66
N LEU A 555 -2.49 -49.62 -0.52
CA LEU A 555 -3.06 -50.49 -1.55
C LEU A 555 -3.03 -51.95 -1.10
N ALA A 556 -1.94 -52.37 -0.44
CA ALA A 556 -1.85 -53.73 0.06
C ALA A 556 -2.91 -54.00 1.12
N SER A 557 -3.12 -53.03 2.02
CA SER A 557 -4.18 -53.19 3.01
C SER A 557 -5.56 -53.22 2.36
N PHE A 558 -5.76 -52.46 1.29
CA PHE A 558 -7.06 -52.41 0.63
C PHE A 558 -7.32 -53.68 -0.19
N LEU A 559 -6.27 -54.33 -0.68
CA LEU A 559 -6.42 -55.52 -1.52
C LEU A 559 -6.07 -56.83 -0.82
N GLY A 560 -5.04 -56.84 0.02
CA GLY A 560 -4.54 -58.11 0.52
C GLY A 560 -4.93 -58.49 1.93
N TRP A 561 -4.85 -57.55 2.86
CA TRP A 561 -5.04 -57.86 4.28
C TRP A 561 -6.49 -57.72 4.74
N GLU A 562 -7.15 -56.63 4.39
CA GLU A 562 -8.56 -56.46 4.78
C GLU A 562 -9.46 -57.54 4.18
N PRO A 563 -9.39 -57.87 2.88
CA PRO A 563 -10.19 -58.98 2.38
C PRO A 563 -9.87 -60.32 3.03
N LEU A 564 -8.65 -60.51 3.50
CA LEU A 564 -8.30 -61.72 4.23
C LEU A 564 -8.82 -61.70 5.66
N LYS A 565 -8.98 -60.51 6.24
CA LYS A 565 -9.51 -60.43 7.60
C LYS A 565 -10.98 -60.81 7.65
N VAL A 566 -11.76 -60.44 6.63
CA VAL A 566 -13.17 -60.76 6.61
C VAL A 566 -13.40 -62.26 6.42
N LEU A 567 -12.38 -63.00 6.03
CA LEU A 567 -12.52 -64.45 5.88
C LEU A 567 -12.86 -65.11 7.21
N LEU A 568 -12.23 -64.66 8.29
CA LEU A 568 -12.47 -65.21 9.62
C LEU A 568 -13.88 -64.85 10.09
N PHE A 613 -43.95 -38.98 -0.57
CA PHE A 613 -43.82 -39.18 0.86
C PHE A 613 -42.46 -38.72 1.36
N LEU A 614 -41.99 -39.33 2.45
CA LEU A 614 -40.71 -38.95 3.06
C LEU A 614 -39.61 -39.99 2.83
N ALA A 615 -39.96 -41.25 2.60
CA ALA A 615 -38.95 -42.27 2.37
C ALA A 615 -38.15 -41.99 1.11
N LYS A 616 -38.82 -41.55 0.04
CA LYS A 616 -38.13 -41.18 -1.18
C LYS A 616 -37.21 -39.99 -0.95
N GLU A 617 -37.66 -39.03 -0.15
CA GLU A 617 -36.82 -37.88 0.18
C GLU A 617 -35.57 -38.31 0.93
N GLU A 618 -35.72 -39.21 1.91
CA GLU A 618 -34.55 -39.70 2.63
C GLU A 618 -33.61 -40.46 1.71
N ALA A 619 -34.17 -41.25 0.79
CA ALA A 619 -33.34 -41.99 -0.15
C ALA A 619 -32.53 -41.06 -1.04
N ARG A 620 -33.17 -40.02 -1.57
CA ARG A 620 -32.42 -39.10 -2.43
C ARG A 620 -31.41 -38.28 -1.62
N LYS A 621 -31.74 -37.98 -0.35
CA LYS A 621 -30.77 -37.33 0.52
C LYS A 621 -29.53 -38.19 0.74
N VAL A 622 -29.72 -39.48 1.02
CA VAL A 622 -28.56 -40.33 1.29
C VAL A 622 -27.77 -40.57 0.02
N LYS A 623 -28.44 -40.68 -1.12
CA LYS A 623 -27.72 -40.78 -2.40
C LYS A 623 -26.89 -39.52 -2.66
N ARG A 624 -27.48 -38.35 -2.39
CA ARG A 624 -26.75 -37.11 -2.56
C ARG A 624 -25.54 -37.04 -1.63
N LEU A 625 -25.70 -37.50 -0.39
CA LEU A 625 -24.60 -37.46 0.56
C LEU A 625 -23.49 -38.41 0.16
N HIS A 626 -23.84 -39.60 -0.37
CA HIS A 626 -22.82 -40.50 -0.87
C HIS A 626 -22.06 -39.90 -2.06
N GLY A 627 -22.79 -39.27 -2.98
CA GLY A 627 -22.13 -38.58 -4.07
C GLY A 627 -21.22 -37.46 -3.57
N MET A 628 -21.65 -36.76 -2.51
CA MET A 628 -20.82 -35.71 -1.93
C MET A 628 -19.55 -36.30 -1.32
N LEU A 629 -19.64 -37.46 -0.69
CA LEU A 629 -18.45 -38.12 -0.18
C LEU A 629 -17.48 -38.47 -1.31
N ARG A 630 -18.01 -39.02 -2.41
CA ARG A 630 -17.16 -39.35 -3.54
C ARG A 630 -16.48 -38.12 -4.11
N SER A 631 -17.25 -37.04 -4.29
CA SER A 631 -16.69 -35.81 -4.81
C SER A 631 -15.66 -35.22 -3.86
N LEU A 632 -15.90 -35.31 -2.55
CA LEU A 632 -14.96 -34.80 -1.57
C LEU A 632 -13.63 -35.53 -1.66
N LEU A 633 -13.67 -36.86 -1.75
CA LEU A 633 -12.43 -37.62 -1.86
C LEU A 633 -11.68 -37.28 -3.14
N VAL A 634 -12.40 -37.19 -4.26
CA VAL A 634 -11.73 -36.87 -5.52
C VAL A 634 -11.09 -35.49 -5.46
N TYR A 635 -11.82 -34.51 -4.90
CA TYR A 635 -11.29 -33.15 -4.83
C TYR A 635 -10.11 -33.06 -3.88
N MET A 636 -10.16 -33.81 -2.77
CA MET A 636 -9.03 -33.81 -1.85
C MET A 636 -7.79 -34.40 -2.49
N LEU A 637 -7.93 -35.49 -3.25
CA LEU A 637 -6.79 -36.05 -3.95
C LEU A 637 -6.24 -35.07 -4.98
N PHE A 638 -7.13 -34.41 -5.73
CA PHE A 638 -6.67 -33.42 -6.72
C PHE A 638 -5.96 -32.26 -6.04
N LEU A 639 -6.48 -31.80 -4.92
CA LEU A 639 -5.85 -30.70 -4.18
C LEU A 639 -4.48 -31.09 -3.66
N LEU A 640 -4.35 -32.33 -3.15
CA LEU A 640 -3.05 -32.78 -2.67
C LEU A 640 -2.04 -32.85 -3.81
N VAL A 641 -2.45 -33.36 -4.97
CA VAL A 641 -1.54 -33.43 -6.10
C VAL A 641 -1.12 -32.03 -6.54
N THR A 642 -2.07 -31.10 -6.60
CA THR A 642 -1.74 -29.73 -7.01
C THR A 642 -0.81 -29.06 -5.99
N LEU A 643 -1.05 -29.29 -4.69
CA LEU A 643 -0.21 -28.71 -3.66
C LEU A 643 1.21 -29.26 -3.75
N LEU A 644 1.35 -30.56 -3.99
CA LEU A 644 2.68 -31.13 -4.17
C LEU A 644 3.36 -30.56 -5.42
N ALA A 645 2.58 -30.31 -6.48
CA ALA A 645 3.15 -29.74 -7.69
C ALA A 645 3.60 -28.30 -7.48
N SER A 646 2.93 -27.55 -6.60
CA SER A 646 3.22 -26.13 -6.45
C SER A 646 4.30 -25.85 -5.40
N TYR A 647 4.10 -26.34 -4.18
CA TYR A 647 4.90 -25.93 -3.03
C TYR A 647 5.85 -27.02 -2.55
N GLY A 648 6.48 -27.73 -3.48
CA GLY A 648 7.47 -28.72 -3.09
C GLY A 648 8.82 -28.15 -2.70
N ASP A 649 9.16 -26.97 -3.22
CA ASP A 649 10.50 -26.40 -3.07
C ASP A 649 10.44 -24.91 -2.72
N ALA A 650 9.64 -24.56 -1.71
CA ALA A 650 9.51 -23.15 -1.32
C ALA A 650 10.86 -22.56 -0.88
N SER A 651 11.70 -23.38 -0.24
CA SER A 651 13.03 -22.91 0.14
C SER A 651 13.81 -22.46 -1.10
N CYS A 652 13.73 -23.23 -2.19
CA CYS A 652 14.32 -22.82 -3.44
C CYS A 652 13.72 -21.51 -3.95
N HIS A 653 12.43 -21.28 -3.68
CA HIS A 653 11.79 -20.04 -4.10
C HIS A 653 12.43 -18.84 -3.39
N GLY A 654 12.56 -18.91 -2.07
CA GLY A 654 13.19 -17.82 -1.34
C GLY A 654 14.64 -17.62 -1.73
N HIS A 655 15.38 -18.73 -1.86
CA HIS A 655 16.78 -18.63 -2.26
C HIS A 655 16.91 -18.05 -3.67
N ALA A 656 15.98 -18.37 -4.55
CA ALA A 656 16.02 -17.83 -5.91
C ALA A 656 15.80 -16.32 -5.91
N TYR A 657 14.83 -15.85 -5.13
CA TYR A 657 14.63 -14.40 -5.04
C TYR A 657 15.90 -13.72 -4.52
N ARG A 658 16.48 -14.26 -3.45
CA ARG A 658 17.67 -13.64 -2.88
C ARG A 658 18.84 -13.68 -3.86
N LEU A 659 18.97 -14.79 -4.61
CA LEU A 659 20.06 -14.92 -5.57
C LEU A 659 19.91 -13.90 -6.71
N GLN A 660 18.70 -13.72 -7.22
CA GLN A 660 18.52 -12.75 -8.29
C GLN A 660 18.79 -11.34 -7.79
N SER A 661 18.36 -11.02 -6.56
CA SER A 661 18.66 -9.70 -6.01
C SER A 661 20.17 -9.49 -5.87
N ALA A 662 20.88 -10.51 -5.39
CA ALA A 662 22.33 -10.40 -5.22
C ALA A 662 23.03 -10.23 -6.56
N ILE A 663 22.59 -10.98 -7.58
CA ILE A 663 23.20 -10.86 -8.91
C ILE A 663 22.97 -9.47 -9.47
N LYS A 664 21.75 -8.94 -9.31
CA LYS A 664 21.47 -7.59 -9.79
C LYS A 664 22.31 -6.55 -9.08
N GLN A 665 22.48 -6.69 -7.76
CA GLN A 665 23.27 -5.73 -7.00
C GLN A 665 24.77 -5.88 -7.22
N GLU A 666 25.23 -7.03 -7.69
CA GLU A 666 26.65 -7.28 -7.90
C GLU A 666 27.14 -6.88 -9.28
N LEU A 667 26.23 -6.48 -10.18
CA LEU A 667 26.61 -6.03 -11.52
C LEU A 667 26.35 -4.54 -11.72
N HIS A 668 26.04 -3.81 -10.65
CA HIS A 668 25.67 -2.39 -10.74
C HIS A 668 24.54 -2.19 -11.75
N SER A 669 23.39 -2.76 -11.40
CA SER A 669 22.24 -2.73 -12.30
C SER A 669 21.79 -1.31 -12.60
N ARG A 670 21.83 -0.42 -11.60
CA ARG A 670 21.42 0.95 -11.83
C ARG A 670 22.49 1.77 -12.53
N ALA A 671 23.68 1.22 -12.72
CA ALA A 671 24.61 1.79 -13.70
C ALA A 671 24.15 1.48 -15.12
N PHE A 672 23.76 0.22 -15.37
CA PHE A 672 23.34 -0.18 -16.72
C PHE A 672 22.02 0.45 -17.10
N LEU A 673 21.11 0.61 -16.12
CA LEU A 673 19.80 1.19 -16.42
C LEU A 673 19.93 2.63 -16.88
N ALA A 674 20.81 3.40 -16.24
CA ALA A 674 21.03 4.79 -16.61
C ALA A 674 22.25 4.92 -17.52
N ILE A 675 22.05 4.55 -18.78
CA ILE A 675 23.07 4.68 -19.82
C ILE A 675 22.50 5.52 -20.95
N THR A 676 23.31 6.42 -21.48
CA THR A 676 22.90 7.24 -22.61
C THR A 676 24.02 7.39 -23.64
N ARG A 677 25.18 6.78 -23.41
CA ARG A 677 26.31 6.87 -24.32
C ARG A 677 26.63 5.45 -24.80
N SER A 678 26.57 5.23 -26.10
CA SER A 678 26.93 3.92 -26.65
C SER A 678 28.42 3.65 -26.59
N GLU A 679 29.24 4.66 -26.27
CA GLU A 679 30.68 4.49 -26.21
C GLU A 679 31.20 4.16 -24.81
N GLU A 680 30.42 4.47 -23.77
CA GLU A 680 30.81 4.10 -22.42
C GLU A 680 30.43 2.66 -22.08
N LEU A 681 29.68 2.00 -22.95
CA LEU A 681 29.35 0.59 -22.72
C LEU A 681 30.60 -0.28 -22.72
N TRP A 682 31.55 0.01 -23.60
CA TRP A 682 32.79 -0.77 -23.63
C TRP A 682 33.60 -0.63 -22.35
N PRO A 683 33.89 0.58 -21.83
CA PRO A 683 34.54 0.65 -20.51
C PRO A 683 33.69 0.12 -19.38
N TRP A 684 32.36 0.20 -19.47
CA TRP A 684 31.51 -0.43 -18.45
C TRP A 684 31.74 -1.94 -18.43
N MET A 685 31.77 -2.55 -19.61
CA MET A 685 32.01 -4.00 -19.68
C MET A 685 33.43 -4.34 -19.22
N ALA A 686 34.40 -3.51 -19.58
CA ALA A 686 35.77 -3.76 -19.18
C ALA A 686 36.04 -3.41 -17.72
N HIS A 687 35.10 -2.77 -17.03
CA HIS A 687 35.31 -2.31 -15.66
C HIS A 687 34.64 -3.19 -14.62
N VAL A 688 33.39 -3.59 -14.83
CA VAL A 688 32.65 -4.34 -13.82
C VAL A 688 32.29 -5.73 -14.32
N LEU A 689 32.08 -5.87 -15.63
CA LEU A 689 31.69 -7.16 -16.17
C LEU A 689 32.87 -8.13 -16.21
N LEU A 690 34.04 -7.65 -16.64
CA LEU A 690 35.21 -8.52 -16.70
C LEU A 690 35.66 -9.02 -15.34
N PRO A 691 35.78 -8.18 -14.29
CA PRO A 691 36.08 -8.74 -12.96
C PRO A 691 35.03 -9.69 -12.45
N TYR A 692 33.75 -9.47 -12.79
CA TYR A 692 32.71 -10.39 -12.36
C TYR A 692 32.86 -11.75 -13.03
N VAL A 693 33.09 -11.76 -14.34
CA VAL A 693 33.19 -13.03 -15.06
C VAL A 693 34.47 -13.77 -14.70
N HIS A 694 35.60 -13.05 -14.63
CA HIS A 694 36.91 -13.68 -14.53
C HIS A 694 37.48 -13.68 -13.12
N GLY A 695 36.97 -12.85 -12.22
CA GLY A 695 37.53 -12.75 -10.89
C GLY A 695 37.15 -13.90 -9.99
N ASN A 696 37.72 -13.89 -8.79
CA ASN A 696 37.46 -14.94 -7.81
C ASN A 696 36.08 -14.83 -7.19
N GLN A 697 35.36 -13.73 -7.43
CA GLN A 697 34.01 -13.57 -6.88
C GLN A 697 33.08 -14.67 -7.40
N SER A 698 32.86 -14.69 -8.72
CA SER A 698 31.99 -15.69 -9.33
C SER A 698 32.82 -16.93 -9.66
N SER A 699 33.22 -17.64 -8.59
CA SER A 699 33.93 -18.89 -8.78
C SER A 699 33.11 -19.91 -9.57
N PRO A 700 31.82 -20.14 -9.29
CA PRO A 700 31.03 -20.98 -10.19
C PRO A 700 30.46 -20.19 -11.36
N GLU A 701 30.79 -20.60 -12.58
CA GLU A 701 30.33 -19.91 -13.78
C GLU A 701 29.57 -20.79 -14.74
N LEU A 702 29.97 -22.05 -14.92
CA LEU A 702 29.27 -23.01 -15.77
C LEU A 702 29.18 -22.49 -17.20
N GLY A 703 30.34 -22.38 -17.85
CA GLY A 703 30.41 -22.02 -19.24
C GLY A 703 30.97 -20.62 -19.47
N PRO A 704 31.76 -20.47 -20.52
CA PRO A 704 32.31 -19.16 -20.86
C PRO A 704 31.23 -18.20 -21.33
N PRO A 705 31.44 -16.89 -21.19
CA PRO A 705 30.42 -15.92 -21.60
C PRO A 705 30.28 -15.81 -23.12
N ARG A 706 29.31 -15.01 -23.56
CA ARG A 706 29.07 -14.81 -24.99
C ARG A 706 28.49 -13.42 -25.19
N LEU A 707 28.51 -12.94 -26.43
CA LEU A 707 28.04 -11.58 -26.80
C LEU A 707 27.50 -11.42 -28.22
N ARG A 708 26.39 -10.71 -28.43
CA ARG A 708 25.76 -10.55 -29.76
C ARG A 708 24.67 -9.45 -29.88
N GLN A 709 24.48 -8.86 -31.07
CA GLN A 709 23.46 -7.80 -31.33
C GLN A 709 22.81 -7.70 -32.72
N VAL A 710 21.92 -6.73 -32.88
CA VAL A 710 21.23 -6.58 -34.15
C VAL A 710 21.01 -5.14 -34.63
N ARG A 711 21.66 -4.80 -35.73
CA ARG A 711 21.54 -3.49 -36.37
C ARG A 711 21.09 -3.79 -37.78
N LEU A 712 21.41 -4.99 -38.24
CA LEU A 712 21.10 -5.39 -39.59
C LEU A 712 22.24 -4.89 -40.48
N GLN A 713 21.97 -4.69 -41.75
CA GLN A 713 23.02 -4.21 -42.64
C GLN A 713 22.90 -2.73 -42.94
N GLU A 714 23.17 -1.87 -41.96
CA GLU A 714 23.09 -0.44 -42.22
C GLU A 714 23.70 0.31 -41.04
N ALA A 715 24.78 1.05 -41.29
CA ALA A 715 25.45 1.78 -40.23
C ALA A 715 24.55 2.89 -39.69
N LEU A 716 24.72 3.18 -38.41
CA LEU A 716 23.93 4.22 -37.75
C LEU A 716 24.46 5.59 -38.15
N TYR A 717 23.83 6.64 -37.60
CA TYR A 717 24.22 8.01 -37.89
C TYR A 717 24.36 8.79 -36.59
N PRO A 718 25.11 9.89 -36.59
CA PRO A 718 25.28 10.67 -35.35
C PRO A 718 23.99 11.39 -34.98
N ASP A 719 23.38 10.97 -33.88
CA ASP A 719 22.16 11.59 -33.40
C ASP A 719 22.45 12.97 -32.82
N PRO A 720 21.44 13.82 -32.71
CA PRO A 720 21.65 15.14 -32.12
C PRO A 720 22.13 15.02 -30.68
N PRO A 721 23.04 15.90 -30.24
CA PRO A 721 23.51 15.83 -28.86
C PRO A 721 22.37 16.05 -27.88
N GLY A 722 22.39 15.30 -26.79
CA GLY A 722 21.33 15.35 -25.82
C GLY A 722 20.21 14.40 -26.16
N PRO A 723 19.18 14.90 -26.84
CA PRO A 723 18.05 14.04 -27.20
C PRO A 723 18.39 12.99 -28.24
N ARG A 724 17.40 12.20 -28.64
CA ARG A 724 17.60 11.14 -29.62
C ARG A 724 16.29 10.93 -30.40
N VAL A 725 16.20 9.80 -31.09
CA VAL A 725 15.00 9.44 -31.84
C VAL A 725 13.90 9.10 -30.85
N HIS A 726 12.67 8.98 -31.34
CA HIS A 726 11.52 8.75 -30.46
C HIS A 726 11.69 7.48 -29.65
N THR A 727 11.63 6.31 -30.29
CA THR A 727 11.97 5.06 -29.63
C THR A 727 13.14 4.34 -30.29
N CYS A 728 13.01 3.98 -31.57
CA CYS A 728 14.06 3.23 -32.26
C CYS A 728 14.19 3.65 -33.71
N SER A 729 13.93 4.91 -34.04
CA SER A 729 13.87 5.34 -35.42
C SER A 729 15.24 5.19 -36.11
N ALA A 730 15.20 5.23 -37.44
CA ALA A 730 16.40 5.07 -38.28
C ALA A 730 17.06 3.72 -38.04
N ALA A 731 16.28 2.66 -38.23
CA ALA A 731 16.77 1.29 -38.03
C ALA A 731 17.58 0.73 -39.20
N GLY A 732 17.41 -0.56 -39.46
CA GLY A 732 18.13 -1.21 -40.55
C GLY A 732 17.39 -2.33 -41.25
N GLY A 733 17.09 -3.37 -40.49
CA GLY A 733 16.44 -4.58 -40.98
C GLY A 733 17.28 -5.68 -40.32
N PHE A 734 17.59 -6.75 -41.04
CA PHE A 734 18.41 -7.81 -40.47
C PHE A 734 18.93 -8.60 -41.64
N SER A 735 20.18 -8.36 -42.04
CA SER A 735 20.80 -9.05 -43.17
C SER A 735 21.80 -10.12 -42.70
N THR A 736 21.64 -11.34 -43.20
CA THR A 736 22.51 -12.45 -42.82
C THR A 736 23.54 -12.83 -43.88
N SER A 737 24.81 -12.88 -43.47
CA SER A 737 25.90 -13.21 -44.38
C SER A 737 27.20 -13.32 -43.60
N ASP A 738 28.15 -14.06 -44.17
CA ASP A 738 29.45 -14.23 -43.55
C ASP A 738 30.26 -12.95 -43.63
N TYR A 739 31.37 -12.92 -42.90
CA TYR A 739 32.23 -11.75 -42.84
C TYR A 739 33.63 -12.19 -42.45
N ASP A 740 34.56 -11.22 -42.46
CA ASP A 740 35.94 -11.49 -42.09
C ASP A 740 36.39 -10.53 -41.00
N VAL A 741 37.69 -10.54 -40.67
CA VAL A 741 38.21 -9.66 -39.64
C VAL A 741 38.13 -8.22 -40.11
N GLY A 742 37.69 -7.33 -39.21
CA GLY A 742 37.58 -5.93 -39.53
C GLY A 742 36.20 -5.53 -40.01
N TRP A 743 35.75 -6.16 -41.10
CA TRP A 743 34.45 -5.85 -41.67
C TRP A 743 34.01 -7.02 -42.55
N GLU A 744 32.87 -6.86 -43.21
CA GLU A 744 32.33 -7.88 -44.10
C GLU A 744 33.06 -7.80 -45.43
N SER A 745 34.20 -8.48 -45.51
CA SER A 745 35.00 -8.50 -46.73
C SER A 745 35.82 -9.78 -46.74
N PRO A 746 35.30 -10.85 -47.35
CA PRO A 746 36.04 -12.12 -47.36
C PRO A 746 37.36 -11.99 -48.11
N HIS A 747 38.38 -12.70 -47.61
CA HIS A 747 39.70 -12.73 -48.23
C HIS A 747 39.85 -13.92 -49.17
N ASN A 748 39.66 -15.13 -48.65
CA ASN A 748 39.73 -16.34 -49.45
C ASN A 748 38.45 -17.17 -49.43
N GLY A 749 37.58 -16.99 -48.43
CA GLY A 749 36.36 -17.75 -48.33
C GLY A 749 35.51 -17.33 -47.14
N SER A 750 34.93 -18.30 -46.45
CA SER A 750 34.11 -18.01 -45.28
C SER A 750 35.01 -17.69 -44.09
N GLY A 751 34.93 -16.44 -43.61
CA GLY A 751 35.75 -16.03 -42.48
C GLY A 751 35.22 -16.53 -41.15
N THR A 752 36.02 -16.27 -40.11
CA THR A 752 35.63 -16.68 -38.77
C THR A 752 34.42 -15.89 -38.26
N TRP A 753 34.28 -14.63 -38.67
CA TRP A 753 33.16 -13.80 -38.25
C TRP A 753 31.94 -14.18 -39.07
N ALA A 754 31.30 -15.28 -38.64
CA ALA A 754 30.13 -15.80 -39.34
C ALA A 754 28.88 -15.07 -38.85
N TYR A 755 27.71 -15.55 -39.27
CA TYR A 755 26.44 -14.93 -38.90
C TYR A 755 25.85 -15.52 -37.63
N SER A 756 26.17 -16.77 -37.29
CA SER A 756 25.66 -17.44 -36.10
C SER A 756 24.12 -17.48 -36.13
N ALA A 757 23.62 -18.22 -37.11
CA ALA A 757 22.19 -18.33 -37.36
C ALA A 757 21.44 -18.94 -36.17
N PRO A 758 20.11 -18.90 -36.18
CA PRO A 758 19.36 -19.42 -35.04
C PRO A 758 19.52 -20.93 -34.88
N ASP A 759 19.38 -21.39 -33.64
CA ASP A 759 19.50 -22.80 -33.31
C ASP A 759 18.13 -23.48 -33.41
N LEU A 760 18.06 -24.72 -32.94
CA LEU A 760 16.80 -25.47 -33.02
C LEU A 760 15.76 -24.99 -32.02
N LEU A 761 16.17 -24.67 -30.80
CA LEU A 761 15.25 -24.24 -29.75
C LEU A 761 15.79 -22.99 -29.08
N GLY A 762 14.87 -22.12 -28.68
CA GLY A 762 15.24 -20.88 -28.03
C GLY A 762 14.80 -19.65 -28.79
N ALA A 763 13.89 -19.83 -29.75
CA ALA A 763 13.45 -18.74 -30.61
C ALA A 763 12.47 -17.82 -29.87
N TRP A 764 12.99 -17.04 -28.93
CA TRP A 764 12.18 -16.07 -28.19
C TRP A 764 13.11 -15.09 -27.49
N SER A 765 12.90 -13.80 -27.76
CA SER A 765 13.70 -12.77 -27.11
C SER A 765 12.82 -11.63 -26.62
N TRP A 766 11.58 -11.57 -27.13
CA TRP A 766 10.60 -10.57 -26.74
C TRP A 766 11.15 -9.15 -26.82
N GLY A 767 11.80 -8.82 -27.93
CA GLY A 767 12.41 -7.51 -28.07
C GLY A 767 11.36 -6.42 -28.24
N SER A 768 11.69 -5.23 -27.72
CA SER A 768 10.78 -4.10 -27.81
C SER A 768 10.61 -3.65 -29.26
N CYS A 769 11.71 -3.60 -30.02
CA CYS A 769 11.67 -3.25 -31.43
C CYS A 769 11.73 -4.48 -32.34
N ALA A 770 12.76 -5.30 -32.16
CA ALA A 770 12.91 -6.52 -32.94
C ALA A 770 13.56 -7.58 -32.06
N VAL A 771 13.36 -8.84 -32.41
CA VAL A 771 13.86 -9.96 -31.63
C VAL A 771 14.31 -11.06 -32.58
N TYR A 772 15.44 -11.67 -32.26
CA TYR A 772 15.95 -12.82 -32.98
C TYR A 772 16.19 -13.97 -32.00
N ASP A 773 16.65 -15.11 -32.52
CA ASP A 773 16.95 -16.25 -31.68
C ASP A 773 18.43 -16.28 -31.28
N SER A 774 19.32 -16.38 -32.27
CA SER A 774 20.74 -16.36 -32.01
C SER A 774 21.55 -15.56 -33.02
N GLY A 775 20.91 -14.89 -33.97
CA GLY A 775 21.63 -14.17 -35.00
C GLY A 775 22.44 -13.03 -34.43
N GLY A 776 23.73 -13.01 -34.72
CA GLY A 776 24.59 -11.94 -34.24
C GLY A 776 26.04 -12.35 -34.32
N TYR A 777 26.91 -11.38 -34.04
CA TYR A 777 28.35 -11.60 -34.04
C TYR A 777 28.73 -12.27 -32.73
N VAL A 778 28.68 -13.61 -32.73
CA VAL A 778 28.96 -14.38 -31.53
C VAL A 778 30.42 -14.22 -31.13
N GLN A 779 30.65 -13.99 -29.85
CA GLN A 779 31.99 -13.86 -29.29
C GLN A 779 32.30 -15.02 -28.36
N GLU A 780 33.54 -15.09 -27.90
CA GLU A 780 33.99 -16.15 -27.01
C GLU A 780 34.36 -15.64 -25.63
N LEU A 781 35.22 -14.62 -25.55
CA LEU A 781 35.65 -14.01 -24.29
C LEU A 781 36.31 -15.04 -23.37
N GLY A 782 36.98 -16.03 -23.94
CA GLY A 782 37.69 -17.03 -23.17
C GLY A 782 39.05 -16.53 -22.71
N LEU A 783 39.79 -17.44 -22.09
CA LEU A 783 41.13 -17.14 -21.57
C LEU A 783 41.08 -15.95 -20.61
N SER A 784 40.41 -16.20 -19.48
CA SER A 784 40.06 -15.15 -18.53
C SER A 784 41.25 -14.32 -18.08
N LEU A 785 42.48 -14.83 -18.24
CA LEU A 785 43.66 -14.17 -17.71
C LEU A 785 43.87 -12.79 -18.32
N GLU A 786 44.12 -12.72 -19.63
CA GLU A 786 44.40 -11.44 -20.27
C GLU A 786 43.70 -11.29 -21.62
N GLU A 787 43.33 -12.41 -22.24
CA GLU A 787 42.82 -12.37 -23.61
C GLU A 787 41.48 -11.66 -23.72
N SER A 788 40.74 -11.51 -22.62
CA SER A 788 39.46 -10.81 -22.69
C SER A 788 39.65 -9.34 -23.06
N ARG A 789 40.59 -8.67 -22.40
CA ARG A 789 40.86 -7.27 -22.71
C ARG A 789 41.41 -7.12 -24.12
N ASP A 790 42.27 -8.04 -24.55
CA ASP A 790 42.80 -7.99 -25.90
C ASP A 790 41.70 -8.15 -26.93
N ARG A 791 40.77 -9.09 -26.69
CA ARG A 791 39.65 -9.28 -27.62
C ARG A 791 38.75 -8.05 -27.65
N LEU A 792 38.50 -7.45 -26.48
CA LEU A 792 37.70 -6.22 -26.46
C LEU A 792 38.37 -5.10 -27.22
N ARG A 793 39.68 -4.93 -27.06
CA ARG A 793 40.40 -3.90 -27.79
C ARG A 793 40.38 -4.17 -29.29
N PHE A 794 40.54 -5.43 -29.68
CA PHE A 794 40.49 -5.78 -31.10
C PHE A 794 39.12 -5.49 -31.69
N LEU A 795 38.06 -5.80 -30.95
CA LEU A 795 36.70 -5.50 -31.42
C LEU A 795 36.49 -3.99 -31.53
N GLN A 796 37.00 -3.23 -30.57
CA GLN A 796 36.85 -1.78 -30.62
C GLN A 796 37.62 -1.18 -31.80
N LEU A 797 38.81 -1.71 -32.08
CA LEU A 797 39.64 -1.15 -33.14
C LEU A 797 39.13 -1.55 -34.53
N HIS A 798 39.02 -2.85 -34.78
CA HIS A 798 38.57 -3.32 -36.08
C HIS A 798 37.13 -2.92 -36.37
N ASN A 799 36.33 -2.70 -35.31
CA ASN A 799 34.93 -2.30 -35.44
C ASN A 799 34.15 -3.30 -36.29
N TRP A 800 34.42 -4.60 -36.09
CA TRP A 800 33.69 -5.62 -36.82
C TRP A 800 32.20 -5.62 -36.45
N LEU A 801 31.89 -5.44 -35.17
CA LEU A 801 30.51 -5.39 -34.70
C LEU A 801 30.15 -4.06 -34.06
N ASP A 802 31.11 -3.16 -33.87
CA ASP A 802 30.80 -1.85 -33.30
C ASP A 802 29.93 -1.03 -34.23
N ASN A 803 30.26 -1.01 -35.52
CA ASN A 803 29.48 -0.30 -36.49
C ASN A 803 28.20 -1.07 -36.84
N ARG A 804 27.15 -0.32 -37.17
CA ARG A 804 25.84 -0.90 -37.51
C ARG A 804 25.32 -1.77 -36.37
N SER A 805 25.06 -1.13 -35.24
CA SER A 805 24.55 -1.80 -34.04
C SER A 805 23.28 -1.12 -33.57
N ARG A 806 22.33 -1.93 -33.08
CA ARG A 806 21.08 -1.41 -32.57
C ARG A 806 20.64 -2.10 -31.27
N ALA A 807 21.47 -2.96 -30.70
CA ALA A 807 21.14 -3.66 -29.46
C ALA A 807 22.43 -4.17 -28.85
N VAL A 808 22.31 -4.85 -27.71
CA VAL A 808 23.47 -5.42 -27.03
C VAL A 808 23.30 -6.93 -26.89
N PHE A 809 22.27 -7.34 -26.14
CA PHE A 809 21.92 -8.75 -25.97
C PHE A 809 23.12 -9.56 -25.45
N LEU A 810 23.54 -9.24 -24.23
CA LEU A 810 24.64 -9.93 -23.57
C LEU A 810 24.08 -10.80 -22.45
N GLU A 811 24.54 -12.05 -22.39
CA GLU A 811 24.05 -13.01 -21.40
C GLU A 811 25.03 -14.18 -21.33
N LEU A 812 25.50 -14.50 -20.13
CA LEU A 812 26.46 -15.60 -19.99
C LEU A 812 25.94 -16.77 -19.17
N THR A 813 25.76 -16.61 -17.85
CA THR A 813 25.43 -17.74 -16.97
C THR A 813 25.35 -17.32 -15.51
N ARG A 814 24.97 -18.26 -14.64
CA ARG A 814 25.14 -18.14 -13.20
C ARG A 814 24.78 -19.48 -12.56
N TYR A 815 25.46 -19.82 -11.47
CA TYR A 815 25.15 -21.03 -10.72
C TYR A 815 25.53 -20.83 -9.26
N SER A 816 24.67 -21.31 -8.36
CA SER A 816 24.92 -21.23 -6.93
C SER A 816 25.07 -22.63 -6.36
N PRO A 817 26.30 -23.09 -6.10
CA PRO A 817 26.47 -24.47 -5.59
C PRO A 817 25.80 -24.72 -4.26
N ALA A 818 25.68 -23.71 -3.40
CA ALA A 818 25.10 -23.92 -2.07
C ALA A 818 23.59 -24.07 -2.12
N VAL A 819 22.90 -23.09 -2.70
CA VAL A 819 21.45 -23.17 -2.81
C VAL A 819 21.06 -24.27 -3.78
N GLY A 820 21.82 -24.46 -4.86
CA GLY A 820 21.52 -25.47 -5.84
C GLY A 820 20.61 -24.98 -6.94
N LEU A 821 20.82 -23.73 -7.38
CA LEU A 821 20.00 -23.12 -8.41
C LEU A 821 20.90 -22.42 -9.43
N HIS A 822 20.57 -22.59 -10.71
CA HIS A 822 21.24 -21.88 -11.78
C HIS A 822 20.45 -20.63 -12.13
N ALA A 823 21.03 -19.79 -12.97
CA ALA A 823 20.39 -18.52 -13.32
C ALA A 823 20.92 -18.05 -14.66
N ALA A 824 20.02 -17.41 -15.43
CA ALA A 824 20.38 -16.80 -16.70
C ALA A 824 20.15 -15.30 -16.61
N VAL A 825 21.19 -14.52 -16.87
CA VAL A 825 21.14 -13.07 -16.77
C VAL A 825 21.39 -12.48 -18.14
N THR A 826 20.46 -11.66 -18.63
CA THR A 826 20.54 -11.08 -19.97
C THR A 826 20.27 -9.58 -19.90
N LEU A 827 21.10 -8.81 -20.61
CA LEU A 827 21.00 -7.36 -20.64
C LEU A 827 20.73 -6.90 -22.06
N ARG A 828 19.77 -5.98 -22.20
CA ARG A 828 19.40 -5.41 -23.50
C ARG A 828 19.62 -3.91 -23.46
N LEU A 829 20.24 -3.38 -24.51
CA LEU A 829 20.58 -1.96 -24.61
C LEU A 829 20.20 -1.44 -25.99
N GLU A 830 18.96 -1.70 -26.40
CA GLU A 830 18.49 -1.29 -27.72
C GLU A 830 18.66 0.20 -27.93
N PHE A 831 19.30 0.57 -29.04
CA PHE A 831 19.64 1.94 -29.37
C PHE A 831 18.95 2.37 -30.66
N PRO A 832 18.25 3.52 -30.64
CA PRO A 832 17.70 4.02 -31.90
C PRO A 832 18.77 4.32 -32.94
N ALA A 833 19.95 4.79 -32.50
CA ALA A 833 21.04 5.11 -33.40
C ALA A 833 22.33 5.07 -32.59
N ALA A 834 23.41 5.59 -33.18
CA ALA A 834 24.68 5.67 -32.46
C ALA A 834 24.55 6.61 -31.27
N GLY A 835 25.15 6.22 -30.15
CA GLY A 835 25.10 7.04 -28.95
C GLY A 835 24.01 6.65 -27.97
N ARG A 836 22.88 7.36 -28.01
CA ARG A 836 21.81 7.13 -27.05
C ARG A 836 21.23 5.73 -27.21
N ALA A 837 20.83 5.14 -26.09
CA ALA A 837 20.29 3.79 -26.08
C ALA A 837 19.40 3.62 -24.86
N LEU A 838 18.54 2.60 -24.93
CA LEU A 838 17.68 2.23 -23.80
C LEU A 838 18.40 1.19 -22.95
N ALA A 839 17.71 0.65 -21.95
CA ALA A 839 18.31 -0.33 -21.06
C ALA A 839 17.25 -1.26 -20.51
N ALA A 840 17.68 -2.47 -20.17
CA ALA A 840 16.81 -3.50 -19.59
C ALA A 840 17.69 -4.64 -19.08
N LEU A 841 17.29 -5.20 -17.95
CA LEU A 841 18.00 -6.32 -17.34
C LEU A 841 16.99 -7.39 -16.96
N SER A 842 17.37 -8.66 -17.12
CA SER A 842 16.49 -9.77 -16.78
C SER A 842 17.32 -10.91 -16.21
N VAL A 843 17.08 -11.24 -14.94
CA VAL A 843 17.75 -12.36 -14.28
C VAL A 843 16.69 -13.38 -13.91
N ARG A 844 16.84 -14.60 -14.44
CA ARG A 844 15.87 -15.66 -14.22
C ARG A 844 16.56 -16.84 -13.52
N PRO A 845 16.27 -17.09 -12.26
CA PRO A 845 16.81 -18.28 -11.59
C PRO A 845 15.86 -19.47 -11.70
N PHE A 846 16.45 -20.66 -11.70
CA PHE A 846 15.70 -21.89 -11.87
C PHE A 846 16.53 -23.06 -11.37
N ALA A 847 15.84 -24.14 -11.01
CA ALA A 847 16.49 -25.39 -10.64
C ALA A 847 16.59 -26.28 -11.88
N LEU A 848 17.80 -26.73 -12.18
CA LEU A 848 18.04 -27.54 -13.37
C LEU A 848 17.80 -29.00 -13.03
N ARG A 849 16.56 -29.45 -13.27
CA ARG A 849 16.19 -30.85 -13.12
C ARG A 849 15.86 -31.42 -14.49
N ARG A 850 16.32 -32.65 -14.74
CA ARG A 850 16.26 -33.26 -16.05
C ARG A 850 15.30 -34.44 -16.06
N LEU A 851 14.84 -34.79 -17.25
CA LEU A 851 13.93 -35.93 -17.40
C LEU A 851 14.63 -37.25 -17.11
N SER A 852 15.93 -37.34 -17.38
CA SER A 852 16.68 -38.57 -17.15
C SER A 852 17.14 -38.71 -15.71
N ALA A 853 16.86 -37.73 -14.85
CA ALA A 853 17.28 -37.82 -13.46
C ALA A 853 16.63 -38.98 -12.71
N GLY A 854 15.48 -39.45 -13.17
CA GLY A 854 14.82 -40.56 -12.52
C GLY A 854 13.32 -40.37 -12.34
N LEU A 855 12.86 -40.40 -11.10
CA LEU A 855 11.45 -40.31 -10.75
C LEU A 855 11.22 -39.19 -9.76
N SER A 856 11.75 -38.01 -10.08
CA SER A 856 11.61 -36.85 -9.21
C SER A 856 10.14 -36.49 -9.03
N LEU A 857 9.88 -35.65 -8.02
CA LEU A 857 8.52 -35.23 -7.71
C LEU A 857 7.80 -34.55 -8.88
N PRO A 858 8.41 -33.64 -9.64
CA PRO A 858 7.67 -33.02 -10.75
C PRO A 858 7.13 -34.02 -11.76
N LEU A 859 7.89 -35.08 -12.07
CA LEU A 859 7.40 -36.06 -13.03
C LEU A 859 6.17 -36.80 -12.51
N LEU A 860 6.20 -37.22 -11.23
CA LEU A 860 5.07 -37.90 -10.64
C LEU A 860 3.84 -37.00 -10.59
N THR A 861 4.03 -35.74 -10.18
CA THR A 861 2.91 -34.81 -10.13
C THR A 861 2.35 -34.58 -11.53
N SER A 862 3.22 -34.47 -12.53
CA SER A 862 2.74 -34.24 -13.90
C SER A 862 1.93 -35.43 -14.41
N VAL A 863 2.39 -36.65 -14.16
CA VAL A 863 1.64 -37.80 -14.67
C VAL A 863 0.33 -37.95 -13.92
N CYS A 864 0.31 -37.67 -12.62
CA CYS A 864 -0.96 -37.71 -11.89
C CYS A 864 -1.92 -36.64 -12.40
N LEU A 865 -1.41 -35.45 -12.71
CA LEU A 865 -2.25 -34.39 -13.26
C LEU A 865 -2.81 -34.79 -14.61
N LEU A 866 -1.99 -35.44 -15.44
CA LEU A 866 -2.48 -35.92 -16.73
C LEU A 866 -3.57 -36.96 -16.57
N LEU A 867 -3.41 -37.88 -15.60
CA LEU A 867 -4.45 -38.86 -15.34
C LEU A 867 -5.74 -38.18 -14.90
N PHE A 868 -5.64 -37.19 -14.01
CA PHE A 868 -6.83 -36.46 -13.57
C PHE A 868 -7.49 -35.75 -14.74
N ALA A 869 -6.68 -35.14 -15.61
CA ALA A 869 -7.24 -34.42 -16.76
C ALA A 869 -7.98 -35.36 -17.69
N VAL A 870 -7.41 -36.53 -17.98
CA VAL A 870 -8.08 -37.45 -18.90
C VAL A 870 -9.33 -38.02 -18.24
N HIS A 871 -9.30 -38.25 -16.93
CA HIS A 871 -10.50 -38.71 -16.23
C HIS A 871 -11.61 -37.67 -16.31
N PHE A 872 -11.29 -36.40 -16.08
CA PHE A 872 -12.30 -35.36 -16.19
C PHE A 872 -12.81 -35.24 -17.62
N ALA A 873 -11.92 -35.38 -18.60
CA ALA A 873 -12.33 -35.28 -19.99
C ALA A 873 -13.31 -36.37 -20.36
N VAL A 874 -13.02 -37.62 -19.98
CA VAL A 874 -13.93 -38.72 -20.33
C VAL A 874 -15.23 -38.59 -19.54
N ALA A 875 -15.16 -38.13 -18.29
CA ALA A 875 -16.38 -37.96 -17.50
C ALA A 875 -17.29 -36.91 -18.13
N GLU A 876 -16.72 -35.81 -18.62
CA GLU A 876 -17.52 -34.79 -19.27
C GLU A 876 -18.02 -35.25 -20.64
N ALA A 877 -17.21 -36.04 -21.34
CA ALA A 877 -17.63 -36.55 -22.65
C ALA A 877 -18.79 -37.54 -22.52
N ARG A 878 -18.82 -38.32 -21.43
CA ARG A 878 -19.94 -39.22 -21.21
C ARG A 878 -21.25 -38.43 -21.08
N THR A 879 -21.23 -37.32 -20.34
CA THR A 879 -22.42 -36.51 -20.22
C THR A 879 -22.76 -35.82 -21.54
N TRP A 880 -21.73 -35.37 -22.26
CA TRP A 880 -21.97 -34.70 -23.54
C TRP A 880 -22.63 -35.63 -24.54
N HIS A 881 -22.16 -36.89 -24.61
CA HIS A 881 -22.75 -37.85 -25.53
C HIS A 881 -24.15 -38.26 -25.08
N ARG A 882 -24.41 -38.25 -23.77
CA ARG A 882 -25.75 -38.56 -23.28
C ARG A 882 -26.76 -37.52 -23.76
N GLU A 883 -26.40 -36.25 -23.72
CA GLU A 883 -27.29 -35.17 -24.12
C GLU A 883 -27.14 -34.79 -25.59
N GLY A 884 -26.26 -35.45 -26.33
CA GLY A 884 -26.06 -35.12 -27.72
C GLY A 884 -25.47 -33.74 -27.90
N ARG A 885 -26.30 -32.79 -28.34
CA ARG A 885 -25.89 -31.41 -28.56
C ARG A 885 -26.66 -30.51 -27.59
N TRP A 886 -26.55 -29.20 -27.80
CA TRP A 886 -27.26 -28.19 -27.02
C TRP A 886 -26.82 -28.19 -25.55
N ARG A 887 -25.54 -28.48 -25.30
CA ARG A 887 -24.97 -28.38 -23.96
C ARG A 887 -24.37 -26.98 -23.75
N VAL A 888 -25.25 -25.99 -23.82
CA VAL A 888 -24.89 -24.58 -23.74
C VAL A 888 -25.84 -23.93 -22.73
N LEU A 889 -25.57 -22.66 -22.41
CA LEU A 889 -26.36 -21.79 -21.52
C LEU A 889 -26.18 -22.15 -20.06
N ARG A 890 -25.14 -22.92 -19.71
CA ARG A 890 -24.81 -23.22 -18.33
C ARG A 890 -23.31 -23.17 -18.14
N LEU A 891 -22.87 -23.04 -16.90
CA LEU A 891 -21.44 -23.07 -16.60
C LEU A 891 -20.87 -24.42 -17.03
N GLY A 892 -21.30 -25.49 -16.36
CA GLY A 892 -21.23 -26.83 -16.89
C GLY A 892 -20.03 -27.21 -17.72
N ALA A 893 -20.30 -27.58 -18.98
CA ALA A 893 -19.24 -28.00 -19.89
C ALA A 893 -18.28 -26.86 -20.19
N TRP A 894 -18.79 -25.63 -20.30
CA TRP A 894 -17.92 -24.50 -20.59
C TRP A 894 -16.89 -24.26 -19.50
N ALA A 895 -17.17 -24.69 -18.28
CA ALA A 895 -16.19 -24.59 -17.19
C ALA A 895 -15.34 -25.85 -17.06
N ARG A 896 -15.95 -27.02 -17.27
CA ARG A 896 -15.19 -28.26 -17.20
C ARG A 896 -14.12 -28.32 -18.28
N TRP A 897 -14.42 -27.80 -19.47
CA TRP A 897 -13.44 -27.78 -20.54
C TRP A 897 -12.24 -26.92 -20.18
N LEU A 898 -12.49 -25.74 -19.59
CA LEU A 898 -11.38 -24.89 -19.17
C LEU A 898 -10.57 -25.54 -18.05
N LEU A 899 -11.25 -26.22 -17.11
CA LEU A 899 -10.52 -26.93 -16.07
C LEU A 899 -9.63 -28.02 -16.66
N VAL A 900 -10.16 -28.77 -17.63
CA VAL A 900 -9.38 -29.82 -18.28
C VAL A 900 -8.20 -29.22 -19.02
N ALA A 901 -8.41 -28.11 -19.71
CA ALA A 901 -7.32 -27.46 -20.44
C ALA A 901 -6.22 -27.01 -19.49
N LEU A 902 -6.60 -26.41 -18.37
CA LEU A 902 -5.61 -25.99 -17.37
C LEU A 902 -4.85 -27.19 -16.81
N THR A 903 -5.57 -28.26 -16.48
CA THR A 903 -4.92 -29.43 -15.90
C THR A 903 -3.97 -30.09 -16.88
N ALA A 904 -4.33 -30.08 -18.17
CA ALA A 904 -3.45 -30.67 -19.17
C ALA A 904 -2.23 -29.79 -19.42
N ALA A 905 -2.43 -28.47 -19.48
CA ALA A 905 -1.31 -27.57 -19.76
C ALA A 905 -0.31 -27.55 -18.61
N THR A 906 -0.79 -27.57 -17.37
CA THR A 906 0.13 -27.48 -16.24
C THR A 906 1.02 -28.69 -16.10
N ALA A 907 0.73 -29.79 -16.81
CA ALA A 907 1.60 -30.94 -16.88
C ALA A 907 2.41 -30.99 -18.17
N LEU A 908 1.79 -30.59 -19.29
CA LEU A 908 2.52 -30.58 -20.56
C LEU A 908 3.69 -29.61 -20.52
N VAL A 909 3.48 -28.43 -19.94
CA VAL A 909 4.56 -27.45 -19.87
C VAL A 909 5.68 -27.95 -18.97
N ARG A 910 5.33 -28.61 -17.86
CA ARG A 910 6.36 -29.17 -16.98
C ARG A 910 7.18 -30.23 -17.70
N LEU A 911 6.52 -31.13 -18.43
CA LEU A 911 7.24 -32.15 -19.18
C LEU A 911 8.13 -31.52 -20.24
N ALA A 912 7.61 -30.50 -20.94
CA ALA A 912 8.40 -29.83 -21.97
C ALA A 912 9.63 -29.16 -21.38
N GLN A 913 9.49 -28.51 -20.23
CA GLN A 913 10.64 -27.87 -19.61
C GLN A 913 11.65 -28.90 -19.12
N LEU A 914 11.18 -30.05 -18.62
CA LEU A 914 12.11 -31.10 -18.22
C LEU A 914 12.91 -31.60 -19.42
N GLY A 915 12.23 -31.87 -20.54
CA GLY A 915 12.93 -32.31 -21.73
C GLY A 915 13.90 -31.29 -22.27
N ALA A 916 13.48 -30.02 -22.30
CA ALA A 916 14.37 -28.96 -22.77
C ALA A 916 15.60 -28.83 -21.88
N ALA A 917 15.41 -28.92 -20.56
CA ALA A 917 16.55 -28.85 -19.66
C ALA A 917 17.50 -30.00 -19.89
N ASP A 918 16.97 -31.22 -20.07
CA ASP A 918 17.84 -32.36 -20.32
C ASP A 918 18.63 -32.18 -21.62
N ARG A 919 17.95 -31.75 -22.69
CA ARG A 919 18.64 -31.57 -23.97
C ARG A 919 19.72 -30.52 -23.88
N GLN A 920 19.41 -29.38 -23.25
CA GLN A 920 20.40 -28.31 -23.14
C GLN A 920 21.58 -28.74 -22.27
N TRP A 921 21.31 -29.48 -21.19
CA TRP A 921 22.40 -29.94 -20.33
C TRP A 921 23.30 -30.92 -21.09
N THR A 922 22.72 -31.81 -21.88
CA THR A 922 23.55 -32.71 -22.68
C THR A 922 24.39 -31.94 -23.69
N ARG A 923 23.80 -30.94 -24.35
CA ARG A 923 24.54 -30.14 -25.31
C ARG A 923 25.70 -29.40 -24.63
N PHE A 924 25.45 -28.85 -23.45
CA PHE A 924 26.51 -28.17 -22.71
C PHE A 924 27.61 -29.13 -22.30
N VAL A 925 27.23 -30.31 -21.81
CA VAL A 925 28.20 -31.31 -21.35
C VAL A 925 29.02 -31.88 -22.49
N ARG A 926 28.52 -31.84 -23.73
CA ARG A 926 29.29 -32.29 -24.87
C ARG A 926 30.69 -31.68 -24.86
N GLY A 927 30.77 -30.35 -24.99
CA GLY A 927 31.98 -29.63 -24.66
C GLY A 927 31.65 -28.38 -23.87
N ARG A 928 32.11 -28.28 -22.64
CA ARG A 928 31.64 -27.16 -21.82
C ARG A 928 32.43 -25.87 -22.06
N PRO A 929 33.77 -25.88 -22.18
CA PRO A 929 34.46 -24.59 -22.43
C PRO A 929 34.62 -24.30 -23.91
N ARG A 930 33.58 -24.52 -24.71
CA ARG A 930 33.56 -24.06 -26.09
C ARG A 930 32.32 -23.24 -26.42
N ARG A 931 31.16 -23.57 -25.85
CA ARG A 931 29.93 -22.92 -26.27
C ARG A 931 29.24 -22.18 -25.13
N PHE A 932 28.04 -21.68 -25.41
CA PHE A 932 27.22 -20.89 -24.50
C PHE A 932 25.95 -21.61 -24.09
N THR A 933 25.32 -22.33 -25.03
CA THR A 933 24.26 -23.31 -24.78
C THR A 933 22.93 -22.67 -24.41
N SER A 934 22.92 -21.35 -24.15
CA SER A 934 21.70 -20.55 -24.06
C SER A 934 20.61 -21.23 -23.22
N PHE A 935 20.91 -21.37 -21.93
CA PHE A 935 19.96 -21.99 -21.01
C PHE A 935 18.70 -21.16 -20.81
N ASP A 936 18.69 -19.91 -21.27
CA ASP A 936 17.59 -18.99 -20.97
C ASP A 936 16.23 -19.59 -21.29
N GLN A 937 16.14 -20.35 -22.40
CA GLN A 937 14.87 -20.95 -22.79
C GLN A 937 14.26 -21.75 -21.65
N VAL A 938 15.07 -22.62 -21.02
CA VAL A 938 14.57 -23.40 -19.89
C VAL A 938 14.08 -22.47 -18.79
N ALA A 939 14.87 -21.44 -18.47
CA ALA A 939 14.49 -20.50 -17.44
C ALA A 939 13.17 -19.82 -17.73
N GLN A 940 12.75 -19.78 -18.99
CA GLN A 940 11.41 -19.28 -19.29
C GLN A 940 10.37 -20.36 -19.02
N LEU A 941 10.55 -21.53 -19.62
CA LEU A 941 9.52 -22.57 -19.57
C LEU A 941 9.13 -22.90 -18.15
N SER A 942 10.13 -23.20 -17.31
CA SER A 942 9.87 -23.49 -15.90
C SER A 942 9.03 -22.40 -15.28
N SER A 943 9.43 -21.14 -15.46
CA SER A 943 8.66 -20.03 -14.91
C SER A 943 7.21 -20.11 -15.33
N ALA A 944 6.97 -20.26 -16.63
CA ALA A 944 5.61 -20.37 -17.13
C ALA A 944 4.88 -21.49 -16.42
N ALA A 945 5.51 -22.67 -16.35
CA ALA A 945 4.88 -23.81 -15.69
C ALA A 945 4.45 -23.43 -14.28
N ARG A 946 5.34 -22.79 -13.53
CA ARG A 946 5.02 -22.41 -12.16
C ARG A 946 3.74 -21.59 -12.13
N GLY A 947 3.66 -20.57 -12.99
CA GLY A 947 2.47 -19.73 -13.01
C GLY A 947 1.23 -20.56 -13.24
N LEU A 948 1.28 -21.46 -14.22
CA LEU A 948 0.13 -22.30 -14.51
C LEU A 948 -0.32 -23.03 -13.27
N ALA A 949 0.64 -23.67 -12.58
CA ALA A 949 0.31 -24.40 -11.37
C ALA A 949 -0.42 -23.51 -10.39
N ALA A 950 0.12 -22.31 -10.15
CA ALA A 950 -0.51 -21.38 -9.21
C ALA A 950 -1.96 -21.14 -9.63
N SER A 951 -2.17 -20.84 -10.91
CA SER A 951 -3.52 -20.58 -11.39
C SER A 951 -4.43 -21.73 -11.03
N LEU A 952 -4.01 -22.96 -11.32
CA LEU A 952 -4.82 -24.12 -11.00
C LEU A 952 -5.20 -24.12 -9.53
N LEU A 953 -4.19 -23.98 -8.66
CA LEU A 953 -4.47 -23.99 -7.23
C LEU A 953 -5.48 -22.91 -6.88
N PHE A 954 -5.32 -21.71 -7.45
CA PHE A 954 -6.24 -20.62 -7.19
C PHE A 954 -7.67 -21.07 -7.43
N LEU A 955 -7.92 -21.68 -8.59
CA LEU A 955 -9.27 -22.14 -8.89
C LEU A 955 -9.77 -23.07 -7.80
N LEU A 956 -8.98 -24.09 -7.47
CA LEU A 956 -9.42 -25.05 -6.45
C LEU A 956 -9.77 -24.33 -5.16
N LEU A 957 -8.97 -23.34 -4.78
CA LEU A 957 -9.21 -22.66 -3.52
C LEU A 957 -10.57 -21.99 -3.52
N VAL A 958 -10.91 -21.29 -4.61
CA VAL A 958 -12.21 -20.62 -4.60
C VAL A 958 -13.34 -21.64 -4.57
N LYS A 959 -13.10 -22.82 -5.15
CA LYS A 959 -14.12 -23.87 -5.10
C LYS A 959 -14.44 -24.22 -3.66
N ALA A 960 -13.43 -24.23 -2.79
CA ALA A 960 -13.67 -24.52 -1.37
C ALA A 960 -14.70 -23.55 -0.80
N ALA A 961 -14.58 -22.27 -1.13
CA ALA A 961 -15.55 -21.29 -0.64
C ALA A 961 -16.94 -21.64 -1.12
N GLN A 962 -17.07 -22.05 -2.38
CA GLN A 962 -18.38 -22.42 -2.91
C GLN A 962 -18.98 -23.59 -2.16
N GLN A 963 -18.17 -24.41 -1.51
CA GLN A 963 -18.68 -25.56 -0.77
C GLN A 963 -19.03 -25.23 0.67
N LEU A 964 -18.90 -23.97 1.08
CA LEU A 964 -19.27 -23.60 2.44
C LEU A 964 -20.78 -23.38 2.57
N ARG A 965 -21.51 -23.41 1.45
CA ARG A 965 -22.96 -23.25 1.48
C ARG A 965 -23.65 -24.42 2.19
N PHE A 966 -22.94 -25.52 2.44
CA PHE A 966 -23.55 -26.67 3.10
C PHE A 966 -23.99 -26.36 4.52
N VAL A 967 -23.47 -25.30 5.12
CA VAL A 967 -23.97 -24.83 6.42
C VAL A 967 -25.24 -24.03 6.15
N ARG A 968 -26.33 -24.43 6.80
CA ARG A 968 -27.64 -23.88 6.44
C ARG A 968 -27.72 -22.38 6.71
N GLN A 969 -27.25 -21.94 7.87
CA GLN A 969 -27.30 -20.52 8.20
C GLN A 969 -26.34 -19.69 7.35
N TRP A 970 -25.35 -20.33 6.73
CA TRP A 970 -24.36 -19.64 5.90
C TRP A 970 -24.57 -19.89 4.41
N SER A 971 -25.77 -20.30 4.01
CA SER A 971 -26.07 -20.58 2.61
C SER A 971 -26.71 -19.41 1.88
N VAL A 972 -26.84 -18.25 2.54
CA VAL A 972 -27.53 -17.12 1.92
C VAL A 972 -26.61 -16.24 1.07
N PHE A 973 -25.29 -16.27 1.31
CA PHE A 973 -24.39 -15.42 0.54
C PHE A 973 -24.27 -15.89 -0.90
N GLY A 974 -24.06 -17.19 -1.10
CA GLY A 974 -24.00 -17.71 -2.45
C GLY A 974 -25.31 -17.55 -3.19
N LYS A 975 -26.43 -17.79 -2.51
CA LYS A 975 -27.73 -17.58 -3.12
C LYS A 975 -27.94 -16.13 -3.51
N THR A 976 -27.52 -15.21 -2.63
CA THR A 976 -27.64 -13.78 -2.93
C THR A 976 -26.85 -13.41 -4.17
N LEU A 977 -25.61 -13.88 -4.26
CA LEU A 977 -24.78 -13.58 -5.43
C LEU A 977 -25.39 -14.17 -6.70
N CYS A 978 -25.83 -15.43 -6.63
CA CYS A 978 -26.37 -16.08 -7.81
C CYS A 978 -27.66 -15.41 -8.27
N ARG A 979 -28.46 -14.92 -7.33
CA ARG A 979 -29.71 -14.27 -7.69
C ARG A 979 -29.48 -12.85 -8.21
N ALA A 980 -28.49 -12.14 -7.68
CA ALA A 980 -28.22 -10.77 -8.06
C ALA A 980 -27.28 -10.65 -9.26
N LEU A 981 -26.78 -11.77 -9.78
CA LEU A 981 -25.87 -11.74 -10.92
C LEU A 981 -26.34 -10.90 -12.11
N PRO A 982 -27.60 -10.96 -12.56
CA PRO A 982 -27.97 -10.15 -13.75
C PRO A 982 -27.86 -8.66 -13.54
N GLU A 983 -28.36 -8.14 -12.42
CA GLU A 983 -28.25 -6.71 -12.14
C GLU A 983 -26.78 -6.31 -12.01
N LEU A 984 -25.98 -7.18 -11.40
CA LEU A 984 -24.55 -6.90 -11.30
C LEU A 984 -23.91 -6.82 -12.68
N LEU A 985 -24.31 -7.70 -13.60
CA LEU A 985 -23.77 -7.65 -14.96
C LEU A 985 -24.17 -6.37 -15.68
N GLY A 986 -25.42 -5.94 -15.52
CA GLY A 986 -25.84 -4.69 -16.13
C GLY A 986 -25.08 -3.50 -15.59
N VAL A 987 -24.93 -3.43 -14.26
CA VAL A 987 -24.16 -2.36 -13.66
C VAL A 987 -22.70 -2.42 -14.11
N THR A 988 -22.18 -3.64 -14.29
CA THR A 988 -20.80 -3.79 -14.77
C THR A 988 -20.65 -3.25 -16.19
N LEU A 989 -21.64 -3.50 -17.05
CA LEU A 989 -21.60 -2.94 -18.40
C LEU A 989 -21.60 -1.42 -18.36
N GLY A 990 -22.47 -0.83 -17.54
CA GLY A 990 -22.48 0.62 -17.40
C GLY A 990 -21.15 1.16 -16.88
N LEU A 991 -20.58 0.48 -15.89
CA LEU A 991 -19.30 0.89 -15.33
C LEU A 991 -18.19 0.80 -16.37
N VAL A 992 -18.21 -0.24 -17.20
CA VAL A 992 -17.19 -0.39 -18.24
C VAL A 992 -17.27 0.76 -19.22
N VAL A 993 -18.49 1.12 -19.64
CA VAL A 993 -18.65 2.23 -20.58
C VAL A 993 -18.13 3.53 -19.96
N LEU A 994 -18.53 3.80 -18.71
CA LEU A 994 -18.11 5.02 -18.04
C LEU A 994 -16.60 5.06 -17.85
N GLY A 995 -16.01 3.93 -17.48
CA GLY A 995 -14.57 3.88 -17.28
C GLY A 995 -13.79 4.11 -18.56
N VAL A 996 -14.26 3.52 -19.66
CA VAL A 996 -13.59 3.76 -20.95
C VAL A 996 -13.66 5.23 -21.32
N ALA A 997 -14.84 5.83 -21.17
CA ALA A 997 -14.99 7.25 -21.49
C ALA A 997 -14.06 8.11 -20.65
N TYR A 998 -14.04 7.89 -19.35
CA TYR A 998 -13.18 8.68 -18.47
C TYR A 998 -11.71 8.46 -18.77
N ALA A 999 -11.32 7.20 -19.03
CA ALA A 999 -9.91 6.91 -19.28
C ALA A 999 -9.42 7.61 -20.53
N GLN A 1000 -10.21 7.58 -21.60
CA GLN A 1000 -9.74 8.25 -22.82
C GLN A 1000 -9.95 9.75 -22.81
N LEU A 1001 -10.75 10.28 -21.87
CA LEU A 1001 -10.70 11.72 -21.62
C LEU A 1001 -9.41 12.09 -20.88
N ALA A 1002 -9.07 11.33 -19.85
CA ALA A 1002 -7.94 11.68 -19.00
C ALA A 1002 -6.62 11.56 -19.77
N ILE A 1003 -6.44 10.48 -20.51
CA ILE A 1003 -5.20 10.33 -21.27
C ILE A 1003 -5.11 11.36 -22.39
N LEU A 1004 -6.24 11.72 -23.01
CA LEU A 1004 -6.22 12.77 -24.03
C LEU A 1004 -5.80 14.11 -23.43
N LEU A 1005 -6.33 14.43 -22.24
CA LEU A 1005 -5.91 15.67 -21.58
C LEU A 1005 -4.43 15.62 -21.20
N VAL A 1006 -3.96 14.47 -20.71
CA VAL A 1006 -2.58 14.37 -20.25
C VAL A 1006 -1.61 14.50 -21.41
N SER A 1007 -1.85 13.76 -22.49
CA SER A 1007 -0.91 13.72 -23.62
C SER A 1007 -1.19 14.85 -24.61
N SER A 1008 -1.28 16.08 -24.11
CA SER A 1008 -1.44 17.24 -24.98
C SER A 1008 -0.68 18.46 -24.48
N CYS A 1009 0.14 18.33 -23.44
CA CYS A 1009 0.79 19.48 -22.83
C CYS A 1009 1.98 19.02 -22.01
N VAL A 1010 2.74 19.98 -21.53
CA VAL A 1010 3.82 19.74 -20.57
C VAL A 1010 3.52 20.60 -19.36
N ASP A 1011 2.84 20.01 -18.38
CA ASP A 1011 2.46 20.68 -17.13
C ASP A 1011 1.68 21.96 -17.38
N SER A 1012 0.90 21.99 -18.46
CA SER A 1012 0.12 23.16 -18.85
C SER A 1012 -1.27 22.71 -19.29
N LEU A 1013 -1.88 21.81 -18.52
CA LEU A 1013 -3.15 21.20 -18.94
C LEU A 1013 -4.32 22.14 -18.72
N TRP A 1014 -4.59 22.49 -17.46
CA TRP A 1014 -5.72 23.32 -17.09
C TRP A 1014 -5.54 23.77 -15.65
N SER A 1015 -6.58 24.37 -15.09
CA SER A 1015 -6.66 24.64 -13.66
C SER A 1015 -7.70 23.78 -12.96
N VAL A 1016 -8.81 23.48 -13.64
CA VAL A 1016 -9.84 22.65 -13.03
C VAL A 1016 -9.53 21.17 -13.21
N ALA A 1017 -9.21 20.76 -14.44
CA ALA A 1017 -8.96 19.36 -14.73
C ALA A 1017 -7.64 18.85 -14.15
N GLN A 1018 -6.72 19.74 -13.79
CA GLN A 1018 -5.48 19.31 -13.14
C GLN A 1018 -5.73 18.74 -11.75
N ALA A 1019 -6.88 19.04 -11.14
CA ALA A 1019 -7.19 18.59 -9.80
C ALA A 1019 -8.25 17.51 -9.74
N LEU A 1020 -9.06 17.36 -10.78
CA LEU A 1020 -10.13 16.37 -10.81
C LEU A 1020 -9.78 15.14 -11.62
N LEU A 1021 -8.51 14.98 -11.99
CA LEU A 1021 -8.07 13.90 -12.85
C LEU A 1021 -7.38 12.85 -11.99
N VAL A 1022 -7.97 11.65 -11.93
CA VAL A 1022 -7.38 10.55 -11.19
C VAL A 1022 -6.41 9.80 -12.09
N LEU A 1023 -5.43 9.12 -11.46
CA LEU A 1023 -4.43 8.38 -12.19
C LEU A 1023 -4.21 7.03 -11.52
N CYS A 1024 -3.53 6.15 -12.23
CA CYS A 1024 -3.19 4.84 -11.69
C CYS A 1024 -2.29 5.00 -10.47
N PRO A 1025 -2.55 4.29 -9.38
CA PRO A 1025 -1.71 4.43 -8.19
C PRO A 1025 -0.27 4.01 -8.47
N GLY A 1026 0.66 4.71 -7.83
CA GLY A 1026 2.08 4.45 -7.97
C GLY A 1026 2.80 5.42 -8.87
N THR A 1027 2.09 6.24 -9.63
CA THR A 1027 2.70 7.22 -10.51
C THR A 1027 2.08 8.59 -10.28
N GLY A 1028 2.85 9.63 -10.60
CA GLY A 1028 2.40 11.00 -10.50
C GLY A 1028 1.80 11.50 -11.80
N LEU A 1029 1.67 12.82 -11.88
CA LEU A 1029 1.12 13.46 -13.08
C LEU A 1029 2.19 13.98 -14.02
N SER A 1030 3.38 14.28 -13.52
CA SER A 1030 4.44 14.81 -14.38
C SER A 1030 5.07 13.71 -15.22
N THR A 1031 5.20 12.50 -14.67
CA THR A 1031 5.91 11.40 -15.33
C THR A 1031 4.87 10.45 -15.91
N LEU A 1032 4.47 10.73 -17.15
CA LEU A 1032 3.52 9.88 -17.86
C LEU A 1032 3.76 10.01 -19.36
N CYS A 1033 2.83 9.45 -20.15
CA CYS A 1033 2.83 9.55 -21.61
C CYS A 1033 4.13 9.02 -22.21
N PRO A 1034 4.35 7.72 -22.19
CA PRO A 1034 5.54 7.14 -22.85
C PRO A 1034 5.31 6.99 -24.34
N ALA A 1035 6.09 7.73 -25.13
CA ALA A 1035 5.92 7.74 -26.59
C ALA A 1035 6.34 6.45 -27.24
N GLU A 1036 6.99 5.54 -26.51
CA GLU A 1036 7.36 4.24 -27.04
C GLU A 1036 6.17 3.33 -27.29
N SER A 1037 5.21 3.31 -26.37
CA SER A 1037 4.01 2.48 -26.53
C SER A 1037 2.97 2.93 -25.53
N TRP A 1038 1.73 3.11 -25.99
CA TRP A 1038 0.59 3.37 -25.10
C TRP A 1038 -0.04 2.04 -24.73
N HIS A 1039 0.47 1.44 -23.66
CA HIS A 1039 -0.01 0.13 -23.24
C HIS A 1039 -1.45 0.22 -22.71
N LEU A 1040 -2.18 -0.88 -22.88
CA LEU A 1040 -3.57 -0.93 -22.45
C LEU A 1040 -3.70 -1.09 -20.94
N SER A 1041 -2.72 -1.75 -20.30
CA SER A 1041 -2.81 -1.97 -18.85
C SER A 1041 -2.83 -0.67 -18.04
N PRO A 1042 -2.00 0.35 -18.31
CA PRO A 1042 -2.18 1.62 -17.58
C PRO A 1042 -3.55 2.24 -17.79
N LEU A 1043 -4.12 2.10 -18.99
CA LEU A 1043 -5.47 2.60 -19.23
C LEU A 1043 -6.49 1.88 -18.36
N LEU A 1044 -6.39 0.55 -18.28
CA LEU A 1044 -7.29 -0.21 -17.41
C LEU A 1044 -7.13 0.20 -15.96
N CYS A 1045 -5.89 0.37 -15.50
CA CYS A 1045 -5.66 0.76 -14.11
C CYS A 1045 -6.26 2.13 -13.84
N VAL A 1046 -6.05 3.09 -14.75
CA VAL A 1046 -6.58 4.43 -14.54
C VAL A 1046 -8.10 4.40 -14.50
N GLY A 1047 -8.73 3.69 -15.44
CA GLY A 1047 -10.17 3.63 -15.46
C GLY A 1047 -10.75 2.99 -14.22
N LEU A 1048 -10.19 1.85 -13.81
CA LEU A 1048 -10.70 1.15 -12.64
C LEU A 1048 -10.51 1.96 -11.36
N TRP A 1049 -9.34 2.58 -11.19
CA TRP A 1049 -9.11 3.35 -9.97
C TRP A 1049 -9.96 4.61 -9.95
N ALA A 1050 -10.17 5.24 -11.10
CA ALA A 1050 -11.06 6.39 -11.16
C ALA A 1050 -12.50 5.99 -10.82
N LEU A 1051 -12.92 4.82 -11.31
CA LEU A 1051 -14.23 4.31 -10.93
C LEU A 1051 -14.32 4.08 -9.42
N ARG A 1052 -13.26 3.55 -8.83
CA ARG A 1052 -13.23 3.25 -7.40
C ARG A 1052 -13.15 4.48 -6.50
N LEU A 1053 -12.54 5.55 -6.97
CA LEU A 1053 -12.38 6.76 -6.18
C LEU A 1053 -13.58 7.70 -6.27
N TRP A 1054 -14.41 7.56 -7.31
CA TRP A 1054 -15.58 8.41 -7.51
C TRP A 1054 -16.86 7.75 -7.03
N GLY A 1055 -16.80 6.98 -5.95
CA GLY A 1055 -17.90 6.12 -5.60
C GLY A 1055 -18.03 5.03 -6.66
N ALA A 1056 -19.22 4.91 -7.27
CA ALA A 1056 -19.40 4.17 -8.50
C ALA A 1056 -19.15 2.67 -8.34
N LEU A 1057 -18.69 2.26 -7.17
CA LEU A 1057 -18.52 0.85 -6.84
C LEU A 1057 -19.33 0.45 -5.61
N ARG A 1058 -19.86 1.40 -4.86
CA ARG A 1058 -20.84 1.12 -3.84
C ARG A 1058 -22.23 0.90 -4.41
N LEU A 1059 -22.41 1.09 -5.72
CA LEU A 1059 -23.70 0.81 -6.34
C LEU A 1059 -24.09 -0.64 -6.17
N GLY A 1060 -23.12 -1.55 -6.12
CA GLY A 1060 -23.42 -2.93 -5.80
C GLY A 1060 -24.08 -3.08 -4.45
N ALA A 1061 -23.66 -2.29 -3.47
CA ALA A 1061 -24.32 -2.29 -2.16
C ALA A 1061 -25.79 -1.93 -2.28
N VAL A 1062 -26.16 -1.15 -3.29
CA VAL A 1062 -27.57 -0.85 -3.52
C VAL A 1062 -28.33 -2.11 -3.93
N ILE A 1063 -27.71 -2.94 -4.77
CA ILE A 1063 -28.38 -4.13 -5.26
C ILE A 1063 -28.35 -5.24 -4.22
N LEU A 1064 -27.13 -5.65 -3.83
CA LEU A 1064 -26.97 -6.82 -2.97
C LEU A 1064 -27.83 -6.71 -1.72
N ARG A 1065 -27.77 -5.57 -1.03
CA ARG A 1065 -28.59 -5.35 0.15
C ARG A 1065 -30.04 -5.74 -0.11
N TRP A 1066 -30.63 -5.15 -1.15
CA TRP A 1066 -32.01 -5.46 -1.48
C TRP A 1066 -32.20 -6.96 -1.63
N ARG A 1067 -31.37 -7.60 -2.45
CA ARG A 1067 -31.50 -9.03 -2.65
C ARG A 1067 -31.34 -9.77 -1.34
N TYR A 1068 -30.37 -9.37 -0.51
CA TYR A 1068 -30.20 -10.02 0.78
C TYR A 1068 -31.49 -9.96 1.58
N HIS A 1069 -32.11 -8.77 1.64
CA HIS A 1069 -33.38 -8.66 2.33
C HIS A 1069 -34.41 -9.59 1.72
N ALA A 1070 -34.50 -9.60 0.39
CA ALA A 1070 -35.46 -10.47 -0.29
C ALA A 1070 -35.20 -11.94 -0.01
N LEU A 1071 -33.98 -12.31 0.34
CA LEU A 1071 -33.69 -13.70 0.61
C LEU A 1071 -33.82 -14.07 2.08
N ARG A 1072 -34.09 -13.10 2.95
CA ARG A 1072 -34.35 -13.40 4.35
C ARG A 1072 -35.83 -13.35 4.68
N GLY A 1073 -36.69 -13.20 3.67
CA GLY A 1073 -38.12 -13.30 3.87
C GLY A 1073 -38.68 -14.54 3.22
N GLU A 1074 -37.91 -15.15 2.32
CA GLU A 1074 -38.34 -16.34 1.62
C GLU A 1074 -37.66 -17.62 2.08
N LEU A 1075 -36.75 -17.54 3.06
CA LEU A 1075 -36.11 -18.73 3.59
C LEU A 1075 -36.04 -18.77 5.10
N TYR A 1076 -36.28 -17.65 5.80
CA TYR A 1076 -36.45 -17.67 7.25
C TYR A 1076 -37.90 -17.54 7.71
N ARG A 1077 -38.78 -16.91 6.93
CA ARG A 1077 -40.15 -16.68 7.39
C ARG A 1077 -40.98 -17.97 7.38
N PRO A 1078 -41.06 -18.71 6.26
CA PRO A 1078 -41.89 -19.91 6.35
C PRO A 1078 -41.12 -21.13 6.82
N SER B 258 -23.58 -3.93 42.88
CA SER B 258 -24.25 -3.13 41.87
C SER B 258 -23.32 -2.77 40.72
N VAL B 259 -23.89 -2.23 39.64
CA VAL B 259 -23.09 -1.83 38.49
C VAL B 259 -22.17 -0.68 38.84
N LEU B 260 -22.57 0.17 39.80
CA LEU B 260 -21.74 1.32 40.15
C LEU B 260 -20.42 0.90 40.76
N ARG B 261 -20.42 -0.16 41.59
CA ARG B 261 -19.18 -0.65 42.18
C ARG B 261 -18.22 -1.13 41.11
N GLU B 262 -18.71 -1.93 40.17
CA GLU B 262 -17.87 -2.39 39.07
C GLU B 262 -17.36 -1.22 38.25
N LEU B 263 -18.22 -0.24 37.99
CA LEU B 263 -17.81 0.91 37.18
C LEU B 263 -16.69 1.69 37.88
N VAL B 264 -16.83 1.97 39.17
CA VAL B 264 -15.82 2.77 39.86
C VAL B 264 -14.52 1.99 40.00
N THR B 265 -14.61 0.68 40.25
CA THR B 265 -13.40 -0.13 40.29
C THR B 265 -12.68 -0.13 38.94
N TYR B 266 -13.44 -0.25 37.85
CA TYR B 266 -12.82 -0.22 36.53
C TYR B 266 -12.20 1.14 36.24
N LEU B 267 -12.85 2.23 36.65
CA LEU B 267 -12.28 3.55 36.42
C LEU B 267 -10.99 3.73 37.22
N LEU B 268 -10.95 3.25 38.46
CA LEU B 268 -9.72 3.33 39.23
C LEU B 268 -8.60 2.52 38.58
N PHE B 269 -8.93 1.31 38.11
CA PHE B 269 -7.95 0.49 37.42
C PHE B 269 -7.43 1.18 36.17
N LEU B 270 -8.34 1.79 35.40
CA LEU B 270 -7.94 2.49 34.18
C LEU B 270 -7.06 3.70 34.50
N ILE B 271 -7.38 4.43 35.56
CA ILE B 271 -6.57 5.57 35.93
C ILE B 271 -5.16 5.13 36.32
N VAL B 272 -5.05 4.07 37.10
CA VAL B 272 -3.73 3.57 37.50
C VAL B 272 -2.95 3.11 36.27
N LEU B 273 -3.62 2.38 35.37
CA LEU B 273 -2.94 1.91 34.16
C LEU B 273 -2.48 3.07 33.29
N CYS B 274 -3.31 4.10 33.13
CA CYS B 274 -2.94 5.25 32.32
C CYS B 274 -1.76 5.99 32.95
N ILE B 275 -1.74 6.08 34.28
CA ILE B 275 -0.60 6.68 34.97
C ILE B 275 0.66 5.89 34.67
N LEU B 276 0.56 4.55 34.70
CA LEU B 276 1.72 3.72 34.39
C LEU B 276 2.23 3.96 32.98
N THR B 277 1.33 3.97 31.99
CA THR B 277 1.77 4.18 30.61
C THR B 277 2.37 5.57 30.41
N TYR B 278 1.74 6.60 30.97
CA TYR B 278 2.27 7.95 30.80
C TYR B 278 3.59 8.14 31.53
N GLY B 279 3.81 7.42 32.64
CA GLY B 279 5.08 7.48 33.31
C GLY B 279 6.17 6.73 32.60
N MET B 280 5.82 5.61 31.97
CA MET B 280 6.81 4.80 31.26
C MET B 280 7.31 5.50 30.01
N MET B 281 6.52 6.39 29.43
CA MET B 281 6.98 7.25 28.34
C MET B 281 7.27 8.63 28.92
N SER B 282 8.53 8.81 29.34
CA SER B 282 8.99 10.04 29.95
C SER B 282 9.25 11.09 28.87
N SER B 283 9.99 12.14 29.22
CA SER B 283 10.38 13.17 28.27
C SER B 283 11.01 12.54 27.03
N ASN B 284 11.11 13.29 25.95
CA ASN B 284 11.22 12.68 24.63
C ASN B 284 12.54 11.93 24.47
N VAL B 285 12.50 10.62 24.74
CA VAL B 285 13.59 9.72 24.39
C VAL B 285 13.60 9.40 22.90
N TYR B 286 12.56 9.80 22.18
CA TYR B 286 12.57 9.64 20.74
C TYR B 286 13.72 10.41 20.11
N TYR B 287 13.97 11.63 20.59
CA TYR B 287 15.10 12.39 20.10
C TYR B 287 16.42 11.74 20.51
N TYR B 288 16.46 11.17 21.71
CA TYR B 288 17.64 10.43 22.16
C TYR B 288 17.99 9.31 21.18
N THR B 289 16.98 8.53 20.79
CA THR B 289 17.20 7.46 19.82
C THR B 289 17.54 8.01 18.44
N ARG B 290 16.87 9.09 18.03
CA ARG B 290 17.02 9.61 16.67
C ARG B 290 18.39 10.19 16.43
N MET B 291 18.96 10.88 17.43
CA MET B 291 20.29 11.45 17.24
C MET B 291 21.33 10.36 17.00
N MET B 292 21.30 9.30 17.80
CA MET B 292 22.22 8.19 17.62
C MET B 292 21.98 7.48 16.30
N SER B 293 20.71 7.29 15.93
CA SER B 293 20.41 6.62 14.66
C SER B 293 20.95 7.42 13.49
N GLN B 294 20.78 8.74 13.51
CA GLN B 294 21.30 9.56 12.42
C GLN B 294 22.82 9.60 12.42
N LEU B 295 23.43 9.58 13.61
CA LEU B 295 24.89 9.61 13.67
C LEU B 295 25.50 8.34 13.10
N PHE B 296 24.91 7.17 13.39
CA PHE B 296 25.53 5.91 13.02
C PHE B 296 25.01 5.31 11.74
N LEU B 297 23.83 5.73 11.25
CA LEU B 297 23.24 5.12 10.07
C LEU B 297 23.24 6.03 8.85
N ASP B 298 22.95 7.32 9.02
CA ASP B 298 22.84 8.24 7.90
C ASP B 298 24.18 8.83 7.47
N THR B 299 25.23 8.67 8.27
CA THR B 299 26.52 9.25 7.92
C THR B 299 27.17 8.42 6.82
N PRO B 300 27.61 9.04 5.72
CA PRO B 300 28.32 8.29 4.69
C PRO B 300 29.62 7.71 5.23
N VAL B 301 29.98 6.54 4.69
CA VAL B 301 31.13 5.80 5.21
C VAL B 301 32.43 6.58 5.05
N SER B 302 32.51 7.46 4.06
CA SER B 302 33.68 8.33 3.90
C SER B 302 33.24 9.57 3.12
N LYS B 303 34.22 10.45 2.89
CA LYS B 303 33.90 11.77 2.35
C LYS B 303 33.44 11.69 0.90
N THR B 304 34.15 10.93 0.06
CA THR B 304 33.89 11.03 -1.38
C THR B 304 32.80 10.08 -1.84
N GLU B 305 32.54 8.99 -1.10
CA GLU B 305 31.45 8.11 -1.47
C GLU B 305 30.22 8.41 -0.63
N LYS B 306 29.06 8.07 -1.18
CA LYS B 306 27.77 8.44 -0.60
C LYS B 306 27.05 7.26 0.04
N THR B 307 27.69 6.10 0.15
CA THR B 307 27.07 4.96 0.78
C THR B 307 27.18 5.04 2.29
N ASN B 308 26.16 4.55 2.98
CA ASN B 308 26.11 4.51 4.43
C ASN B 308 25.81 3.09 4.89
N PHE B 309 25.59 2.93 6.20
CA PHE B 309 25.33 1.60 6.73
C PHE B 309 24.02 1.01 6.22
N LYS B 310 23.04 1.87 5.93
CA LYS B 310 21.75 1.37 5.46
C LYS B 310 21.79 0.89 4.02
N THR B 311 22.82 1.27 3.27
CA THR B 311 22.94 0.92 1.85
C THR B 311 24.26 0.21 1.58
N LEU B 312 24.68 -0.66 2.50
CA LEU B 312 25.87 -1.47 2.26
C LEU B 312 25.60 -2.49 1.16
N SER B 313 26.60 -2.71 0.31
CA SER B 313 26.42 -3.62 -0.82
C SER B 313 27.56 -4.60 -1.01
N SER B 314 28.63 -4.53 -0.22
CA SER B 314 29.76 -5.44 -0.40
C SER B 314 30.56 -5.48 0.89
N MET B 315 31.47 -6.45 0.94
CA MET B 315 32.35 -6.58 2.10
C MET B 315 33.32 -5.40 2.21
N GLU B 316 33.80 -4.89 1.08
CA GLU B 316 34.68 -3.73 1.10
C GLU B 316 33.96 -2.50 1.65
N ASP B 317 32.68 -2.36 1.36
CA ASP B 317 31.89 -1.28 1.96
C ASP B 317 31.81 -1.45 3.47
N PHE B 318 31.66 -2.69 3.95
CA PHE B 318 31.65 -2.94 5.39
C PHE B 318 32.98 -2.55 6.02
N TRP B 319 34.09 -2.90 5.37
CA TRP B 319 35.40 -2.51 5.89
C TRP B 319 35.56 -0.99 5.90
N LYS B 320 35.06 -0.32 4.86
CA LYS B 320 35.11 1.14 4.84
C LYS B 320 34.30 1.74 5.98
N PHE B 321 33.13 1.17 6.25
CA PHE B 321 32.30 1.66 7.36
C PHE B 321 32.99 1.45 8.70
N THR B 322 33.61 0.29 8.89
CA THR B 322 34.21 -0.02 10.20
C THR B 322 35.34 0.94 10.52
N GLU B 323 36.19 1.25 9.55
CA GLU B 323 37.30 2.18 9.77
C GLU B 323 36.91 3.63 9.52
N GLY B 324 35.66 3.89 9.13
CA GLY B 324 35.24 5.23 8.79
C GLY B 324 34.27 5.86 9.76
N SER B 325 32.99 5.84 9.41
CA SER B 325 31.98 6.55 10.21
C SER B 325 31.83 5.92 11.59
N LEU B 326 32.11 4.62 11.73
CA LEU B 326 31.97 3.98 13.04
C LEU B 326 32.94 4.59 14.05
N LEU B 327 34.21 4.72 13.67
CA LEU B 327 35.19 5.31 14.58
C LEU B 327 34.95 6.79 14.79
N ASP B 328 34.45 7.48 13.76
CA ASP B 328 34.13 8.90 13.90
C ASP B 328 33.02 9.10 14.91
N GLY B 329 31.99 8.25 14.88
CA GLY B 329 30.90 8.39 15.81
C GLY B 329 31.21 7.88 17.21
N LEU B 330 32.06 6.86 17.31
CA LEU B 330 32.31 6.25 18.62
C LEU B 330 33.18 7.12 19.50
N TYR B 331 34.23 7.71 18.95
CA TYR B 331 35.25 8.40 19.73
C TYR B 331 35.19 9.90 19.46
N TRP B 332 35.06 10.68 20.53
CA TRP B 332 34.97 12.13 20.46
C TRP B 332 36.02 12.75 21.38
N LYS B 333 36.47 13.94 21.01
CA LYS B 333 37.47 14.64 21.80
C LYS B 333 36.82 15.64 22.74
N MET B 334 37.42 15.79 23.93
CA MET B 334 36.90 16.69 24.95
C MET B 334 37.20 18.15 24.61
N ALA B 342 44.92 12.33 29.77
CA ALA B 342 45.43 10.95 29.74
C ALA B 342 44.30 9.95 29.74
N ASP B 343 44.23 9.14 28.67
CA ASP B 343 43.22 8.10 28.46
C ASP B 343 41.83 8.55 28.89
N ASN B 344 41.43 9.76 28.52
CA ASN B 344 40.12 10.27 28.89
C ASN B 344 39.02 9.51 28.15
N ARG B 345 37.82 9.55 28.73
CA ARG B 345 36.69 8.85 28.16
C ARG B 345 36.08 9.64 27.01
N SER B 346 35.13 9.03 26.33
CA SER B 346 34.51 9.59 25.13
C SER B 346 33.05 9.89 25.42
N PHE B 347 32.64 11.13 25.19
CA PHE B 347 31.25 11.55 25.29
C PHE B 347 30.74 11.81 23.88
N ILE B 348 29.70 11.07 23.48
CA ILE B 348 29.32 11.03 22.07
C ILE B 348 28.76 12.36 21.61
N PHE B 349 27.90 12.99 22.42
CA PHE B 349 27.41 14.32 22.11
C PHE B 349 27.81 15.31 23.19
N TYR B 350 28.98 15.09 23.79
CA TYR B 350 29.43 15.74 25.03
C TYR B 350 28.52 15.43 26.20
N GLU B 351 27.56 14.53 26.01
CA GLU B 351 26.61 14.15 27.05
C GLU B 351 26.50 12.64 27.25
N ASN B 352 26.60 11.86 26.17
CA ASN B 352 26.44 10.41 26.25
C ASN B 352 27.81 9.77 26.45
N LEU B 353 28.02 9.16 27.61
CA LEU B 353 29.29 8.53 27.94
C LEU B 353 29.33 7.11 27.39
N LEU B 354 30.37 6.79 26.63
CA LEU B 354 30.54 5.44 26.11
C LEU B 354 31.00 4.51 27.23
N LEU B 355 30.28 3.40 27.39
CA LEU B 355 30.50 2.49 28.51
C LEU B 355 31.46 1.38 28.09
N GLY B 356 32.58 1.28 28.80
CA GLY B 356 33.54 0.22 28.52
C GLY B 356 34.09 0.33 27.11
N VAL B 357 34.12 -0.81 26.42
CA VAL B 357 34.63 -0.88 25.05
C VAL B 357 33.62 -1.59 24.17
N PRO B 358 33.55 -1.27 22.88
CA PRO B 358 32.66 -2.01 21.99
C PRO B 358 33.23 -3.37 21.63
N ARG B 359 32.35 -4.27 21.18
CA ARG B 359 32.75 -5.62 20.82
C ARG B 359 32.30 -5.95 19.41
N ILE B 360 33.17 -6.64 18.66
CA ILE B 360 32.85 -7.11 17.32
C ILE B 360 32.90 -8.63 17.32
N ARG B 361 32.03 -9.24 16.52
CA ARG B 361 31.92 -10.69 16.50
C ARG B 361 31.53 -11.16 15.10
N GLN B 362 31.92 -12.37 14.75
CA GLN B 362 31.56 -12.95 13.47
C GLN B 362 31.23 -14.43 13.61
N LEU B 363 30.36 -14.90 12.73
CA LEU B 363 29.96 -16.29 12.63
C LEU B 363 30.18 -16.76 11.20
N ARG B 364 30.83 -17.91 11.05
CA ARG B 364 31.21 -18.45 9.75
C ARG B 364 30.96 -19.94 9.71
N VAL B 365 31.07 -20.51 8.51
CA VAL B 365 30.77 -21.93 8.28
C VAL B 365 32.03 -22.63 7.80
N ARG B 366 31.93 -23.96 7.70
CA ARG B 366 33.05 -24.80 7.30
C ARG B 366 33.17 -24.90 5.79
N ASN B 367 34.39 -25.15 5.34
CA ASN B 367 34.64 -25.40 3.92
C ASN B 367 34.25 -26.83 3.56
N GLY B 368 33.66 -26.99 2.39
CA GLY B 368 33.21 -28.31 1.97
C GLY B 368 32.03 -28.84 2.74
N SER B 369 31.20 -27.96 3.28
CA SER B 369 30.03 -28.37 4.04
C SER B 369 28.81 -28.65 3.16
N CYS B 370 28.91 -28.40 1.86
CA CYS B 370 27.84 -28.71 0.92
C CYS B 370 28.21 -29.98 0.16
N SER B 371 27.40 -30.33 -0.84
CA SER B 371 27.66 -31.49 -1.70
C SER B 371 27.47 -31.06 -3.14
N ILE B 372 28.56 -30.95 -3.89
CA ILE B 372 28.50 -30.57 -5.30
C ILE B 372 28.38 -31.83 -6.15
N PRO B 373 27.72 -31.77 -7.30
CA PRO B 373 27.62 -32.95 -8.16
C PRO B 373 28.97 -33.36 -8.71
N GLN B 374 29.11 -34.66 -8.99
CA GLN B 374 30.35 -35.18 -9.54
C GLN B 374 30.63 -34.66 -10.94
N ASP B 375 29.61 -34.14 -11.64
CA ASP B 375 29.81 -33.62 -12.98
C ASP B 375 30.74 -32.40 -12.97
N LEU B 376 30.56 -31.52 -11.99
CA LEU B 376 31.33 -30.29 -11.90
C LEU B 376 32.35 -30.32 -10.76
N ARG B 377 32.85 -31.51 -10.44
CA ARG B 377 33.82 -31.67 -9.36
C ARG B 377 35.25 -31.33 -9.77
N ASP B 378 35.44 -30.68 -10.90
CA ASP B 378 36.75 -30.24 -11.36
C ASP B 378 36.88 -28.74 -11.45
N GLU B 379 35.86 -28.04 -11.96
CA GLU B 379 35.88 -26.59 -12.06
C GLU B 379 35.40 -25.91 -10.79
N ILE B 380 34.86 -26.66 -9.83
CA ILE B 380 34.43 -26.13 -8.55
C ILE B 380 35.09 -26.96 -7.46
N LYS B 381 35.93 -26.32 -6.65
CA LYS B 381 36.68 -27.02 -5.61
C LYS B 381 36.13 -26.76 -4.21
N GLU B 382 35.87 -25.51 -3.87
CA GLU B 382 35.42 -25.13 -2.54
C GLU B 382 33.96 -24.70 -2.59
N CYS B 383 33.25 -24.96 -1.48
CA CYS B 383 31.83 -24.66 -1.40
C CYS B 383 31.45 -24.48 0.06
N TYR B 384 30.65 -23.45 0.34
CA TYR B 384 30.18 -23.16 1.69
C TYR B 384 28.66 -23.14 1.69
N ASP B 385 28.07 -23.84 2.66
CA ASP B 385 26.62 -23.93 2.75
C ASP B 385 26.05 -22.71 3.46
N VAL B 386 24.73 -22.69 3.62
CA VAL B 386 24.06 -21.63 4.36
C VAL B 386 24.33 -21.83 5.84
N TYR B 387 24.05 -20.81 6.65
CA TYR B 387 24.35 -20.90 8.06
C TYR B 387 23.43 -21.89 8.77
N SER B 388 24.00 -22.65 9.69
CA SER B 388 23.29 -23.58 10.55
C SER B 388 24.27 -24.09 11.60
N VAL B 389 23.74 -24.42 12.78
CA VAL B 389 24.59 -24.92 13.85
C VAL B 389 25.25 -26.24 13.47
N SER B 390 24.66 -26.99 12.54
CA SER B 390 25.29 -28.20 12.04
C SER B 390 26.44 -27.93 11.09
N SER B 391 26.48 -26.75 10.46
CA SER B 391 27.46 -26.44 9.44
C SER B 391 28.45 -25.37 9.87
N GLU B 392 28.35 -24.89 11.11
CA GLU B 392 29.21 -23.79 11.54
C GLU B 392 30.61 -24.29 11.87
N ASP B 393 31.59 -23.41 11.69
CA ASP B 393 33.00 -23.74 11.87
C ASP B 393 33.40 -23.53 13.33
N ARG B 394 34.30 -24.40 13.82
CA ARG B 394 34.77 -24.30 15.19
C ARG B 394 36.29 -24.46 15.28
N ALA B 395 37.01 -24.32 14.18
CA ALA B 395 38.45 -24.57 14.19
C ALA B 395 39.21 -23.26 14.03
N PRO B 396 40.42 -23.17 14.58
CA PRO B 396 41.24 -21.97 14.39
C PRO B 396 41.58 -21.77 12.92
N PHE B 397 41.67 -20.50 12.52
CA PHE B 397 41.99 -20.17 11.13
C PHE B 397 42.91 -18.96 11.12
N GLY B 398 43.68 -18.87 10.05
CA GLY B 398 44.59 -17.76 9.86
C GLY B 398 45.68 -17.69 10.91
N PRO B 399 46.13 -16.48 11.22
CA PRO B 399 47.17 -16.32 12.24
C PRO B 399 46.63 -16.51 13.64
N ARG B 400 46.62 -17.75 14.12
CA ARG B 400 45.95 -18.04 15.39
C ARG B 400 46.73 -17.40 16.54
N ASN B 401 46.32 -16.19 16.91
CA ASN B 401 47.00 -15.39 17.91
C ASN B 401 46.18 -15.22 19.19
N GLY B 402 44.96 -14.72 19.08
CA GLY B 402 44.14 -14.45 20.24
C GLY B 402 42.71 -14.90 20.10
N THR B 403 41.79 -14.19 20.75
CA THR B 403 40.38 -14.57 20.72
C THR B 403 39.73 -14.30 19.38
N ALA B 404 40.34 -13.50 18.51
CA ALA B 404 39.75 -13.20 17.21
C ALA B 404 39.91 -14.34 16.20
N TRP B 405 40.77 -15.31 16.49
CA TRP B 405 41.00 -16.43 15.58
C TRP B 405 40.70 -17.78 16.22
N ILE B 406 40.02 -17.80 17.38
CA ILE B 406 39.72 -19.02 18.11
C ILE B 406 38.23 -19.05 18.41
N TYR B 407 37.61 -20.20 18.15
CA TYR B 407 36.18 -20.34 18.44
C TYR B 407 35.94 -20.26 19.94
N THR B 408 34.86 -19.56 20.32
CA THR B 408 34.46 -19.43 21.70
C THR B 408 33.01 -19.88 21.84
N SER B 409 32.74 -20.75 22.80
CA SER B 409 31.41 -21.30 22.97
C SER B 409 30.42 -20.24 23.45
N GLU B 410 29.13 -20.53 23.24
CA GLU B 410 28.10 -19.60 23.68
C GLU B 410 28.09 -19.44 25.19
N LYS B 411 28.28 -20.54 25.93
CA LYS B 411 28.29 -20.46 27.38
C LYS B 411 29.48 -19.64 27.88
N ASP B 412 30.65 -19.85 27.29
CA ASP B 412 31.83 -19.08 27.68
C ASP B 412 31.76 -17.63 27.22
N LEU B 413 30.84 -17.29 26.31
CA LEU B 413 30.69 -15.93 25.84
C LEU B 413 29.47 -15.24 26.43
N ASN B 414 28.60 -15.98 27.13
CA ASN B 414 27.39 -15.43 27.74
C ASN B 414 26.52 -14.71 26.71
N GLY B 415 26.27 -15.39 25.60
CA GLY B 415 25.44 -14.84 24.56
C GLY B 415 24.13 -15.59 24.39
N SER B 416 23.38 -15.27 23.34
CA SER B 416 22.12 -15.94 23.06
C SER B 416 21.80 -15.75 21.58
N SER B 417 20.70 -16.35 21.15
CA SER B 417 20.27 -16.24 19.77
C SER B 417 19.80 -14.82 19.47
N HIS B 418 19.66 -14.52 18.18
CA HIS B 418 19.27 -13.19 17.75
C HIS B 418 18.01 -13.15 16.89
N TRP B 419 17.77 -14.15 16.05
CA TRP B 419 16.68 -14.15 15.08
C TRP B 419 16.80 -12.96 14.11
N GLY B 420 17.86 -13.04 13.30
CA GLY B 420 18.08 -12.05 12.27
C GLY B 420 17.08 -12.14 11.14
N ILE B 421 17.43 -11.56 9.99
CA ILE B 421 16.49 -11.54 8.86
C ILE B 421 16.51 -12.87 8.11
N ILE B 422 17.70 -13.38 7.81
CA ILE B 422 17.80 -14.60 7.02
C ILE B 422 17.68 -15.84 7.89
N ALA B 423 18.35 -15.85 9.04
CA ALA B 423 18.38 -17.02 9.90
C ALA B 423 18.42 -16.58 11.36
N THR B 424 18.52 -17.56 12.25
CA THR B 424 18.65 -17.32 13.69
C THR B 424 20.06 -17.71 14.10
N TYR B 425 20.87 -16.70 14.43
CA TYR B 425 22.28 -16.91 14.69
C TYR B 425 22.53 -17.19 16.16
N SER B 426 23.54 -18.00 16.43
CA SER B 426 23.88 -18.40 17.79
C SER B 426 24.64 -17.27 18.49
N GLY B 427 24.90 -17.47 19.78
CA GLY B 427 25.66 -16.52 20.56
C GLY B 427 27.15 -16.75 20.58
N ALA B 428 27.64 -17.73 19.83
CA ALA B 428 29.06 -18.05 19.77
C ALA B 428 29.70 -17.38 18.57
N GLY B 429 30.95 -17.72 18.28
CA GLY B 429 31.64 -17.20 17.13
C GLY B 429 33.03 -16.72 17.51
N TYR B 430 33.61 -15.92 16.62
CA TYR B 430 34.94 -15.35 16.82
C TYR B 430 34.78 -13.87 17.13
N TYR B 431 35.27 -13.45 18.29
CA TYR B 431 35.00 -12.11 18.79
C TYR B 431 36.30 -11.38 19.13
N LEU B 432 36.21 -10.06 19.14
CA LEU B 432 37.30 -9.20 19.55
C LEU B 432 36.75 -7.99 20.30
N ASP B 433 37.44 -7.62 21.38
CA ASP B 433 37.10 -6.45 22.18
C ASP B 433 38.00 -5.30 21.78
N LEU B 434 37.39 -4.18 21.40
CA LEU B 434 38.14 -3.01 20.95
C LEU B 434 38.67 -2.25 22.16
N SER B 435 39.21 -1.06 21.94
CA SER B 435 39.85 -0.26 22.98
C SER B 435 39.02 0.97 23.30
N ARG B 436 39.47 1.72 24.30
CA ARG B 436 38.79 2.93 24.76
C ARG B 436 39.20 4.18 23.98
N THR B 437 40.24 4.09 23.15
CA THR B 437 40.73 5.22 22.38
C THR B 437 40.73 4.87 20.90
N ARG B 438 40.64 5.90 20.06
CA ARG B 438 40.53 5.68 18.63
C ARG B 438 41.82 5.12 18.05
N GLU B 439 42.97 5.54 18.57
CA GLU B 439 44.25 5.13 17.99
C GLU B 439 44.46 3.64 18.08
N GLU B 440 44.14 3.01 19.21
CA GLU B 440 44.31 1.58 19.37
C GLU B 440 43.26 0.77 18.62
N THR B 441 42.01 1.23 18.63
CA THR B 441 40.96 0.53 17.88
C THR B 441 41.24 0.56 16.39
N ALA B 442 41.74 1.68 15.88
CA ALA B 442 42.07 1.76 14.46
C ALA B 442 43.18 0.77 14.10
N ALA B 443 44.20 0.67 14.94
CA ALA B 443 45.26 -0.30 14.69
C ALA B 443 44.74 -1.73 14.73
N GLN B 444 43.86 -2.02 15.70
CA GLN B 444 43.29 -3.36 15.79
C GLN B 444 42.47 -3.70 14.55
N VAL B 445 41.66 -2.76 14.08
CA VAL B 445 40.85 -3.01 12.89
C VAL B 445 41.71 -3.14 11.65
N ALA B 446 42.78 -2.34 11.55
CA ALA B 446 43.70 -2.48 10.43
C ALA B 446 44.39 -3.84 10.44
N SER B 447 44.77 -4.33 11.62
CA SER B 447 45.36 -5.66 11.71
C SER B 447 44.35 -6.73 11.33
N LEU B 448 43.09 -6.57 11.74
CA LEU B 448 42.05 -7.52 11.36
C LEU B 448 41.79 -7.50 9.86
N LYS B 449 41.97 -6.35 9.22
CA LYS B 449 41.76 -6.27 7.78
C LYS B 449 42.94 -6.84 7.00
N LYS B 450 44.16 -6.61 7.48
CA LYS B 450 45.35 -7.09 6.77
C LYS B 450 45.35 -8.61 6.67
N ASN B 451 45.44 -9.28 7.82
CA ASN B 451 45.21 -10.72 7.86
C ASN B 451 43.73 -10.98 7.60
N VAL B 452 43.42 -11.72 6.56
CA VAL B 452 42.05 -11.77 6.05
C VAL B 452 41.13 -12.40 7.10
N TRP B 453 40.31 -11.55 7.74
CA TRP B 453 39.39 -12.00 8.77
C TRP B 453 37.98 -12.22 8.25
N LEU B 454 37.63 -11.62 7.11
CA LEU B 454 36.34 -11.83 6.47
C LEU B 454 36.59 -12.54 5.15
N ASP B 455 36.32 -13.85 5.12
CA ASP B 455 36.41 -14.64 3.91
C ASP B 455 35.02 -14.76 3.30
N ARG B 456 34.87 -15.61 2.29
CA ARG B 456 33.55 -15.91 1.76
C ARG B 456 32.83 -16.98 2.56
N GLY B 457 33.50 -17.55 3.57
CA GLY B 457 32.83 -18.41 4.53
C GLY B 457 32.13 -17.68 5.65
N THR B 458 32.33 -16.38 5.76
CA THR B 458 31.69 -15.58 6.80
C THR B 458 30.19 -15.48 6.53
N ARG B 459 29.40 -15.66 7.58
CA ARG B 459 27.94 -15.64 7.47
C ARG B 459 27.28 -14.48 8.20
N ALA B 460 27.84 -14.02 9.32
CA ALA B 460 27.22 -12.91 10.04
C ALA B 460 28.27 -12.14 10.81
N THR B 461 27.99 -10.85 11.07
CA THR B 461 28.86 -10.00 11.86
C THR B 461 28.03 -9.09 12.75
N PHE B 462 28.44 -8.96 14.01
CA PHE B 462 27.76 -8.17 15.02
C PHE B 462 28.71 -7.12 15.60
N ILE B 463 28.17 -5.94 15.88
CA ILE B 463 28.88 -4.90 16.61
C ILE B 463 27.98 -4.43 17.74
N ASP B 464 28.52 -4.38 18.97
CA ASP B 464 27.72 -4.07 20.14
C ASP B 464 28.42 -3.04 21.02
N PHE B 465 27.63 -2.10 21.55
CA PHE B 465 28.14 -1.18 22.58
C PHE B 465 26.96 -0.52 23.29
N SER B 466 27.27 0.37 24.24
CA SER B 466 26.26 1.03 25.05
C SER B 466 26.76 2.40 25.49
N VAL B 467 25.80 3.28 25.78
CA VAL B 467 26.08 4.64 26.28
C VAL B 467 25.12 4.92 27.44
N TYR B 468 25.43 5.97 28.21
CA TYR B 468 24.66 6.28 29.41
C TYR B 468 23.88 7.58 29.35
N ASN B 469 24.52 8.71 29.07
CA ASN B 469 23.85 10.03 29.04
C ASN B 469 23.21 10.36 30.40
N ALA B 470 24.08 10.62 31.37
CA ALA B 470 23.67 10.87 32.75
C ALA B 470 22.68 12.00 32.94
N ASN B 471 22.47 12.86 31.93
CA ASN B 471 21.56 13.99 32.10
C ASN B 471 20.15 13.51 32.45
N ILE B 472 19.62 12.60 31.64
CA ILE B 472 18.42 11.86 31.99
C ILE B 472 18.83 10.41 32.22
N ASN B 473 18.43 9.85 33.34
CA ASN B 473 18.97 8.55 33.74
C ASN B 473 18.41 7.45 32.84
N LEU B 474 19.09 7.18 31.72
CA LEU B 474 18.55 6.26 30.72
C LEU B 474 19.71 5.74 29.87
N PHE B 475 20.03 4.45 30.01
CA PHE B 475 21.05 3.82 29.19
C PHE B 475 20.54 3.64 27.76
N CYS B 476 21.47 3.37 26.85
CA CYS B 476 21.13 3.05 25.47
C CYS B 476 22.04 1.93 24.99
N VAL B 477 21.43 0.87 24.45
CA VAL B 477 22.16 -0.29 23.95
C VAL B 477 22.06 -0.30 22.43
N VAL B 478 23.21 -0.38 21.77
CA VAL B 478 23.29 -0.32 20.31
C VAL B 478 23.86 -1.63 19.80
N ARG B 479 23.14 -2.25 18.87
CA ARG B 479 23.58 -3.47 18.19
C ARG B 479 23.41 -3.29 16.68
N LEU B 480 24.46 -3.58 15.92
CA LEU B 480 24.42 -3.52 14.47
C LEU B 480 24.79 -4.89 13.91
N LEU B 481 23.96 -5.39 13.00
CA LEU B 481 24.15 -6.71 12.41
C LEU B 481 24.29 -6.59 10.91
N VAL B 482 25.24 -7.33 10.34
CA VAL B 482 25.43 -7.42 8.90
C VAL B 482 25.46 -8.89 8.52
N GLU B 483 24.54 -9.29 7.65
CA GLU B 483 24.41 -10.68 7.23
C GLU B 483 24.96 -10.86 5.83
N PHE B 484 25.71 -11.94 5.64
CA PHE B 484 26.26 -12.28 4.33
C PHE B 484 25.63 -13.59 3.86
N PRO B 485 24.58 -13.55 3.05
CA PRO B 485 23.93 -14.78 2.61
C PRO B 485 24.82 -15.59 1.68
N ALA B 486 24.51 -16.88 1.58
CA ALA B 486 25.29 -17.79 0.76
C ALA B 486 25.20 -17.46 -0.71
N THR B 487 24.20 -16.69 -1.13
CA THR B 487 24.03 -16.30 -2.52
C THR B 487 24.74 -15.00 -2.87
N GLY B 488 25.45 -14.41 -1.94
CA GLY B 488 26.12 -13.15 -2.15
C GLY B 488 25.28 -11.96 -1.69
N GLY B 489 25.94 -10.82 -1.53
CA GLY B 489 25.29 -9.62 -1.07
C GLY B 489 25.49 -9.38 0.42
N VAL B 490 24.92 -8.28 0.88
CA VAL B 490 25.02 -7.85 2.27
C VAL B 490 23.66 -7.34 2.72
N ILE B 491 23.24 -7.75 3.92
CA ILE B 491 21.97 -7.27 4.49
C ILE B 491 22.24 -6.62 5.84
N PRO B 492 22.07 -5.30 5.96
CA PRO B 492 22.27 -4.64 7.25
C PRO B 492 20.99 -4.51 8.07
N SER B 493 21.18 -4.45 9.39
CA SER B 493 20.08 -4.20 10.32
C SER B 493 20.68 -3.60 11.59
N TRP B 494 19.81 -2.98 12.38
CA TRP B 494 20.26 -2.21 13.53
C TRP B 494 19.24 -2.31 14.65
N GLN B 495 19.66 -1.89 15.85
CA GLN B 495 18.78 -1.88 17.01
C GLN B 495 19.33 -0.90 18.03
N PHE B 496 18.54 0.10 18.39
CA PHE B 496 18.86 1.09 19.42
C PHE B 496 17.78 1.01 20.49
N GLN B 497 18.14 0.55 21.69
CA GLN B 497 17.17 0.30 22.74
C GLN B 497 17.48 1.09 23.99
N PRO B 498 16.62 2.03 24.41
CA PRO B 498 16.82 2.70 25.68
C PRO B 498 16.39 1.84 26.86
N LEU B 499 17.08 2.01 27.98
CA LEU B 499 16.85 1.24 29.19
C LEU B 499 16.91 2.14 30.41
N LYS B 500 16.38 1.63 31.52
CA LYS B 500 16.41 2.33 32.80
C LYS B 500 16.73 1.31 33.88
N LEU B 501 17.91 1.40 34.47
CA LEU B 501 18.40 0.40 35.41
C LEU B 501 18.72 0.96 36.79
N ILE B 502 18.61 2.27 36.99
CA ILE B 502 18.94 2.91 38.26
C ILE B 502 17.71 3.64 38.77
N ARG B 503 16.53 3.03 38.55
CA ARG B 503 15.23 3.68 38.64
C ARG B 503 15.09 4.69 39.78
N TYR B 504 15.25 4.26 41.02
CA TYR B 504 14.88 5.08 42.18
C TYR B 504 15.90 6.18 42.39
N VAL B 505 15.71 7.31 41.69
CA VAL B 505 16.58 8.46 41.84
C VAL B 505 15.76 9.68 42.27
N THR B 506 14.50 9.74 41.85
CA THR B 506 13.66 10.91 42.06
C THR B 506 12.33 10.50 42.68
N THR B 507 11.60 11.51 43.16
CA THR B 507 10.32 11.25 43.81
C THR B 507 9.29 10.68 42.85
N PHE B 508 9.35 11.08 41.57
CA PHE B 508 8.43 10.50 40.58
C PHE B 508 8.66 9.00 40.44
N ASP B 509 9.90 8.55 40.61
CA ASP B 509 10.18 7.12 40.58
C ASP B 509 9.49 6.39 41.73
N PHE B 510 9.51 6.99 42.92
CA PHE B 510 8.79 6.41 44.06
C PHE B 510 7.30 6.40 43.81
N PHE B 511 6.77 7.46 43.19
CA PHE B 511 5.36 7.48 42.83
C PHE B 511 5.03 6.35 41.87
N LEU B 512 5.88 6.13 40.88
CA LEU B 512 5.66 5.04 39.92
C LEU B 512 5.72 3.67 40.61
N ALA B 513 6.65 3.51 41.56
CA ALA B 513 6.72 2.25 42.30
C ALA B 513 5.45 2.01 43.11
N ALA B 514 4.95 3.05 43.77
CA ALA B 514 3.70 2.91 44.51
C ALA B 514 2.54 2.57 43.57
N CYS B 515 2.50 3.19 42.40
CA CYS B 515 1.46 2.87 41.43
C CYS B 515 1.58 1.43 40.94
N GLU B 516 2.80 0.93 40.78
CA GLU B 516 2.99 -0.46 40.39
C GLU B 516 2.47 -1.41 41.47
N ILE B 517 2.72 -1.08 42.73
CA ILE B 517 2.20 -1.90 43.83
C ILE B 517 0.67 -1.89 43.81
N ILE B 518 0.08 -0.72 43.59
CA ILE B 518 -1.38 -0.61 43.51
C ILE B 518 -1.90 -1.45 42.35
N PHE B 519 -1.19 -1.44 41.22
CA PHE B 519 -1.60 -2.25 40.07
C PHE B 519 -1.56 -3.74 40.41
N CYS B 520 -0.52 -4.18 41.12
CA CYS B 520 -0.45 -5.58 41.53
C CYS B 520 -1.62 -5.94 42.44
N PHE B 521 -1.95 -5.05 43.37
CA PHE B 521 -3.10 -5.30 44.24
C PHE B 521 -4.40 -5.38 43.45
N PHE B 522 -4.56 -4.50 42.45
CA PHE B 522 -5.74 -4.54 41.61
C PHE B 522 -5.84 -5.86 40.85
N ILE B 523 -4.72 -6.33 40.32
CA ILE B 523 -4.73 -7.60 39.58
C ILE B 523 -5.07 -8.75 40.52
N PHE B 524 -4.54 -8.73 41.74
CA PHE B 524 -4.87 -9.76 42.71
C PHE B 524 -6.37 -9.75 43.02
N TYR B 525 -6.94 -8.56 43.24
CA TYR B 525 -8.37 -8.47 43.52
C TYR B 525 -9.19 -8.98 42.33
N TYR B 526 -8.79 -8.63 41.11
CA TYR B 526 -9.53 -9.08 39.94
C TYR B 526 -9.48 -10.59 39.77
N VAL B 527 -8.31 -11.20 40.00
CA VAL B 527 -8.22 -12.64 39.87
C VAL B 527 -9.00 -13.33 40.98
N VAL B 528 -9.02 -12.76 42.19
CA VAL B 528 -9.82 -13.32 43.26
C VAL B 528 -11.30 -13.28 42.90
N GLU B 529 -11.76 -12.15 42.37
CA GLU B 529 -13.16 -12.03 41.97
C GLU B 529 -13.50 -13.00 40.84
N GLU B 530 -12.59 -13.17 39.88
CA GLU B 530 -12.81 -14.12 38.80
C GLU B 530 -12.91 -15.55 39.32
N ILE B 531 -12.04 -15.93 40.25
CA ILE B 531 -12.13 -17.25 40.87
C ILE B 531 -13.44 -17.42 41.63
N LEU B 532 -13.89 -16.39 42.35
CA LEU B 532 -15.16 -16.47 43.05
C LEU B 532 -16.32 -16.65 42.07
N GLU B 533 -16.29 -15.93 40.95
CA GLU B 533 -17.37 -16.03 39.98
C GLU B 533 -17.33 -17.30 39.15
N ILE B 534 -16.19 -17.98 39.07
CA ILE B 534 -16.11 -19.25 38.35
C ILE B 534 -16.27 -20.45 39.29
N ARG B 535 -16.18 -20.25 40.60
CA ARG B 535 -16.19 -21.35 41.56
C ARG B 535 -17.46 -22.18 41.46
N ILE B 536 -18.62 -21.60 41.78
CA ILE B 536 -19.87 -22.35 41.78
C ILE B 536 -20.90 -21.67 40.88
N HIS B 537 -21.04 -20.36 41.02
CA HIS B 537 -22.04 -19.62 40.27
C HIS B 537 -21.67 -19.65 38.79
N LYS B 538 -22.62 -20.05 37.94
CA LYS B 538 -22.42 -20.10 36.50
C LYS B 538 -21.19 -20.92 36.13
N LEU B 539 -21.30 -22.23 36.40
CA LEU B 539 -20.16 -23.13 36.21
C LEU B 539 -19.62 -23.08 34.79
N HIS B 540 -20.49 -22.88 33.79
CA HIS B 540 -20.01 -22.79 32.41
C HIS B 540 -19.20 -21.53 32.19
N TYR B 541 -19.84 -20.37 32.35
CA TYR B 541 -19.18 -19.07 32.52
C TYR B 541 -18.45 -18.57 31.28
N PHE B 542 -18.36 -19.38 30.22
CA PHE B 542 -17.58 -19.01 29.05
C PHE B 542 -18.41 -18.38 27.94
N ARG B 543 -19.73 -18.40 28.04
CA ARG B 543 -20.59 -17.86 26.99
C ARG B 543 -21.02 -16.43 27.31
N SER B 544 -20.05 -15.55 27.49
CA SER B 544 -20.36 -14.14 27.75
C SER B 544 -19.53 -13.19 26.89
N PHE B 545 -18.33 -13.64 26.51
CA PHE B 545 -17.35 -12.87 25.74
C PHE B 545 -16.74 -11.76 26.58
N TRP B 546 -17.29 -11.52 27.76
CA TRP B 546 -16.68 -10.60 28.72
C TRP B 546 -15.82 -11.33 29.74
N ASN B 547 -16.23 -12.55 30.12
CA ASN B 547 -15.39 -13.38 30.97
C ASN B 547 -14.11 -13.77 30.23
N CYS B 548 -14.21 -14.06 28.93
CA CYS B 548 -13.02 -14.35 28.15
C CYS B 548 -12.08 -13.15 28.10
N LEU B 549 -12.64 -11.95 27.92
CA LEU B 549 -11.81 -10.75 27.94
C LEU B 549 -11.16 -10.55 29.30
N ASP B 550 -11.91 -10.79 30.38
CA ASP B 550 -11.35 -10.64 31.72
C ASP B 550 -10.20 -11.61 31.97
N VAL B 551 -10.38 -12.88 31.57
CA VAL B 551 -9.30 -13.85 31.79
C VAL B 551 -8.10 -13.54 30.90
N VAL B 552 -8.33 -13.04 29.69
CA VAL B 552 -7.21 -12.62 28.83
C VAL B 552 -6.44 -11.49 29.49
N ILE B 553 -7.17 -10.49 30.02
CA ILE B 553 -6.51 -9.37 30.69
C ILE B 553 -5.71 -9.86 31.89
N VAL B 554 -6.28 -10.76 32.69
CA VAL B 554 -5.60 -11.26 33.87
C VAL B 554 -4.34 -12.03 33.48
N VAL B 555 -4.43 -12.87 32.44
CA VAL B 555 -3.28 -13.64 32.00
C VAL B 555 -2.17 -12.72 31.53
N LEU B 556 -2.51 -11.73 30.71
CA LEU B 556 -1.51 -10.79 30.22
C LEU B 556 -0.89 -10.01 31.37
N SER B 557 -1.71 -9.60 32.34
CA SER B 557 -1.19 -8.83 33.47
C SER B 557 -0.23 -9.66 34.32
N VAL B 558 -0.58 -10.92 34.60
CA VAL B 558 0.31 -11.74 35.42
C VAL B 558 1.59 -12.06 34.65
N VAL B 559 1.50 -12.26 33.34
CA VAL B 559 2.71 -12.49 32.55
C VAL B 559 3.61 -11.26 32.61
N ALA B 560 3.03 -10.07 32.47
CA ALA B 560 3.82 -8.84 32.54
C ALA B 560 4.46 -8.66 33.92
N ILE B 561 3.70 -8.96 34.98
CA ILE B 561 4.23 -8.84 36.34
C ILE B 561 5.40 -9.80 36.54
N GLY B 562 5.25 -11.04 36.07
CA GLY B 562 6.34 -12.00 36.19
C GLY B 562 7.57 -11.59 35.41
N ILE B 563 7.37 -11.08 34.19
CA ILE B 563 8.50 -10.60 33.39
C ILE B 563 9.21 -9.46 34.10
N ASN B 564 8.44 -8.51 34.63
CA ASN B 564 9.05 -7.38 35.34
C ASN B 564 9.84 -7.84 36.55
N ILE B 565 9.27 -8.75 37.34
CA ILE B 565 9.94 -9.23 38.55
C ILE B 565 11.22 -9.97 38.19
N TYR B 566 11.16 -10.83 37.17
CA TYR B 566 12.35 -11.56 36.76
C TYR B 566 13.40 -10.65 36.12
N ARG B 567 12.99 -9.52 35.55
CA ARG B 567 13.93 -8.64 34.87
C ARG B 567 14.61 -7.66 35.83
N THR B 568 13.86 -7.00 36.71
CA THR B 568 14.49 -6.01 37.59
C THR B 568 15.35 -6.64 38.67
N SER B 569 15.11 -7.90 39.00
CA SER B 569 15.88 -8.59 40.05
C SER B 569 17.11 -9.28 39.51
N ASN B 570 17.40 -9.17 38.22
CA ASN B 570 18.58 -9.77 37.61
C ASN B 570 19.39 -8.63 36.99
N VAL B 571 20.21 -7.98 37.82
CA VAL B 571 21.01 -6.85 37.35
C VAL B 571 22.45 -7.00 37.79
N GLU B 572 22.92 -8.25 37.96
CA GLU B 572 24.32 -8.45 38.34
C GLU B 572 25.27 -8.00 37.25
N VAL B 573 24.78 -7.89 36.01
CA VAL B 573 25.64 -7.41 34.92
C VAL B 573 26.08 -5.98 35.18
N LEU B 574 25.15 -5.14 35.66
CA LEU B 574 25.49 -3.75 35.96
C LEU B 574 26.52 -3.66 37.07
N LEU B 575 26.37 -4.45 38.13
CA LEU B 575 27.33 -4.43 39.22
C LEU B 575 28.70 -4.95 38.77
N GLN B 576 28.71 -6.00 37.95
CA GLN B 576 29.97 -6.52 37.44
C GLN B 576 30.68 -5.50 36.56
N PHE B 577 29.92 -4.78 35.73
CA PHE B 577 30.53 -3.73 34.92
C PHE B 577 31.06 -2.60 35.80
N LEU B 578 30.29 -2.20 36.82
CA LEU B 578 30.74 -1.13 37.69
C LEU B 578 31.95 -1.51 38.53
N GLU B 579 32.17 -2.81 38.75
CA GLU B 579 33.36 -3.23 39.47
C GLU B 579 34.62 -2.91 38.68
N ASP B 580 34.60 -3.12 37.37
CA ASP B 580 35.72 -2.78 36.50
C ASP B 580 35.15 -2.26 35.19
N GLN B 581 35.39 -0.98 34.91
CA GLN B 581 34.78 -0.29 33.77
C GLN B 581 35.69 -0.26 32.56
N ASN B 582 36.52 -1.29 32.37
CA ASN B 582 37.35 -1.41 31.18
C ASN B 582 37.03 -2.70 30.42
N THR B 583 35.80 -3.18 30.53
CA THR B 583 35.36 -4.40 29.90
C THR B 583 34.03 -4.16 29.20
N PHE B 584 33.64 -5.11 28.36
CA PHE B 584 32.41 -4.99 27.59
C PHE B 584 31.20 -5.13 28.50
N PRO B 585 30.29 -4.15 28.54
CA PRO B 585 29.06 -4.29 29.35
C PRO B 585 28.04 -5.14 28.60
N ASN B 586 27.64 -6.24 29.22
CA ASN B 586 26.77 -7.24 28.59
C ASN B 586 25.31 -6.89 28.90
N PHE B 587 24.64 -6.23 27.95
CA PHE B 587 23.32 -5.67 28.20
C PHE B 587 22.27 -6.08 27.17
N GLU B 588 22.43 -7.20 26.48
CA GLU B 588 21.44 -7.53 25.46
C GLU B 588 20.22 -8.25 26.02
N HIS B 589 20.40 -9.07 27.06
CA HIS B 589 19.25 -9.75 27.66
C HIS B 589 18.27 -8.75 28.25
N LEU B 590 18.79 -7.70 28.89
CA LEU B 590 17.92 -6.67 29.46
C LEU B 590 17.11 -5.98 28.37
N ALA B 591 17.74 -5.67 27.24
CA ALA B 591 17.03 -5.03 26.15
C ALA B 591 15.96 -5.95 25.57
N TYR B 592 16.29 -7.24 25.41
CA TYR B 592 15.31 -8.19 24.89
C TYR B 592 14.10 -8.28 25.80
N TRP B 593 14.33 -8.40 27.11
CA TRP B 593 13.20 -8.52 28.02
C TRP B 593 12.43 -7.21 28.13
N GLN B 594 13.10 -6.07 27.98
CA GLN B 594 12.39 -4.80 27.94
C GLN B 594 11.47 -4.73 26.75
N ILE B 595 11.93 -5.19 25.58
CA ILE B 595 11.06 -5.20 24.40
C ILE B 595 9.86 -6.11 24.62
N GLN B 596 10.09 -7.30 25.18
CA GLN B 596 8.98 -8.21 25.46
C GLN B 596 7.97 -7.58 26.41
N PHE B 597 8.46 -6.94 27.47
CA PHE B 597 7.58 -6.29 28.43
C PHE B 597 6.79 -5.16 27.79
N ASN B 598 7.44 -4.40 26.91
CA ASN B 598 6.75 -3.31 26.21
C ASN B 598 5.60 -3.85 25.37
N ASN B 599 5.85 -4.93 24.62
CA ASN B 599 4.79 -5.52 23.80
C ASN B 599 3.63 -5.99 24.65
N ILE B 600 3.94 -6.70 25.75
CA ILE B 600 2.88 -7.22 26.62
C ILE B 600 2.07 -6.09 27.22
N ALA B 601 2.74 -5.04 27.69
CA ALA B 601 2.05 -3.91 28.29
C ALA B 601 1.16 -3.19 27.28
N ALA B 602 1.65 -3.02 26.05
CA ALA B 602 0.84 -2.36 25.03
C ALA B 602 -0.43 -3.15 24.75
N VAL B 603 -0.30 -4.47 24.59
CA VAL B 603 -1.49 -5.29 24.32
C VAL B 603 -2.46 -5.25 25.49
N THR B 604 -1.92 -5.31 26.72
CA THR B 604 -2.78 -5.26 27.91
C THR B 604 -3.55 -3.95 27.97
N VAL B 605 -2.89 -2.83 27.70
CA VAL B 605 -3.55 -1.54 27.72
C VAL B 605 -4.64 -1.49 26.66
N PHE B 606 -4.35 -2.00 25.46
CA PHE B 606 -5.34 -2.00 24.40
C PHE B 606 -6.59 -2.77 24.82
N PHE B 607 -6.41 -3.96 25.40
CA PHE B 607 -7.58 -4.75 25.78
C PHE B 607 -8.33 -4.13 26.96
N VAL B 608 -7.61 -3.53 27.90
CA VAL B 608 -8.26 -2.84 29.01
C VAL B 608 -9.14 -1.70 28.49
N TRP B 609 -8.63 -0.95 27.51
CA TRP B 609 -9.43 0.12 26.93
C TRP B 609 -10.63 -0.43 26.18
N ILE B 610 -10.46 -1.56 25.48
CA ILE B 610 -11.58 -2.18 24.78
C ILE B 610 -12.66 -2.61 25.77
N LYS B 611 -12.27 -3.05 26.97
CA LYS B 611 -13.23 -3.51 27.97
C LYS B 611 -14.24 -2.45 28.38
N LEU B 612 -14.06 -1.19 27.97
CA LEU B 612 -14.97 -0.12 28.38
C LEU B 612 -16.38 -0.30 27.81
N PHE B 613 -16.54 -1.10 26.74
CA PHE B 613 -17.85 -1.25 26.12
C PHE B 613 -18.87 -1.91 27.04
N LYS B 614 -18.42 -2.53 28.14
CA LYS B 614 -19.32 -3.21 29.04
C LYS B 614 -20.25 -2.26 29.79
N PHE B 615 -19.97 -0.95 29.77
CA PHE B 615 -20.69 0.00 30.59
C PHE B 615 -21.41 1.10 29.81
N ILE B 616 -21.23 1.19 28.50
CA ILE B 616 -21.87 2.26 27.70
C ILE B 616 -23.22 1.74 27.23
N ASN B 617 -24.19 1.79 28.14
CA ASN B 617 -25.58 1.49 27.83
C ASN B 617 -26.51 2.42 28.59
N PHE B 618 -26.17 3.71 28.64
CA PHE B 618 -26.88 4.64 29.50
C PHE B 618 -28.21 5.12 28.92
N ASN B 619 -28.50 4.82 27.66
CA ASN B 619 -29.78 5.21 27.08
C ASN B 619 -30.17 4.18 26.02
N ARG B 620 -31.26 4.47 25.31
CA ARG B 620 -31.80 3.53 24.33
C ARG B 620 -31.04 3.55 23.01
N THR B 621 -30.26 4.61 22.74
CA THR B 621 -29.54 4.68 21.48
C THR B 621 -28.37 3.70 21.44
N MET B 622 -27.58 3.63 22.52
CA MET B 622 -26.43 2.74 22.53
C MET B 622 -26.83 1.28 22.69
N SER B 623 -27.96 1.02 23.37
CA SER B 623 -28.40 -0.35 23.55
C SER B 623 -28.71 -1.02 22.22
N GLN B 624 -29.39 -0.31 21.32
CA GLN B 624 -29.72 -0.89 20.03
C GLN B 624 -28.48 -1.06 19.16
N LEU B 625 -27.51 -0.15 19.25
CA LEU B 625 -26.27 -0.31 18.50
C LEU B 625 -25.50 -1.53 18.97
N SER B 626 -25.39 -1.71 20.29
CA SER B 626 -24.70 -2.88 20.82
C SER B 626 -25.44 -4.17 20.47
N THR B 627 -26.77 -4.13 20.51
CA THR B 627 -27.56 -5.30 20.10
C THR B 627 -27.33 -5.62 18.64
N THR B 628 -27.26 -4.59 17.79
CA THR B 628 -26.99 -4.81 16.37
C THR B 628 -25.64 -5.49 16.17
N MET B 629 -24.61 -4.98 16.84
CA MET B 629 -23.28 -5.56 16.70
C MET B 629 -23.27 -7.02 17.17
N SER B 630 -23.86 -7.28 18.34
CA SER B 630 -23.85 -8.65 18.88
C SER B 630 -24.66 -9.60 18.02
N ARG B 631 -25.74 -9.13 17.40
CA ARG B 631 -26.55 -9.98 16.55
C ARG B 631 -25.92 -10.23 15.20
N CYS B 632 -25.19 -9.25 14.64
CA CYS B 632 -24.59 -9.42 13.34
C CYS B 632 -23.19 -10.04 13.37
N ALA B 633 -22.60 -10.18 14.56
CA ALA B 633 -21.26 -10.78 14.64
C ALA B 633 -21.25 -12.21 14.10
N LYS B 634 -22.29 -12.99 14.41
CA LYS B 634 -22.32 -14.38 14.01
C LYS B 634 -22.40 -14.57 12.50
N ASP B 635 -22.99 -13.62 11.78
CA ASP B 635 -23.01 -13.67 10.32
C ASP B 635 -21.75 -13.05 9.73
N LEU B 636 -21.21 -12.03 10.38
CA LEU B 636 -19.97 -11.43 9.91
C LEU B 636 -18.83 -12.44 9.95
N PHE B 637 -18.80 -13.29 10.99
CA PHE B 637 -17.78 -14.33 11.06
C PHE B 637 -17.93 -15.32 9.89
N GLY B 638 -19.16 -15.74 9.63
CA GLY B 638 -19.39 -16.69 8.55
C GLY B 638 -18.98 -16.16 7.20
N PHE B 639 -19.25 -14.88 6.95
CA PHE B 639 -18.81 -14.31 5.68
C PHE B 639 -17.32 -14.01 5.66
N ALA B 640 -16.74 -13.66 6.82
CA ALA B 640 -15.31 -13.39 6.88
C ALA B 640 -14.50 -14.64 6.58
N ILE B 641 -15.04 -15.82 6.88
CA ILE B 641 -14.34 -17.05 6.52
C ILE B 641 -14.14 -17.11 5.01
N MET B 642 -15.20 -16.89 4.23
CA MET B 642 -15.07 -16.89 2.77
C MET B 642 -14.17 -15.76 2.29
N PHE B 643 -14.32 -14.58 2.89
CA PHE B 643 -13.49 -13.45 2.49
C PHE B 643 -12.01 -13.76 2.67
N PHE B 644 -11.65 -14.37 3.80
CA PHE B 644 -10.25 -14.68 4.05
C PHE B 644 -9.76 -15.84 3.21
N ILE B 645 -10.63 -16.79 2.86
CA ILE B 645 -10.21 -17.85 1.94
C ILE B 645 -9.85 -17.26 0.58
N ILE B 646 -10.68 -16.37 0.07
CA ILE B 646 -10.38 -15.72 -1.22
C ILE B 646 -9.12 -14.85 -1.10
N PHE B 647 -8.99 -14.15 0.04
CA PHE B 647 -7.81 -13.33 0.27
C PHE B 647 -6.53 -14.16 0.22
N LEU B 648 -6.53 -15.31 0.89
CA LEU B 648 -5.36 -16.17 0.90
C LEU B 648 -5.10 -16.80 -0.46
N ALA B 649 -6.15 -17.11 -1.22
CA ALA B 649 -5.94 -17.59 -2.58
C ALA B 649 -5.22 -16.55 -3.43
N TYR B 650 -5.68 -15.30 -3.37
CA TYR B 650 -5.00 -14.25 -4.11
C TYR B 650 -3.56 -14.07 -3.62
N ALA B 651 -3.36 -14.13 -2.30
CA ALA B 651 -2.02 -13.94 -1.75
C ALA B 651 -1.07 -15.03 -2.21
N GLN B 652 -1.52 -16.28 -2.23
CA GLN B 652 -0.64 -17.37 -2.65
C GLN B 652 -0.36 -17.29 -4.15
N LEU B 653 -1.34 -16.88 -4.94
CA LEU B 653 -1.09 -16.68 -6.37
C LEU B 653 -0.02 -15.61 -6.58
N ALA B 654 -0.15 -14.49 -5.86
CA ALA B 654 0.84 -13.42 -5.98
C ALA B 654 2.22 -13.89 -5.53
N TYR B 655 2.27 -14.66 -4.44
CA TYR B 655 3.55 -15.17 -3.96
C TYR B 655 4.21 -16.08 -4.98
N LEU B 656 3.42 -16.95 -5.62
CA LEU B 656 4.02 -17.89 -6.58
C LEU B 656 4.39 -17.21 -7.89
N VAL B 657 3.71 -16.14 -8.27
CA VAL B 657 3.99 -15.50 -9.55
C VAL B 657 5.04 -14.40 -9.42
N PHE B 658 4.79 -13.39 -8.58
CA PHE B 658 5.67 -12.24 -8.46
C PHE B 658 6.69 -12.38 -7.33
N GLY B 659 6.77 -13.54 -6.69
CA GLY B 659 7.55 -13.66 -5.47
C GLY B 659 9.05 -13.70 -5.65
N THR B 660 9.55 -13.79 -6.88
CA THR B 660 10.98 -13.86 -7.13
C THR B 660 11.54 -12.64 -7.84
N GLN B 661 10.72 -11.62 -8.10
CA GLN B 661 11.19 -10.45 -8.83
C GLN B 661 10.78 -9.12 -8.23
N VAL B 662 9.73 -9.06 -7.42
CA VAL B 662 9.16 -7.78 -7.00
C VAL B 662 9.73 -7.31 -5.68
N ASP B 663 9.84 -8.22 -4.71
CA ASP B 663 10.30 -8.08 -3.32
C ASP B 663 9.23 -7.45 -2.42
N ASP B 664 8.11 -7.01 -2.96
CA ASP B 664 6.91 -6.79 -2.17
C ASP B 664 6.10 -8.08 -2.01
N PHE B 665 6.48 -9.13 -2.72
CA PHE B 665 5.83 -10.43 -2.64
C PHE B 665 6.83 -11.53 -2.33
N SER B 666 7.99 -11.18 -1.77
CA SER B 666 9.05 -12.16 -1.56
C SER B 666 8.72 -13.16 -0.46
N THR B 667 7.81 -12.81 0.46
CA THR B 667 7.38 -13.73 1.50
C THR B 667 5.86 -13.66 1.61
N PHE B 668 5.27 -14.75 2.14
CA PHE B 668 3.82 -14.87 2.16
C PHE B 668 3.17 -13.78 2.99
N GLN B 669 3.72 -13.52 4.19
CA GLN B 669 3.19 -12.44 5.01
C GLN B 669 3.36 -11.10 4.33
N GLU B 670 4.46 -10.92 3.60
CA GLU B 670 4.64 -9.70 2.82
C GLU B 670 3.58 -9.58 1.74
N CYS B 671 3.18 -10.70 1.14
CA CYS B 671 2.08 -10.67 0.17
C CYS B 671 0.79 -10.24 0.83
N ILE B 672 0.52 -10.74 2.04
CA ILE B 672 -0.70 -10.34 2.76
C ILE B 672 -0.68 -8.83 3.03
N PHE B 673 0.45 -8.33 3.52
CA PHE B 673 0.54 -6.90 3.82
C PHE B 673 0.44 -6.07 2.54
N THR B 674 1.02 -6.57 1.45
CA THR B 674 0.93 -5.85 0.17
C THR B 674 -0.51 -5.77 -0.31
N GLN B 675 -1.28 -6.85 -0.15
CA GLN B 675 -2.69 -6.79 -0.53
C GLN B 675 -3.46 -5.80 0.34
N PHE B 676 -3.18 -5.79 1.65
CA PHE B 676 -3.84 -4.83 2.51
C PHE B 676 -3.48 -3.40 2.13
N ARG B 677 -2.25 -3.17 1.65
CA ARG B 677 -1.88 -1.85 1.18
C ARG B 677 -2.54 -1.52 -0.15
N ILE B 678 -2.70 -2.52 -1.02
CA ILE B 678 -3.39 -2.32 -2.30
C ILE B 678 -4.82 -1.87 -2.04
N ILE B 679 -5.44 -2.41 -1.00
CA ILE B 679 -6.79 -1.97 -0.63
C ILE B 679 -6.79 -0.46 -0.36
N LEU B 680 -5.76 0.04 0.31
CA LEU B 680 -5.66 1.46 0.61
C LEU B 680 -5.18 2.29 -0.58
N GLY B 681 -4.65 1.66 -1.63
CA GLY B 681 -4.11 2.39 -2.75
C GLY B 681 -2.68 2.82 -2.61
N ASP B 682 -1.95 2.27 -1.64
CA ASP B 682 -0.53 2.56 -1.45
C ASP B 682 0.32 1.52 -2.18
N ILE B 683 0.14 1.41 -3.49
CA ILE B 683 0.87 0.43 -4.28
C ILE B 683 1.40 1.08 -5.55
N ASN B 684 2.42 0.46 -6.13
CA ASN B 684 3.00 0.88 -7.41
C ASN B 684 2.68 -0.20 -8.42
N PHE B 685 1.68 0.06 -9.27
CA PHE B 685 1.22 -0.92 -10.24
C PHE B 685 2.27 -1.20 -11.31
N ALA B 686 3.12 -0.23 -11.62
CA ALA B 686 4.11 -0.41 -12.68
C ALA B 686 5.15 -1.46 -12.31
N GLU B 687 5.47 -1.60 -11.03
CA GLU B 687 6.49 -2.56 -10.61
C GLU B 687 6.03 -4.00 -10.74
N ILE B 688 4.72 -4.24 -10.72
CA ILE B 688 4.20 -5.59 -10.95
C ILE B 688 3.73 -5.78 -12.38
N GLU B 689 3.46 -4.69 -13.12
CA GLU B 689 3.14 -4.82 -14.54
C GLU B 689 4.35 -5.31 -15.33
N GLU B 690 5.53 -4.80 -15.02
CA GLU B 690 6.73 -5.22 -15.74
C GLU B 690 7.26 -6.57 -15.29
N ALA B 691 6.93 -7.01 -14.06
CA ALA B 691 7.33 -8.34 -13.62
C ALA B 691 6.62 -9.41 -14.43
N ASN B 692 5.41 -9.12 -14.93
CA ASN B 692 4.67 -10.06 -15.77
C ASN B 692 3.73 -9.23 -16.62
N ARG B 693 3.99 -9.18 -17.94
CA ARG B 693 3.19 -8.33 -18.82
C ARG B 693 1.72 -8.76 -18.80
N VAL B 694 1.46 -10.07 -18.83
CA VAL B 694 0.13 -10.60 -18.64
C VAL B 694 0.08 -11.23 -17.26
N LEU B 695 -1.14 -11.44 -16.76
CA LEU B 695 -1.41 -12.08 -15.47
C LEU B 695 -1.04 -11.16 -14.32
N GLY B 696 -0.40 -10.03 -14.62
CA GLY B 696 -0.18 -8.99 -13.64
C GLY B 696 -1.31 -7.99 -13.64
N PRO B 697 -1.58 -7.37 -14.80
CA PRO B 697 -2.78 -6.55 -14.91
C PRO B 697 -4.06 -7.31 -14.60
N ILE B 698 -4.13 -8.58 -15.00
CA ILE B 698 -5.28 -9.41 -14.66
C ILE B 698 -5.43 -9.51 -13.14
N TYR B 699 -4.33 -9.80 -12.46
CA TYR B 699 -4.35 -9.91 -11.00
C TYR B 699 -4.84 -8.61 -10.37
N PHE B 700 -4.25 -7.49 -10.75
CA PHE B 700 -4.60 -6.21 -10.14
C PHE B 700 -6.06 -5.86 -10.41
N THR B 701 -6.49 -5.96 -11.66
CA THR B 701 -7.85 -5.58 -12.02
C THR B 701 -8.88 -6.46 -11.31
N THR B 702 -8.69 -7.78 -11.36
CA THR B 702 -9.63 -8.68 -10.71
C THR B 702 -9.67 -8.46 -9.21
N PHE B 703 -8.50 -8.28 -8.58
CA PHE B 703 -8.46 -8.07 -7.14
C PHE B 703 -9.23 -6.80 -6.76
N VAL B 704 -8.95 -5.68 -7.43
CA VAL B 704 -9.61 -4.43 -7.09
C VAL B 704 -11.11 -4.54 -7.32
N PHE B 705 -11.51 -5.10 -8.48
CA PHE B 705 -12.91 -5.18 -8.82
C PHE B 705 -13.68 -6.05 -7.82
N PHE B 706 -13.19 -7.26 -7.58
CA PHE B 706 -13.90 -8.18 -6.69
C PHE B 706 -13.74 -7.81 -5.22
N MET B 707 -12.83 -6.90 -4.88
CA MET B 707 -12.73 -6.46 -3.49
C MET B 707 -13.61 -5.26 -3.20
N PHE B 708 -13.74 -4.32 -4.14
CA PHE B 708 -14.53 -3.12 -3.89
C PHE B 708 -15.96 -3.20 -4.41
N PHE B 709 -16.26 -4.13 -5.31
CA PHE B 709 -17.59 -4.24 -5.89
C PHE B 709 -18.42 -5.38 -5.34
N ILE B 710 -17.80 -6.42 -4.78
CA ILE B 710 -18.53 -7.59 -4.32
C ILE B 710 -18.33 -7.80 -2.82
N LEU B 711 -17.08 -8.01 -2.41
CA LEU B 711 -16.82 -8.42 -1.03
C LEU B 711 -17.07 -7.29 -0.03
N LEU B 712 -16.78 -6.05 -0.40
CA LEU B 712 -17.01 -4.94 0.51
C LEU B 712 -18.49 -4.68 0.70
N ASN B 713 -19.31 -4.89 -0.33
CA ASN B 713 -20.73 -4.57 -0.26
C ASN B 713 -21.54 -5.64 0.46
N MET B 714 -21.07 -6.88 0.52
CA MET B 714 -21.80 -7.90 1.26
C MET B 714 -21.77 -7.64 2.76
N PHE B 715 -20.66 -7.11 3.27
CA PHE B 715 -20.62 -6.70 4.67
C PHE B 715 -21.66 -5.62 4.94
N LEU B 716 -21.76 -4.64 4.04
CA LEU B 716 -22.76 -3.59 4.18
C LEU B 716 -24.16 -4.17 4.14
N ALA B 717 -24.40 -5.13 3.24
CA ALA B 717 -25.71 -5.76 3.15
C ALA B 717 -26.08 -6.43 4.46
N ILE B 718 -25.16 -7.21 5.02
CA ILE B 718 -25.43 -7.93 6.27
C ILE B 718 -25.69 -6.94 7.41
N ILE B 719 -24.84 -5.92 7.54
CA ILE B 719 -24.97 -4.98 8.63
C ILE B 719 -26.27 -4.19 8.51
N ASN B 720 -26.60 -3.74 7.30
CA ASN B 720 -27.82 -2.97 7.10
C ASN B 720 -29.06 -3.81 7.36
N ASP B 721 -29.06 -5.07 6.93
CA ASP B 721 -30.21 -5.93 7.23
C ASP B 721 -30.37 -6.15 8.72
N THR B 722 -29.27 -6.44 9.44
CA THR B 722 -29.37 -6.67 10.88
C THR B 722 -29.81 -5.41 11.63
N TYR B 723 -29.26 -4.24 11.28
CA TYR B 723 -29.64 -3.02 11.96
C TYR B 723 -31.11 -2.69 11.73
N SER B 724 -31.58 -2.83 10.48
CA SER B 724 -32.97 -2.57 10.18
C SER B 724 -33.89 -3.53 10.92
N GLU B 725 -33.52 -4.83 10.96
CA GLU B 725 -34.34 -5.79 11.67
C GLU B 725 -34.41 -5.47 13.16
N VAL B 726 -33.28 -5.14 13.78
CA VAL B 726 -33.26 -4.85 15.20
C VAL B 726 -34.10 -3.61 15.51
N LYS B 727 -33.91 -2.55 14.71
CA LYS B 727 -34.64 -1.32 14.96
C LYS B 727 -36.14 -1.50 14.77
N SER B 728 -36.54 -2.21 13.70
CA SER B 728 -37.96 -2.44 13.48
C SER B 728 -38.57 -3.31 14.56
N ASP B 729 -37.84 -4.33 15.02
CA ASP B 729 -38.33 -5.19 16.09
C ASP B 729 -38.55 -4.36 17.35
N LEU B 730 -37.57 -3.54 17.72
CA LEU B 730 -37.70 -2.72 18.91
C LEU B 730 -38.87 -1.75 18.79
N ALA B 731 -39.00 -1.09 17.64
CA ALA B 731 -40.09 -0.13 17.46
C ALA B 731 -41.45 -0.80 17.54
N GLN B 732 -41.59 -1.96 16.88
CA GLN B 732 -42.87 -2.65 16.89
C GLN B 732 -43.22 -3.18 18.27
N GLN B 733 -42.23 -3.70 19.00
CA GLN B 733 -42.51 -4.22 20.33
C GLN B 733 -42.72 -3.11 21.35
N LYS B 734 -42.24 -1.90 21.08
CA LYS B 734 -42.49 -0.78 21.98
C LYS B 734 -43.79 -0.06 21.66
N ALA B 735 -44.23 -0.07 20.40
CA ALA B 735 -45.47 0.61 20.03
C ALA B 735 -46.69 -0.15 20.54
N GLU B 736 -46.84 -1.39 20.10
CA GLU B 736 -47.97 -2.21 20.52
C GLU B 736 -47.57 -3.16 21.65
N SER C 258 -42.56 38.60 8.44
CA SER C 258 -42.39 37.16 8.28
C SER C 258 -40.90 36.80 8.33
N VAL C 259 -40.56 35.65 7.73
CA VAL C 259 -39.18 35.19 7.72
C VAL C 259 -38.29 36.07 6.85
N LEU C 260 -38.89 36.88 5.97
CA LEU C 260 -38.11 37.69 5.04
C LEU C 260 -37.22 38.68 5.79
N ARG C 261 -37.69 39.20 6.92
CA ARG C 261 -36.89 40.17 7.68
C ARG C 261 -35.59 39.55 8.17
N GLU C 262 -35.68 38.40 8.84
CA GLU C 262 -34.49 37.72 9.31
C GLU C 262 -33.63 37.25 8.16
N LEU C 263 -34.25 36.82 7.05
CA LEU C 263 -33.47 36.36 5.91
C LEU C 263 -32.63 37.49 5.33
N VAL C 264 -33.23 38.67 5.13
CA VAL C 264 -32.49 39.78 4.56
C VAL C 264 -31.45 40.31 5.54
N THR C 265 -31.77 40.30 6.84
CA THR C 265 -30.79 40.72 7.83
C THR C 265 -29.57 39.79 7.83
N TYR C 266 -29.80 38.49 7.77
CA TYR C 266 -28.70 37.54 7.72
C TYR C 266 -27.91 37.69 6.42
N LEU C 267 -28.59 37.95 5.32
CA LEU C 267 -27.88 38.16 4.05
C LEU C 267 -26.96 39.37 4.13
N LEU C 268 -27.46 40.47 4.71
CA LEU C 268 -26.62 41.66 4.87
C LEU C 268 -25.43 41.38 5.78
N PHE C 269 -25.67 40.65 6.88
CA PHE C 269 -24.59 40.29 7.79
C PHE C 269 -23.54 39.44 7.08
N LEU C 270 -23.98 38.47 6.28
CA LEU C 270 -23.04 37.63 5.55
C LEU C 270 -22.25 38.44 4.54
N ILE C 271 -22.90 39.38 3.85
CA ILE C 271 -22.20 40.19 2.87
C ILE C 271 -21.13 41.05 3.54
N VAL C 272 -21.47 41.70 4.65
CA VAL C 272 -20.49 42.55 5.31
C VAL C 272 -19.36 41.71 5.91
N LEU C 273 -19.67 40.51 6.40
CA LEU C 273 -18.62 39.63 6.90
C LEU C 273 -17.68 39.21 5.78
N CYS C 274 -18.22 38.86 4.62
CA CYS C 274 -17.38 38.48 3.49
C CYS C 274 -16.50 39.63 3.04
N ILE C 275 -17.05 40.84 3.03
CA ILE C 275 -16.24 42.01 2.70
C ILE C 275 -15.10 42.18 3.72
N LEU C 276 -15.41 41.98 5.01
CA LEU C 276 -14.39 42.13 6.04
C LEU C 276 -13.26 41.11 5.87
N THR C 277 -13.60 39.85 5.58
CA THR C 277 -12.55 38.86 5.39
C THR C 277 -11.77 39.09 4.11
N TYR C 278 -12.43 39.57 3.05
CA TYR C 278 -11.70 39.88 1.83
C TYR C 278 -10.72 41.02 2.05
N GLY C 279 -11.12 42.04 2.80
CA GLY C 279 -10.22 43.15 3.06
C GLY C 279 -9.02 42.76 3.90
N MET C 280 -9.22 41.89 4.88
CA MET C 280 -8.16 41.47 5.78
C MET C 280 -7.27 40.37 5.19
N MET C 281 -7.48 40.03 3.92
CA MET C 281 -6.78 38.95 3.25
C MET C 281 -6.11 39.46 1.98
N SER C 282 -5.33 40.54 2.14
CA SER C 282 -4.65 41.20 1.02
C SER C 282 -4.03 40.19 0.07
N SER C 283 -4.14 40.48 -1.22
CA SER C 283 -3.71 39.54 -2.24
C SER C 283 -2.19 39.38 -2.25
N ASN C 284 -1.74 38.14 -2.41
CA ASN C 284 -0.34 37.82 -2.65
C ASN C 284 0.55 38.29 -1.50
N VAL C 285 0.05 38.18 -0.27
CA VAL C 285 0.92 38.32 0.89
C VAL C 285 1.77 37.07 1.08
N TYR C 286 1.36 35.95 0.47
CA TYR C 286 2.11 34.72 0.62
C TYR C 286 3.52 34.85 0.06
N TYR C 287 3.67 35.52 -1.08
CA TYR C 287 4.97 35.59 -1.73
C TYR C 287 5.99 36.37 -0.90
N TYR C 288 5.52 37.35 -0.12
CA TYR C 288 6.42 38.10 0.75
C TYR C 288 7.10 37.18 1.75
N THR C 289 6.30 36.40 2.49
CA THR C 289 6.85 35.46 3.44
C THR C 289 7.64 34.35 2.75
N ARG C 290 7.21 33.95 1.55
CA ARG C 290 7.91 32.91 0.82
C ARG C 290 9.33 33.35 0.46
N MET C 291 9.48 34.57 -0.06
CA MET C 291 10.81 35.06 -0.38
C MET C 291 11.65 35.25 0.87
N MET C 292 11.06 35.77 1.95
CA MET C 292 11.84 35.96 3.17
C MET C 292 12.33 34.62 3.73
N SER C 293 11.45 33.62 3.75
CA SER C 293 11.83 32.31 4.29
C SER C 293 12.83 31.61 3.38
N GLN C 294 12.70 31.79 2.06
CA GLN C 294 13.70 31.24 1.15
C GLN C 294 15.06 31.87 1.39
N LEU C 295 15.09 33.18 1.61
CA LEU C 295 16.36 33.85 1.85
C LEU C 295 17.01 33.39 3.15
N PHE C 296 16.22 33.26 4.21
CA PHE C 296 16.78 33.02 5.54
C PHE C 296 16.76 31.56 5.96
N LEU C 297 16.28 30.64 5.12
CA LEU C 297 16.11 29.27 5.56
C LEU C 297 16.74 28.25 4.61
N ASP C 298 16.80 28.57 3.32
CA ASP C 298 17.22 27.61 2.32
C ASP C 298 18.64 27.80 1.83
N THR C 299 19.20 29.00 1.93
CA THR C 299 20.56 29.23 1.48
C THR C 299 21.54 28.46 2.37
N PRO C 300 22.55 27.81 1.81
CA PRO C 300 23.53 27.10 2.64
C PRO C 300 24.31 28.06 3.51
N VAL C 301 24.74 27.56 4.68
CA VAL C 301 25.41 28.40 5.66
C VAL C 301 26.72 28.97 5.11
N SER C 302 27.34 28.27 4.16
CA SER C 302 28.54 28.78 3.50
C SER C 302 28.67 28.10 2.14
N LYS C 303 29.64 28.58 1.36
CA LYS C 303 29.82 28.09 0.00
C LYS C 303 30.42 26.70 -0.05
N THR C 304 30.88 26.16 1.07
CA THR C 304 31.58 24.86 1.07
C THR C 304 30.59 23.72 1.22
N GLU C 305 29.85 23.69 2.32
CA GLU C 305 28.90 22.61 2.57
C GLU C 305 27.48 23.03 2.20
N LYS C 306 26.59 22.05 2.19
CA LYS C 306 25.21 22.25 1.76
C LYS C 306 24.22 22.24 2.92
N THR C 307 24.65 22.67 4.10
CA THR C 307 23.78 22.70 5.27
C THR C 307 23.11 24.06 5.38
N ASN C 308 21.80 24.06 5.63
CA ASN C 308 21.01 25.26 5.81
C ASN C 308 20.42 25.26 7.22
N PHE C 309 19.57 26.26 7.49
CA PHE C 309 18.97 26.37 8.81
C PHE C 309 18.02 25.21 9.10
N LYS C 310 17.38 24.66 8.07
CA LYS C 310 16.42 23.58 8.29
C LYS C 310 17.11 22.27 8.67
N THR C 311 18.39 22.12 8.38
CA THR C 311 19.12 20.87 8.62
C THR C 311 20.32 21.08 9.53
N LEU C 312 20.18 21.95 10.52
CA LEU C 312 21.23 22.11 11.52
C LEU C 312 21.34 20.84 12.36
N SER C 313 22.57 20.50 12.76
CA SER C 313 22.81 19.28 13.51
C SER C 313 23.74 19.45 14.70
N SER C 314 24.41 20.59 14.86
CA SER C 314 25.35 20.76 15.94
C SER C 314 25.54 22.25 16.22
N MET C 315 26.17 22.55 17.36
CA MET C 315 26.47 23.93 17.73
C MET C 315 27.40 24.60 16.73
N GLU C 316 28.34 23.86 16.14
CA GLU C 316 29.23 24.43 15.14
C GLU C 316 28.46 24.87 13.90
N ASP C 317 27.46 24.10 13.48
CA ASP C 317 26.61 24.52 12.37
C ASP C 317 25.86 25.80 12.71
N PHE C 318 25.39 25.92 13.96
CA PHE C 318 24.73 27.15 14.38
C PHE C 318 25.68 28.34 14.32
N TRP C 319 26.91 28.16 14.78
CA TRP C 319 27.88 29.26 14.73
C TRP C 319 28.20 29.61 13.28
N LYS C 320 28.27 28.62 12.40
CA LYS C 320 28.49 28.89 10.98
C LYS C 320 27.32 29.69 10.39
N PHE C 321 26.09 29.31 10.75
CA PHE C 321 24.92 30.01 10.25
C PHE C 321 24.87 31.45 10.74
N THR C 322 25.20 31.67 12.01
CA THR C 322 25.16 33.02 12.56
C THR C 322 26.14 33.94 11.86
N GLU C 323 27.34 33.45 11.57
CA GLU C 323 28.36 34.23 10.87
C GLU C 323 28.28 34.09 9.36
N GLY C 324 27.37 33.27 8.84
CA GLY C 324 27.32 33.01 7.42
C GLY C 324 26.10 33.58 6.73
N SER C 325 25.11 32.73 6.46
CA SER C 325 23.96 33.14 5.68
C SER C 325 23.13 34.20 6.40
N LEU C 326 23.14 34.22 7.73
CA LEU C 326 22.36 35.20 8.48
C LEU C 326 22.84 36.62 8.17
N LEU C 327 24.14 36.84 8.22
CA LEU C 327 24.67 38.16 7.91
C LEU C 327 24.56 38.48 6.42
N ASP C 328 24.68 37.47 5.56
CA ASP C 328 24.52 37.71 4.13
C ASP C 328 23.10 38.13 3.79
N GLY C 329 22.12 37.65 4.54
CA GLY C 329 20.73 38.01 4.29
C GLY C 329 20.31 39.30 4.96
N LEU C 330 20.75 39.51 6.19
CA LEU C 330 20.30 40.68 6.95
C LEU C 330 20.80 41.98 6.35
N TYR C 331 22.06 42.02 5.94
CA TYR C 331 22.72 43.27 5.54
C TYR C 331 22.92 43.29 4.04
N TRP C 332 22.41 44.32 3.38
CA TRP C 332 22.53 44.51 1.94
C TRP C 332 23.11 45.88 1.65
N LYS C 333 23.84 45.99 0.55
CA LYS C 333 24.50 47.22 0.14
C LYS C 333 23.74 47.82 -1.03
N MET C 334 23.42 49.11 -0.92
CA MET C 334 22.69 49.80 -1.98
C MET C 334 23.54 49.99 -3.23
N ASP C 343 26.05 55.66 8.61
CA ASP C 343 25.45 54.33 8.73
C ASP C 343 24.21 54.21 7.85
N ASN C 344 24.42 53.79 6.59
CA ASN C 344 23.31 53.60 5.67
C ASN C 344 22.45 52.43 6.11
N ARG C 345 21.15 52.55 5.84
CA ARG C 345 20.20 51.51 6.21
C ARG C 345 20.30 50.33 5.26
N SER C 346 19.67 49.22 5.65
CA SER C 346 19.71 47.97 4.90
C SER C 346 18.34 47.68 4.32
N PHE C 347 18.29 47.42 3.02
CA PHE C 347 17.07 47.02 2.33
C PHE C 347 17.21 45.57 1.90
N ILE C 348 16.32 44.72 2.39
CA ILE C 348 16.51 43.27 2.24
C ILE C 348 16.45 42.86 0.77
N PHE C 349 15.50 43.40 0.02
CA PHE C 349 15.40 43.11 -1.41
C PHE C 349 15.31 44.41 -2.19
N TYR C 350 16.02 45.43 -1.71
CA TYR C 350 15.93 46.81 -2.19
C TYR C 350 14.55 47.38 -1.94
N GLU C 351 13.70 46.63 -1.23
CA GLU C 351 12.34 47.07 -0.95
C GLU C 351 12.00 46.94 0.53
N ASN C 352 12.57 45.95 1.21
CA ASN C 352 12.26 45.67 2.61
C ASN C 352 13.29 46.33 3.50
N LEU C 353 12.87 47.37 4.23
CA LEU C 353 13.78 48.09 5.11
C LEU C 353 13.89 47.37 6.45
N LEU C 354 15.12 47.17 6.92
CA LEU C 354 15.36 46.54 8.20
C LEU C 354 15.19 47.57 9.31
N LEU C 355 14.30 47.28 10.26
CA LEU C 355 13.97 48.22 11.33
C LEU C 355 14.83 47.95 12.55
N GLY C 356 15.57 48.97 12.99
CA GLY C 356 16.37 48.84 14.20
C GLY C 356 17.48 47.82 14.04
N VAL C 357 17.69 47.03 15.08
CA VAL C 357 18.75 46.02 15.11
C VAL C 357 18.16 44.68 15.52
N PRO C 358 18.70 43.56 15.05
CA PRO C 358 18.24 42.26 15.54
C PRO C 358 18.76 41.97 16.93
N ARG C 359 18.09 41.05 17.61
CA ARG C 359 18.46 40.68 18.96
C ARG C 359 18.64 39.18 19.06
N ILE C 360 19.68 38.74 19.77
CA ILE C 360 19.97 37.33 19.97
C ILE C 360 19.98 37.04 21.47
N ARG C 361 19.22 36.03 21.88
CA ARG C 361 19.01 35.71 23.29
C ARG C 361 19.20 34.23 23.50
N GLN C 362 19.64 33.85 24.70
CA GLN C 362 19.80 32.44 25.04
C GLN C 362 19.24 32.16 26.43
N LEU C 363 18.76 30.92 26.60
CA LEU C 363 18.26 30.40 27.86
C LEU C 363 19.04 29.14 28.20
N ARG C 364 19.53 29.05 29.44
CA ARG C 364 20.41 27.98 29.87
C ARG C 364 20.03 27.53 31.27
N VAL C 365 20.45 26.30 31.60
CA VAL C 365 20.20 25.72 32.91
C VAL C 365 21.49 25.78 33.72
N ARG C 366 21.38 25.49 35.01
CA ARG C 366 22.51 25.58 35.94
C ARG C 366 23.10 24.21 36.22
N ASN C 367 24.40 24.19 36.46
CA ASN C 367 25.11 22.97 36.79
C ASN C 367 24.62 22.40 38.12
N GLY C 368 24.39 21.10 38.15
CA GLY C 368 23.86 20.45 39.32
C GLY C 368 22.35 20.43 39.42
N SER C 369 21.64 20.67 38.32
CA SER C 369 20.18 20.66 38.35
C SER C 369 19.64 19.27 38.63
N CYS C 370 20.37 18.23 38.24
CA CYS C 370 19.97 16.85 38.48
C CYS C 370 20.93 16.20 39.48
N SER C 371 20.61 14.98 39.86
CA SER C 371 21.39 14.22 40.82
C SER C 371 21.95 12.97 40.14
N ILE C 372 23.27 12.90 40.05
CA ILE C 372 23.92 11.71 39.48
C ILE C 372 23.81 10.57 40.48
N PRO C 373 23.48 9.35 40.06
CA PRO C 373 23.46 8.22 41.00
C PRO C 373 24.84 7.98 41.60
N GLN C 374 24.84 7.57 42.86
CA GLN C 374 26.10 7.39 43.59
C GLN C 374 26.98 6.31 42.97
N ASP C 375 26.39 5.39 42.22
CA ASP C 375 27.19 4.34 41.58
C ASP C 375 28.15 4.93 40.54
N LEU C 376 27.68 5.91 39.76
CA LEU C 376 28.48 6.51 38.70
C LEU C 376 28.99 7.89 39.08
N ARG C 377 28.93 8.25 40.37
CA ARG C 377 29.32 9.58 40.82
C ARG C 377 30.83 9.79 40.86
N ASP C 378 31.62 8.85 40.33
CA ASP C 378 33.06 8.99 40.31
C ASP C 378 33.64 9.23 38.93
N GLU C 379 32.87 8.99 37.87
CA GLU C 379 33.32 9.24 36.51
C GLU C 379 32.57 10.36 35.81
N ILE C 380 31.42 10.78 36.34
CA ILE C 380 30.64 11.88 35.80
C ILE C 380 30.52 12.95 36.87
N LYS C 381 30.87 14.19 36.51
CA LYS C 381 30.86 15.29 37.46
C LYS C 381 29.71 16.27 37.21
N GLU C 382 29.47 16.63 35.97
CA GLU C 382 28.48 17.64 35.61
C GLU C 382 27.26 16.98 34.99
N CYS C 383 26.08 17.36 35.48
CA CYS C 383 24.82 16.95 34.86
C CYS C 383 23.90 18.16 34.78
N TYR C 384 23.14 18.22 33.69
CA TYR C 384 22.23 19.33 33.42
C TYR C 384 20.85 18.76 33.09
N ASP C 385 19.83 19.31 33.74
CA ASP C 385 18.47 18.82 33.55
C ASP C 385 17.87 19.40 32.27
N VAL C 386 16.69 18.88 31.92
CA VAL C 386 15.92 19.50 30.85
C VAL C 386 15.45 20.89 31.30
N TYR C 387 15.05 21.70 30.33
CA TYR C 387 14.69 23.08 30.66
C TYR C 387 13.42 23.13 31.50
N SER C 388 13.46 23.96 32.54
CA SER C 388 12.28 24.29 33.34
C SER C 388 12.58 25.58 34.07
N VAL C 389 11.51 26.33 34.35
CA VAL C 389 11.69 27.61 35.05
C VAL C 389 12.25 27.39 36.45
N SER C 390 11.99 26.23 37.03
CA SER C 390 12.50 25.95 38.38
C SER C 390 14.00 25.72 38.38
N SER C 391 14.56 25.20 37.29
CA SER C 391 15.96 24.78 37.24
C SER C 391 16.72 25.52 36.15
N GLU C 392 16.54 26.83 36.06
CA GLU C 392 17.26 27.65 35.10
C GLU C 392 18.31 28.50 35.82
N ASP C 393 19.40 28.76 35.11
CA ASP C 393 20.52 29.50 35.68
C ASP C 393 20.21 30.99 35.76
N ARG C 394 20.77 31.64 36.78
CA ARG C 394 20.62 33.08 36.93
C ARG C 394 21.92 33.78 37.34
N ALA C 395 23.04 33.09 37.30
CA ALA C 395 24.32 33.63 37.75
C ALA C 395 25.16 34.08 36.57
N PRO C 396 26.05 35.06 36.77
CA PRO C 396 26.95 35.46 35.69
C PRO C 396 27.96 34.38 35.37
N PHE C 397 28.46 34.43 34.13
CA PHE C 397 29.44 33.44 33.67
C PHE C 397 30.33 34.09 32.62
N GLY C 398 31.47 33.46 32.39
CA GLY C 398 32.43 33.95 31.43
C GLY C 398 32.98 35.30 31.80
N PRO C 399 33.31 36.11 30.80
CA PRO C 399 33.77 37.49 31.08
C PRO C 399 32.61 38.38 31.50
N ARG C 400 32.28 38.36 32.79
CA ARG C 400 31.07 38.98 33.29
C ARG C 400 31.18 40.50 33.25
N ASN C 401 31.15 41.07 32.05
CA ASN C 401 31.28 42.51 31.87
C ASN C 401 30.05 43.16 31.25
N GLY C 402 29.43 42.54 30.25
CA GLY C 402 28.37 43.16 29.50
C GLY C 402 27.01 42.53 29.74
N THR C 403 26.10 42.78 28.79
CA THR C 403 24.73 42.32 28.91
C THR C 403 24.61 40.82 28.62
N ALA C 404 25.40 40.30 27.68
CA ALA C 404 25.28 38.91 27.28
C ALA C 404 25.73 37.93 28.35
N TRP C 405 26.37 38.39 29.42
CA TRP C 405 26.86 37.51 30.46
C TRP C 405 26.15 37.70 31.79
N ILE C 406 25.10 38.52 31.84
CA ILE C 406 24.35 38.77 33.07
C ILE C 406 22.88 38.42 32.81
N TYR C 407 22.29 37.67 33.74
CA TYR C 407 20.88 37.30 33.61
C TYR C 407 19.99 38.53 33.73
N THR C 408 18.95 38.57 32.90
CA THR C 408 17.99 39.65 32.90
C THR C 408 16.59 39.07 33.08
N SER C 409 15.82 39.61 34.01
CA SER C 409 14.51 39.07 34.32
C SER C 409 13.54 39.31 33.17
N GLU C 410 12.47 38.53 33.16
CA GLU C 410 11.47 38.63 32.10
C GLU C 410 10.78 39.98 32.10
N LYS C 411 10.45 40.49 33.28
CA LYS C 411 9.77 41.78 33.36
C LYS C 411 10.64 42.91 32.84
N ASP C 412 11.94 42.89 33.18
CA ASP C 412 12.85 43.93 32.70
C ASP C 412 13.18 43.79 31.22
N LEU C 413 12.81 42.67 30.59
CA LEU C 413 13.12 42.43 29.19
C LEU C 413 11.91 42.59 28.28
N ASN C 414 10.72 42.76 28.83
CA ASN C 414 9.48 42.90 28.06
C ASN C 414 9.26 41.67 27.16
N GLY C 415 9.20 40.51 27.81
CA GLY C 415 9.08 39.26 27.08
C GLY C 415 7.90 38.41 27.49
N SER C 416 7.76 37.24 26.89
CA SER C 416 6.67 36.32 27.18
C SER C 416 7.10 34.92 26.79
N SER C 417 6.25 33.94 27.09
CA SER C 417 6.54 32.55 26.76
C SER C 417 6.48 32.34 25.26
N HIS C 418 6.93 31.17 24.81
CA HIS C 418 6.98 30.90 23.38
C HIS C 418 6.31 29.59 22.98
N TRP C 419 6.33 28.58 23.85
CA TRP C 419 5.81 27.25 23.56
C TRP C 419 6.50 26.65 22.34
N GLY C 420 7.79 26.36 22.52
CA GLY C 420 8.55 25.69 21.48
C GLY C 420 8.15 24.24 21.28
N ILE C 421 9.07 23.42 20.78
CA ILE C 421 8.76 22.03 20.49
C ILE C 421 9.03 21.14 21.70
N ILE C 422 10.24 21.21 22.26
CA ILE C 422 10.58 20.38 23.41
C ILE C 422 9.85 20.86 24.66
N ALA C 423 9.83 22.16 24.90
CA ALA C 423 9.25 22.72 26.12
C ALA C 423 8.75 24.13 25.83
N THR C 424 8.30 24.81 26.87
CA THR C 424 7.84 26.20 26.80
C THR C 424 8.86 27.07 27.52
N TYR C 425 9.44 28.03 26.80
CA TYR C 425 10.52 28.83 27.33
C TYR C 425 10.02 30.21 27.75
N SER C 426 10.52 30.69 28.88
CA SER C 426 10.13 31.99 29.39
C SER C 426 10.83 33.10 28.60
N GLY C 427 10.48 34.34 28.90
CA GLY C 427 11.01 35.48 28.20
C GLY C 427 12.30 36.06 28.73
N ALA C 428 12.89 35.43 29.75
CA ALA C 428 14.13 35.91 30.33
C ALA C 428 15.32 35.27 29.63
N GLY C 429 16.53 35.51 30.14
CA GLY C 429 17.72 34.89 29.62
C GLY C 429 18.84 35.90 29.48
N TYR C 430 19.84 35.54 28.68
CA TYR C 430 20.99 36.38 28.41
C TYR C 430 20.89 36.86 26.96
N TYR C 431 20.76 38.16 26.77
CA TYR C 431 20.50 38.72 25.45
C TYR C 431 21.59 39.69 25.04
N LEU C 432 21.62 39.97 23.73
CA LEU C 432 22.52 40.95 23.16
C LEU C 432 21.87 41.57 21.94
N ASP C 433 21.97 42.89 21.84
CA ASP C 433 21.46 43.64 20.69
C ASP C 433 22.59 43.86 19.70
N LEU C 434 22.37 43.45 18.46
CA LEU C 434 23.39 43.56 17.42
C LEU C 434 23.42 44.99 16.89
N SER C 435 24.14 45.21 15.80
CA SER C 435 24.37 46.55 15.27
C SER C 435 23.64 46.72 13.94
N ARG C 436 23.74 47.94 13.39
CA ARG C 436 23.09 48.28 12.13
C ARG C 436 23.96 47.98 10.92
N THR C 437 25.22 47.61 11.11
CA THR C 437 26.13 47.34 10.01
C THR C 437 26.76 45.97 10.18
N ARG C 438 27.18 45.37 9.06
CA ARG C 438 27.75 44.04 9.10
C ARG C 438 29.10 44.03 9.82
N GLU C 439 29.89 45.09 9.64
CA GLU C 439 31.23 45.11 10.21
C GLU C 439 31.23 45.04 11.73
N GLU C 440 30.19 45.57 12.37
CA GLU C 440 30.10 45.54 13.83
C GLU C 440 29.39 44.30 14.34
N THR C 441 28.36 43.84 13.63
CA THR C 441 27.68 42.61 14.03
C THR C 441 28.60 41.41 13.93
N ALA C 442 29.43 41.36 12.87
CA ALA C 442 30.37 40.27 12.74
C ALA C 442 31.37 40.26 13.89
N ALA C 443 31.87 41.44 14.27
CA ALA C 443 32.80 41.52 15.39
C ALA C 443 32.14 41.09 16.68
N GLN C 444 30.89 41.51 16.91
CA GLN C 444 30.18 41.12 18.12
C GLN C 444 29.97 39.61 18.19
N VAL C 445 29.58 39.00 17.07
CA VAL C 445 29.36 37.56 17.06
C VAL C 445 30.68 36.81 17.24
N ALA C 446 31.76 37.33 16.64
CA ALA C 446 33.07 36.71 16.83
C ALA C 446 33.51 36.79 18.29
N SER C 447 33.25 37.92 18.94
CA SER C 447 33.58 38.05 20.36
C SER C 447 32.75 37.08 21.20
N LEU C 448 31.47 36.91 20.85
CA LEU C 448 30.65 35.94 21.56
C LEU C 448 31.14 34.51 21.35
N LYS C 449 31.69 34.22 20.16
CA LYS C 449 32.18 32.88 19.88
C LYS C 449 33.51 32.61 20.57
N LYS C 450 34.38 33.61 20.64
CA LYS C 450 35.68 33.43 21.27
C LYS C 450 35.54 33.07 22.74
N ASN C 451 34.98 33.97 23.54
CA ASN C 451 34.62 33.65 24.92
C ASN C 451 33.39 32.77 24.87
N VAL C 452 33.56 31.48 25.20
CA VAL C 452 32.54 30.47 24.94
C VAL C 452 31.21 30.88 25.55
N TRP C 453 30.21 31.07 24.68
CA TRP C 453 28.88 31.54 25.08
C TRP C 453 27.85 30.42 25.10
N LEU C 454 27.95 29.46 24.18
CA LEU C 454 27.06 28.30 24.15
C LEU C 454 27.81 27.13 24.75
N ASP C 455 27.49 26.81 26.00
CA ASP C 455 28.13 25.74 26.74
C ASP C 455 27.21 24.52 26.76
N ARG C 456 27.58 23.52 27.56
CA ARG C 456 26.74 22.35 27.74
C ARG C 456 25.43 22.69 28.45
N GLY C 457 25.38 23.81 29.16
CA GLY C 457 24.16 24.22 29.84
C GLY C 457 23.16 24.97 28.99
N THR C 458 23.54 25.36 27.78
CA THR C 458 22.62 26.07 26.91
C THR C 458 21.45 25.19 26.51
N ARG C 459 20.24 25.75 26.58
CA ARG C 459 19.03 25.01 26.25
C ARG C 459 18.24 25.60 25.09
N ALA C 460 18.27 26.91 24.88
CA ALA C 460 17.54 27.50 23.77
C ALA C 460 18.19 28.79 23.33
N THR C 461 17.98 29.15 22.05
CA THR C 461 18.50 30.38 21.48
C THR C 461 17.46 30.98 20.54
N PHE C 462 17.31 32.30 20.59
CA PHE C 462 16.35 33.04 19.78
C PHE C 462 17.05 34.15 19.03
N ILE C 463 16.62 34.39 17.79
CA ILE C 463 17.07 35.51 16.98
C ILE C 463 15.83 36.21 16.43
N ASP C 464 15.69 37.51 16.72
CA ASP C 464 14.50 38.26 16.34
C ASP C 464 14.87 39.51 15.55
N PHE C 465 14.06 39.81 14.52
CA PHE C 465 14.17 41.08 13.81
C PHE C 465 12.87 41.35 13.05
N SER C 466 12.85 42.47 12.31
CA SER C 466 11.64 42.88 11.59
C SER C 466 12.04 43.73 10.39
N VAL C 467 11.12 43.77 9.41
CA VAL C 467 11.27 44.57 8.19
C VAL C 467 9.93 45.24 7.87
N TYR C 468 9.97 46.22 6.98
CA TYR C 468 8.80 47.06 6.70
C TYR C 468 8.24 46.89 5.29
N ASN C 469 9.05 47.05 4.25
CA ASN C 469 8.56 46.96 2.86
C ASN C 469 7.49 48.03 2.58
N ALA C 470 7.93 49.28 2.58
CA ALA C 470 7.04 50.43 2.46
C ALA C 470 6.16 50.39 1.20
N ASN C 471 6.47 49.54 0.22
CA ASN C 471 5.67 49.50 -1.00
C ASN C 471 4.23 49.11 -0.70
N ILE C 472 4.03 48.13 0.15
CA ILE C 472 2.71 47.77 0.67
C ILE C 472 2.77 47.89 2.19
N ASN C 473 1.76 48.52 2.78
CA ASN C 473 1.79 48.87 4.19
C ASN C 473 1.64 47.59 5.02
N LEU C 474 2.76 46.90 5.20
CA LEU C 474 2.72 45.56 5.81
C LEU C 474 4.09 45.25 6.41
N PHE C 475 4.16 45.25 7.75
CA PHE C 475 5.38 44.86 8.43
C PHE C 475 5.56 43.35 8.39
N CYS C 476 6.78 42.90 8.68
CA CYS C 476 7.07 41.47 8.79
C CYS C 476 7.99 41.24 9.98
N VAL C 477 7.59 40.32 10.86
CA VAL C 477 8.34 40.01 12.07
C VAL C 477 8.89 38.59 11.93
N VAL C 478 10.19 38.45 12.15
CA VAL C 478 10.90 37.18 11.98
C VAL C 478 11.49 36.76 13.31
N ARG C 479 11.21 35.51 13.70
CA ARG C 479 11.76 34.91 14.91
C ARG C 479 12.26 33.51 14.59
N LEU C 480 13.54 33.25 14.89
CA LEU C 480 14.17 31.96 14.66
C LEU C 480 14.57 31.37 16.01
N LEU C 481 14.25 30.09 16.23
CA LEU C 481 14.52 29.43 17.49
C LEU C 481 15.32 28.16 17.26
N VAL C 482 16.31 27.94 18.11
CA VAL C 482 17.11 26.72 18.09
C VAL C 482 17.07 26.11 19.48
N GLU C 483 16.74 24.83 19.56
CA GLU C 483 16.61 24.12 20.82
C GLU C 483 17.71 23.07 20.94
N PHE C 484 18.33 23.02 22.13
CA PHE C 484 19.40 22.07 22.41
C PHE C 484 18.93 21.08 23.46
N PRO C 485 18.46 19.90 23.07
CA PRO C 485 17.97 18.95 24.06
C PRO C 485 19.08 18.41 24.95
N ALA C 486 18.70 17.92 26.12
CA ALA C 486 19.66 17.39 27.08
C ALA C 486 20.33 16.11 26.59
N THR C 487 19.83 15.50 25.52
CA THR C 487 20.41 14.28 24.97
C THR C 487 21.31 14.56 23.78
N GLY C 488 21.62 15.82 23.49
CA GLY C 488 22.45 16.16 22.37
C GLY C 488 21.66 16.37 21.09
N GLY C 489 22.08 17.32 20.27
CA GLY C 489 21.43 17.61 19.01
C GLY C 489 20.98 19.05 18.92
N VAL C 490 20.27 19.35 17.83
CA VAL C 490 19.76 20.68 17.54
C VAL C 490 18.41 20.55 16.86
N ILE C 491 17.42 21.31 17.33
CA ILE C 491 16.10 21.33 16.72
C ILE C 491 15.78 22.76 16.30
N PRO C 492 15.70 23.05 15.00
CA PRO C 492 15.39 24.41 14.56
C PRO C 492 13.90 24.64 14.31
N SER C 493 13.51 25.91 14.42
CA SER C 493 12.14 26.34 14.15
C SER C 493 12.17 27.80 13.73
N TRP C 494 11.14 28.20 13.00
CA TRP C 494 11.09 29.55 12.43
C TRP C 494 9.66 30.07 12.48
N GLN C 495 9.53 31.39 12.40
CA GLN C 495 8.21 32.02 12.35
C GLN C 495 8.33 33.37 11.67
N PHE C 496 7.66 33.52 10.53
CA PHE C 496 7.55 34.77 9.79
C PHE C 496 6.10 35.20 9.83
N GLN C 497 5.83 36.40 10.33
CA GLN C 497 4.45 36.86 10.51
C GLN C 497 4.28 38.26 9.93
N PRO C 498 3.39 38.44 8.96
CA PRO C 498 3.11 39.79 8.45
C PRO C 498 2.02 40.50 9.25
N LEU C 499 2.21 41.80 9.42
CA LEU C 499 1.34 42.64 10.24
C LEU C 499 0.99 43.92 9.51
N LYS C 500 0.06 44.67 10.07
CA LYS C 500 -0.35 45.97 9.54
C LYS C 500 -0.64 46.90 10.71
N LEU C 501 0.13 47.99 10.81
CA LEU C 501 0.03 48.89 11.95
C LEU C 501 -0.24 50.34 11.57
N ILE C 502 -0.25 50.67 10.29
CA ILE C 502 -0.45 52.05 9.83
C ILE C 502 -1.74 52.10 9.04
N ARG C 503 -2.73 51.32 9.48
CA ARG C 503 -3.94 50.96 8.74
C ARG C 503 -4.51 52.06 7.84
N TYR C 504 -4.81 53.23 8.38
CA TYR C 504 -5.58 54.24 7.65
C TYR C 504 -4.65 55.03 6.75
N VAL C 505 -4.44 54.53 5.53
CA VAL C 505 -3.66 55.26 4.53
C VAL C 505 -4.37 55.41 3.20
N THR C 506 -5.36 54.57 2.87
CA THR C 506 -6.05 54.66 1.59
C THR C 506 -7.56 54.63 1.84
N THR C 507 -8.32 54.87 0.77
CA THR C 507 -9.77 54.91 0.88
C THR C 507 -10.34 53.55 1.25
N PHE C 508 -9.75 52.48 0.73
CA PHE C 508 -10.20 51.14 1.09
C PHE C 508 -10.08 50.89 2.59
N ASP C 509 -9.09 51.51 3.23
CA ASP C 509 -8.95 51.38 4.68
C ASP C 509 -10.13 52.01 5.41
N PHE C 510 -10.58 53.19 4.95
CA PHE C 510 -11.77 53.80 5.53
C PHE C 510 -13.00 52.97 5.25
N PHE C 511 -13.08 52.36 4.07
CA PHE C 511 -14.18 51.45 3.76
C PHE C 511 -14.21 50.28 4.73
N LEU C 512 -13.04 49.70 5.02
CA LEU C 512 -12.96 48.59 5.95
C LEU C 512 -13.32 49.03 7.37
N ALA C 513 -12.92 50.24 7.75
CA ALA C 513 -13.31 50.75 9.06
C ALA C 513 -14.83 50.92 9.17
N ALA C 514 -15.45 51.42 8.11
CA ALA C 514 -16.91 51.54 8.11
C ALA C 514 -17.56 50.16 8.19
N CYS C 515 -17.00 49.17 7.48
CA CYS C 515 -17.52 47.81 7.56
C CYS C 515 -17.38 47.25 8.97
N GLU C 516 -16.27 47.55 9.65
CA GLU C 516 -16.10 47.08 11.02
C GLU C 516 -17.13 47.71 11.94
N ILE C 517 -17.41 49.01 11.76
CA ILE C 517 -18.44 49.66 12.56
C ILE C 517 -19.80 49.02 12.31
N ILE C 518 -20.11 48.73 11.04
CA ILE C 518 -21.39 48.08 10.72
C ILE C 518 -21.47 46.71 11.35
N PHE C 519 -20.35 45.97 11.34
CA PHE C 519 -20.31 44.66 11.98
C PHE C 519 -20.56 44.76 13.47
N CYS C 520 -19.97 45.78 14.12
CA CYS C 520 -20.22 45.98 15.55
C CYS C 520 -21.70 46.28 15.80
N PHE C 521 -22.31 47.11 14.95
CA PHE C 521 -23.74 47.39 15.11
C PHE C 521 -24.57 46.12 14.95
N PHE C 522 -24.23 45.29 13.95
CA PHE C 522 -24.96 44.04 13.75
C PHE C 522 -24.83 43.13 14.96
N ILE C 523 -23.62 43.04 15.53
CA ILE C 523 -23.41 42.18 16.70
C ILE C 523 -24.21 42.71 17.89
N PHE C 524 -24.23 44.03 18.07
CA PHE C 524 -25.03 44.60 19.15
C PHE C 524 -26.50 44.29 18.98
N TYR C 525 -27.01 44.42 17.76
CA TYR C 525 -28.42 44.12 17.51
C TYR C 525 -28.72 42.64 17.78
N TYR C 526 -27.84 41.74 17.33
CA TYR C 526 -28.07 40.32 17.55
C TYR C 526 -28.05 39.98 19.04
N VAL C 527 -27.10 40.54 19.78
CA VAL C 527 -26.99 40.22 21.21
C VAL C 527 -28.17 40.79 21.97
N VAL C 528 -28.65 41.98 21.60
CA VAL C 528 -29.81 42.53 22.28
C VAL C 528 -31.06 41.72 21.96
N GLU C 529 -31.19 41.23 20.72
CA GLU C 529 -32.31 40.38 20.39
C GLU C 529 -32.27 39.08 21.18
N GLU C 530 -31.08 38.48 21.29
CA GLU C 530 -30.96 37.24 22.06
C GLU C 530 -31.28 37.48 23.53
N ILE C 531 -30.83 38.62 24.08
CA ILE C 531 -31.11 38.93 25.48
C ILE C 531 -32.60 39.10 25.71
N LEU C 532 -33.29 39.80 24.79
CA LEU C 532 -34.73 39.98 24.95
C LEU C 532 -35.47 38.67 24.76
N GLU C 533 -34.93 37.76 23.94
CA GLU C 533 -35.58 36.47 23.71
C GLU C 533 -35.27 35.44 24.79
N ILE C 534 -34.27 35.69 25.64
CA ILE C 534 -33.99 34.77 26.73
C ILE C 534 -34.57 35.30 28.03
N ARG C 535 -34.71 36.63 28.13
CA ARG C 535 -35.01 37.25 29.42
C ARG C 535 -36.38 36.83 29.95
N ILE C 536 -37.41 36.95 29.12
CA ILE C 536 -38.79 36.70 29.53
C ILE C 536 -39.43 35.61 28.68
N HIS C 537 -39.47 35.80 27.37
CA HIS C 537 -40.15 34.86 26.49
C HIS C 537 -39.33 33.58 26.35
N LYS C 538 -39.99 32.44 26.58
CA LYS C 538 -39.38 31.11 26.42
C LYS C 538 -38.11 30.98 27.27
N LEU C 539 -38.31 31.00 28.58
CA LEU C 539 -37.22 30.77 29.52
C LEU C 539 -36.61 29.40 29.27
N HIS C 540 -35.28 29.33 29.35
CA HIS C 540 -34.52 28.11 29.11
C HIS C 540 -34.84 27.55 27.72
N TYR C 541 -34.49 28.33 26.70
CA TYR C 541 -34.78 28.01 25.32
C TYR C 541 -33.62 27.31 24.61
N PHE C 542 -32.76 26.64 25.37
CA PHE C 542 -31.59 25.96 24.83
C PHE C 542 -31.90 24.59 24.24
N ARG C 543 -33.17 24.31 23.95
CA ARG C 543 -33.55 23.03 23.36
C ARG C 543 -33.42 23.03 21.85
N SER C 544 -33.03 24.14 21.23
CA SER C 544 -32.91 24.24 19.79
C SER C 544 -31.45 24.39 19.39
N PHE C 545 -31.09 23.73 18.29
CA PHE C 545 -29.71 23.80 17.80
C PHE C 545 -29.38 25.19 17.29
N TRP C 546 -30.33 25.84 16.61
CA TRP C 546 -30.07 27.16 16.04
C TRP C 546 -29.80 28.21 17.11
N ASN C 547 -30.47 28.15 18.25
CA ASN C 547 -30.21 29.08 19.34
C ASN C 547 -28.81 28.92 19.90
N CYS C 548 -28.36 27.67 20.08
CA CYS C 548 -26.98 27.43 20.53
C CYS C 548 -25.98 27.95 19.49
N LEU C 549 -26.28 27.74 18.21
CA LEU C 549 -25.41 28.28 17.17
C LEU C 549 -25.34 29.80 17.24
N ASP C 550 -26.47 30.45 17.48
CA ASP C 550 -26.49 31.91 17.56
C ASP C 550 -25.69 32.41 18.75
N VAL C 551 -25.83 31.76 19.91
CA VAL C 551 -25.09 32.23 21.08
C VAL C 551 -23.59 31.98 20.89
N VAL C 552 -23.22 30.86 20.26
CA VAL C 552 -21.81 30.63 19.96
C VAL C 552 -21.28 31.71 19.04
N ILE C 553 -22.05 32.06 18.01
CA ILE C 553 -21.62 33.09 17.05
C ILE C 553 -21.41 34.41 17.76
N VAL C 554 -22.35 34.82 18.61
CA VAL C 554 -22.23 36.13 19.25
C VAL C 554 -21.08 36.13 20.26
N VAL C 555 -20.86 35.01 20.96
CA VAL C 555 -19.75 34.95 21.90
C VAL C 555 -18.42 35.08 21.16
N LEU C 556 -18.26 34.33 20.06
CA LEU C 556 -17.03 34.43 19.30
C LEU C 556 -16.84 35.83 18.73
N SER C 557 -17.92 36.45 18.26
CA SER C 557 -17.82 37.78 17.68
C SER C 557 -17.41 38.81 18.72
N VAL C 558 -17.99 38.76 19.92
CA VAL C 558 -17.61 39.74 20.94
C VAL C 558 -16.19 39.48 21.42
N VAL C 559 -15.76 38.22 21.48
CA VAL C 559 -14.37 37.94 21.82
C VAL C 559 -13.42 38.54 20.79
N ALA C 560 -13.75 38.37 19.50
CA ALA C 560 -12.92 38.93 18.44
C ALA C 560 -12.90 40.45 18.50
N ILE C 561 -14.05 41.08 18.78
CA ILE C 561 -14.10 42.53 18.88
C ILE C 561 -13.25 43.03 20.03
N GLY C 562 -13.32 42.35 21.18
CA GLY C 562 -12.50 42.73 22.31
C GLY C 562 -11.02 42.58 22.01
N ILE C 563 -10.63 41.48 21.37
CA ILE C 563 -9.23 41.29 21.01
C ILE C 563 -8.76 42.39 20.07
N ASN C 564 -9.57 42.73 19.07
CA ASN C 564 -9.18 43.78 18.12
C ASN C 564 -9.04 45.12 18.81
N ILE C 565 -9.98 45.45 19.70
CA ILE C 565 -9.90 46.72 20.43
C ILE C 565 -8.66 46.77 21.29
N TYR C 566 -8.35 45.67 21.99
CA TYR C 566 -7.20 45.63 22.88
C TYR C 566 -5.89 45.74 22.10
N ARG C 567 -5.80 45.08 20.94
CA ARG C 567 -4.57 45.03 20.17
C ARG C 567 -4.46 46.13 19.13
N THR C 568 -5.47 46.98 18.98
CA THR C 568 -5.38 48.10 18.05
C THR C 568 -4.99 49.41 18.70
N SER C 569 -5.19 49.56 20.02
CA SER C 569 -4.81 50.77 20.72
C SER C 569 -3.46 50.67 21.41
N ASN C 570 -2.96 49.47 21.65
CA ASN C 570 -1.68 49.28 22.33
C ASN C 570 -0.56 49.15 21.29
N VAL C 571 -0.32 50.25 20.59
CA VAL C 571 0.75 50.33 19.60
C VAL C 571 1.84 51.26 20.13
N GLU C 572 1.98 51.32 21.45
CA GLU C 572 2.99 52.20 22.04
C GLU C 572 4.39 51.76 21.67
N VAL C 573 4.60 50.48 21.39
CA VAL C 573 5.93 50.01 21.00
C VAL C 573 6.34 50.65 19.68
N LEU C 574 5.45 50.65 18.69
CA LEU C 574 5.74 51.28 17.41
C LEU C 574 5.92 52.79 17.53
N LEU C 575 5.12 53.45 18.37
CA LEU C 575 5.29 54.89 18.58
C LEU C 575 6.64 55.18 19.22
N GLN C 576 7.06 54.36 20.18
CA GLN C 576 8.33 54.53 20.85
C GLN C 576 9.49 54.31 19.89
N PHE C 577 9.35 53.33 19.00
CA PHE C 577 10.43 52.99 18.08
C PHE C 577 10.76 54.14 17.13
N LEU C 578 9.74 54.90 16.73
CA LEU C 578 9.96 55.96 15.74
C LEU C 578 10.92 57.03 16.25
N GLU C 579 10.80 57.41 17.52
CA GLU C 579 11.68 58.45 18.06
C GLU C 579 13.14 58.01 18.05
N ASP C 580 13.41 56.76 18.43
CA ASP C 580 14.76 56.23 18.47
C ASP C 580 14.83 55.01 17.56
N GLN C 581 15.33 55.20 16.35
CA GLN C 581 15.44 54.13 15.35
C GLN C 581 16.77 53.39 15.41
N ASN C 582 17.43 53.38 16.57
CA ASN C 582 18.68 52.68 16.76
C ASN C 582 18.56 51.61 17.85
N THR C 583 17.34 51.17 18.11
CA THR C 583 17.08 50.19 19.16
C THR C 583 16.33 48.98 18.62
N PHE C 584 15.94 48.07 19.49
CA PHE C 584 15.25 46.86 19.07
C PHE C 584 13.75 47.05 19.17
N PRO C 585 13.01 46.96 18.06
CA PRO C 585 11.54 47.05 18.13
C PRO C 585 10.93 45.74 18.59
N ASN C 586 10.08 45.81 19.61
CA ASN C 586 9.48 44.64 20.23
C ASN C 586 8.05 44.48 19.69
N PHE C 587 7.89 43.58 18.72
CA PHE C 587 6.60 43.38 18.05
C PHE C 587 6.08 41.95 18.20
N GLU C 588 6.48 41.25 19.25
CA GLU C 588 6.05 39.86 19.41
C GLU C 588 4.61 39.76 19.92
N HIS C 589 4.21 40.62 20.85
CA HIS C 589 2.85 40.57 21.37
C HIS C 589 1.83 40.89 20.28
N LEU C 590 2.15 41.87 19.43
CA LEU C 590 1.25 42.21 18.33
C LEU C 590 1.06 41.02 17.39
N ALA C 591 2.15 40.30 17.07
CA ALA C 591 2.04 39.14 16.19
C ALA C 591 1.22 38.04 16.85
N TYR C 592 1.44 37.79 18.14
CA TYR C 592 0.68 36.75 18.83
C TYR C 592 -0.81 37.06 18.83
N TRP C 593 -1.16 38.31 19.14
CA TRP C 593 -2.58 38.68 19.16
C TRP C 593 -3.17 38.71 17.77
N GLN C 594 -2.37 39.05 16.74
CA GLN C 594 -2.85 38.97 15.38
C GLN C 594 -3.19 37.53 15.00
N ILE C 595 -2.34 36.58 15.39
CA ILE C 595 -2.62 35.18 15.11
C ILE C 595 -3.90 34.73 15.81
N GLN C 596 -4.05 35.12 17.08
CA GLN C 596 -5.26 34.74 17.82
C GLN C 596 -6.51 35.33 17.16
N PHE C 597 -6.44 36.60 16.76
CA PHE C 597 -7.57 37.24 16.11
C PHE C 597 -7.92 36.55 14.79
N ASN C 598 -6.90 36.17 14.02
CA ASN C 598 -7.15 35.48 12.77
C ASN C 598 -7.85 34.15 12.99
N ASN C 599 -7.40 33.39 14.00
CA ASN C 599 -8.05 32.11 14.30
C ASN C 599 -9.50 32.32 14.69
N ILE C 600 -9.77 33.29 15.58
CA ILE C 600 -11.13 33.53 16.03
C ILE C 600 -12.01 33.96 14.86
N ALA C 601 -11.50 34.84 14.00
CA ALA C 601 -12.29 35.32 12.87
C ALA C 601 -12.59 34.19 11.90
N ALA C 602 -11.63 33.32 11.65
CA ALA C 602 -11.87 32.20 10.74
C ALA C 602 -12.95 31.28 11.28
N VAL C 603 -12.89 30.95 12.58
CA VAL C 603 -13.91 30.08 13.16
C VAL C 603 -15.28 30.75 13.09
N THR C 604 -15.34 32.05 13.40
CA THR C 604 -16.60 32.78 13.36
C THR C 604 -17.19 32.78 11.96
N VAL C 605 -16.36 32.99 10.94
CA VAL C 605 -16.84 32.99 9.56
C VAL C 605 -17.37 31.61 9.19
N PHE C 606 -16.66 30.55 9.60
CA PHE C 606 -17.14 29.20 9.32
C PHE C 606 -18.53 28.98 9.91
N PHE C 607 -18.72 29.37 11.17
CA PHE C 607 -20.02 29.13 11.81
C PHE C 607 -21.11 29.99 11.20
N VAL C 608 -20.79 31.23 10.83
CA VAL C 608 -21.78 32.09 10.18
C VAL C 608 -22.21 31.49 8.85
N TRP C 609 -21.27 30.95 8.09
CA TRP C 609 -21.63 30.27 6.84
C TRP C 609 -22.49 29.04 7.11
N ILE C 610 -22.16 28.28 8.15
CA ILE C 610 -22.96 27.10 8.50
C ILE C 610 -24.38 27.50 8.85
N LYS C 611 -24.57 28.69 9.40
CA LYS C 611 -25.90 29.14 9.81
C LYS C 611 -26.87 29.27 8.63
N LEU C 612 -26.38 29.27 7.39
CA LEU C 612 -27.25 29.44 6.22
C LEU C 612 -28.29 28.34 6.09
N PHE C 613 -28.07 27.18 6.71
CA PHE C 613 -29.00 26.06 6.58
C PHE C 613 -30.37 26.35 7.19
N LYS C 614 -30.49 27.39 8.00
CA LYS C 614 -31.77 27.71 8.64
C LYS C 614 -32.83 28.14 7.65
N PHE C 615 -32.44 28.58 6.46
CA PHE C 615 -33.38 29.18 5.52
C PHE C 615 -33.63 28.36 4.27
N ILE C 616 -32.85 27.30 4.02
CA ILE C 616 -32.99 26.51 2.79
C ILE C 616 -34.02 25.42 3.08
N ASN C 617 -35.29 25.79 3.00
CA ASN C 617 -36.41 24.86 3.07
C ASN C 617 -37.50 25.30 2.09
N PHE C 618 -37.09 25.77 0.91
CA PHE C 618 -38.06 26.40 0.00
C PHE C 618 -39.01 25.39 -0.61
N ASN C 619 -38.60 24.12 -0.74
CA ASN C 619 -39.49 23.13 -1.33
C ASN C 619 -39.52 21.84 -0.52
N ARG C 620 -40.18 20.82 -1.06
CA ARG C 620 -40.34 19.56 -0.35
C ARG C 620 -39.03 18.78 -0.27
N THR C 621 -38.22 18.81 -1.33
CA THR C 621 -37.00 18.01 -1.35
C THR C 621 -36.01 18.49 -0.29
N MET C 622 -35.79 19.81 -0.21
CA MET C 622 -34.86 20.34 0.77
C MET C 622 -35.36 20.11 2.19
N SER C 623 -36.66 20.25 2.41
CA SER C 623 -37.22 19.98 3.74
C SER C 623 -37.05 18.53 4.13
N GLN C 624 -37.26 17.62 3.18
CA GLN C 624 -37.06 16.20 3.47
C GLN C 624 -35.60 15.89 3.80
N LEU C 625 -34.68 16.48 3.03
CA LEU C 625 -33.26 16.27 3.30
C LEU C 625 -32.87 16.82 4.67
N SER C 626 -33.38 18.00 5.01
CA SER C 626 -33.10 18.57 6.33
C SER C 626 -33.66 17.68 7.43
N THR C 627 -34.86 17.14 7.23
CA THR C 627 -35.46 16.28 8.24
C THR C 627 -34.65 15.01 8.45
N THR C 628 -34.21 14.36 7.36
CA THR C 628 -33.43 13.14 7.55
C THR C 628 -32.04 13.44 8.10
N MET C 629 -31.49 14.61 7.80
CA MET C 629 -30.21 14.98 8.40
C MET C 629 -30.34 15.28 9.88
N SER C 630 -31.48 15.84 10.30
CA SER C 630 -31.71 16.13 11.71
C SER C 630 -32.05 14.89 12.52
N ARG C 631 -32.78 13.95 11.92
CA ARG C 631 -33.27 12.79 12.68
C ARG C 631 -32.15 11.81 12.99
N CYS C 632 -31.13 11.72 12.15
CA CYS C 632 -30.02 10.80 12.37
C CYS C 632 -28.92 11.41 13.22
N ALA C 633 -29.10 12.63 13.73
CA ALA C 633 -28.07 13.30 14.48
C ALA C 633 -27.83 12.70 15.86
N LYS C 634 -28.72 11.84 16.34
CA LYS C 634 -28.54 11.24 17.66
C LYS C 634 -27.99 9.82 17.59
N ASP C 635 -28.27 9.08 16.51
CA ASP C 635 -27.64 7.78 16.34
C ASP C 635 -26.20 7.92 15.88
N LEU C 636 -25.93 8.92 15.03
CA LEU C 636 -24.56 9.15 14.57
C LEU C 636 -23.65 9.52 15.72
N PHE C 637 -24.12 10.35 16.65
CA PHE C 637 -23.32 10.70 17.83
C PHE C 637 -23.08 9.47 18.70
N GLY C 638 -24.12 8.66 18.91
CA GLY C 638 -23.96 7.46 19.71
C GLY C 638 -22.95 6.48 19.13
N PHE C 639 -22.97 6.31 17.81
CA PHE C 639 -21.98 5.42 17.21
C PHE C 639 -20.61 6.07 17.10
N ALA C 640 -20.56 7.40 17.01
CA ALA C 640 -19.27 8.08 17.01
C ALA C 640 -18.56 7.92 18.34
N ILE C 641 -19.31 7.82 19.43
CA ILE C 641 -18.69 7.52 20.72
C ILE C 641 -17.93 6.19 20.66
N MET C 642 -18.59 5.15 20.14
CA MET C 642 -17.95 3.85 20.00
C MET C 642 -16.75 3.91 19.06
N PHE C 643 -16.93 4.59 17.93
CA PHE C 643 -15.88 4.70 16.93
C PHE C 643 -14.63 5.35 17.53
N PHE C 644 -14.83 6.42 18.30
CA PHE C 644 -13.69 7.12 18.86
C PHE C 644 -13.09 6.36 20.03
N ILE C 645 -13.88 5.56 20.75
CA ILE C 645 -13.30 4.70 21.77
C ILE C 645 -12.32 3.71 21.13
N ILE C 646 -12.76 3.06 20.04
CA ILE C 646 -11.88 2.13 19.35
C ILE C 646 -10.68 2.85 18.75
N PHE C 647 -10.91 4.04 18.18
CA PHE C 647 -9.85 4.83 17.58
C PHE C 647 -8.78 5.18 18.60
N LEU C 648 -9.20 5.61 19.79
CA LEU C 648 -8.24 5.99 20.82
C LEU C 648 -7.52 4.78 21.40
N ALA C 649 -8.21 3.64 21.51
CA ALA C 649 -7.51 2.43 21.93
C ALA C 649 -6.40 2.06 20.95
N TYR C 650 -6.71 2.09 19.65
CA TYR C 650 -5.69 1.81 18.64
C TYR C 650 -4.57 2.84 18.67
N ALA C 651 -4.91 4.10 18.86
CA ALA C 651 -3.91 5.16 18.89
C ALA C 651 -2.97 4.98 20.08
N GLN C 652 -3.51 4.61 21.24
CA GLN C 652 -2.66 4.40 22.41
C GLN C 652 -1.77 3.17 22.21
N LEU C 653 -2.29 2.11 21.61
CA LEU C 653 -1.46 0.95 21.32
C LEU C 653 -0.31 1.33 20.38
N ALA C 654 -0.62 2.09 19.32
CA ALA C 654 0.41 2.51 18.37
C ALA C 654 1.42 3.43 19.04
N TYR C 655 0.97 4.30 19.93
CA TYR C 655 1.89 5.17 20.66
C TYR C 655 2.85 4.34 21.50
N LEU C 656 2.33 3.36 22.23
CA LEU C 656 3.20 2.55 23.08
C LEU C 656 4.17 1.71 22.26
N VAL C 657 3.75 1.24 21.10
CA VAL C 657 4.61 0.33 20.33
C VAL C 657 5.65 1.11 19.51
N PHE C 658 5.21 2.10 18.75
CA PHE C 658 6.07 2.81 17.80
C PHE C 658 6.50 4.19 18.28
N GLY C 659 6.38 4.46 19.57
CA GLY C 659 6.54 5.83 20.05
C GLY C 659 7.94 6.37 20.10
N THR C 660 8.96 5.53 19.90
CA THR C 660 10.35 5.98 20.02
C THR C 660 11.16 5.78 18.76
N GLN C 661 10.55 5.31 17.66
CA GLN C 661 11.33 4.94 16.48
C GLN C 661 10.81 5.50 15.16
N VAL C 662 9.54 5.85 15.04
CA VAL C 662 8.93 6.09 13.73
C VAL C 662 8.70 7.56 13.43
N ASP C 663 8.62 8.43 14.44
CA ASP C 663 8.52 9.88 14.28
C ASP C 663 7.14 10.30 13.80
N ASP C 664 6.32 9.33 13.39
CA ASP C 664 4.90 9.57 13.15
C ASP C 664 4.06 9.20 14.36
N PHE C 665 4.68 8.64 15.40
CA PHE C 665 4.00 8.26 16.63
C PHE C 665 4.74 8.82 17.83
N SER C 666 5.46 9.94 17.64
CA SER C 666 6.23 10.53 18.72
C SER C 666 5.33 11.00 19.86
N THR C 667 4.20 11.60 19.53
CA THR C 667 3.26 12.10 20.51
C THR C 667 1.88 11.50 20.25
N PHE C 668 1.01 11.57 21.26
CA PHE C 668 -0.31 10.97 21.15
C PHE C 668 -1.13 11.63 20.05
N GLN C 669 -1.11 12.96 19.99
CA GLN C 669 -1.83 13.67 18.94
C GLN C 669 -1.28 13.32 17.56
N GLU C 670 0.04 13.14 17.47
CA GLU C 670 0.63 12.71 16.20
C GLU C 670 0.17 11.31 15.84
N CYS C 671 -0.01 10.45 16.83
CA CYS C 671 -0.58 9.12 16.56
C CYS C 671 -1.99 9.25 16.00
N ILE C 672 -2.80 10.14 16.57
CA ILE C 672 -4.16 10.33 16.08
C ILE C 672 -4.15 10.83 14.63
N PHE C 673 -3.29 11.81 14.34
CA PHE C 673 -3.22 12.34 12.98
C PHE C 673 -2.72 11.30 11.99
N THR C 674 -1.74 10.48 12.41
CA THR C 674 -1.25 9.42 11.54
C THR C 674 -2.32 8.39 11.27
N GLN C 675 -3.11 8.03 12.28
CA GLN C 675 -4.20 7.09 12.05
C GLN C 675 -5.25 7.68 11.11
N PHE C 676 -5.53 8.98 11.21
CA PHE C 676 -6.44 9.60 10.25
C PHE C 676 -5.85 9.59 8.84
N ARG C 677 -4.53 9.77 8.70
CA ARG C 677 -3.91 9.74 7.39
C ARG C 677 -3.84 8.33 6.80
N ILE C 678 -3.81 7.30 7.65
CA ILE C 678 -3.76 5.92 7.15
C ILE C 678 -4.99 5.62 6.30
N ILE C 679 -6.15 6.15 6.70
CA ILE C 679 -7.37 5.93 5.94
C ILE C 679 -7.23 6.43 4.51
N LEU C 680 -6.64 7.62 4.34
CA LEU C 680 -6.39 8.15 3.01
C LEU C 680 -5.32 7.36 2.26
N GLY C 681 -4.53 6.54 2.95
CA GLY C 681 -3.45 5.81 2.31
C GLY C 681 -2.23 6.67 2.08
N ASP C 682 -1.76 7.33 3.12
CA ASP C 682 -0.64 8.27 3.04
C ASP C 682 0.38 7.96 4.14
N ILE C 683 0.78 6.69 4.22
CA ILE C 683 1.77 6.27 5.20
C ILE C 683 2.82 5.39 4.53
N ASN C 684 3.93 5.19 5.24
CA ASN C 684 5.06 4.45 4.68
C ASN C 684 4.87 2.95 4.79
N PHE C 685 4.75 2.44 6.02
CA PHE C 685 4.68 1.03 6.36
C PHE C 685 6.02 0.34 6.16
N ALA C 686 6.98 1.04 5.55
CA ALA C 686 8.34 0.54 5.51
C ALA C 686 9.08 0.77 6.82
N GLU C 687 8.59 1.71 7.63
CA GLU C 687 9.14 1.96 8.96
C GLU C 687 8.36 1.26 10.06
N ILE C 688 7.05 1.04 9.86
CA ILE C 688 6.26 0.32 10.84
C ILE C 688 6.72 -1.13 10.94
N GLU C 689 6.99 -1.76 9.78
CA GLU C 689 7.37 -3.17 9.79
C GLU C 689 8.76 -3.38 10.37
N GLU C 690 9.69 -2.46 10.13
CA GLU C 690 11.04 -2.61 10.64
C GLU C 690 11.20 -2.15 12.08
N ALA C 691 10.32 -1.26 12.56
CA ALA C 691 10.36 -0.88 13.96
C ALA C 691 9.98 -2.04 14.87
N ASN C 692 9.04 -2.88 14.41
CA ASN C 692 8.63 -4.05 15.17
C ASN C 692 8.08 -5.06 14.18
N ARG C 693 8.84 -6.14 13.94
CA ARG C 693 8.45 -7.11 12.93
C ARG C 693 7.20 -7.89 13.32
N VAL C 694 7.04 -8.18 14.59
CA VAL C 694 5.81 -8.77 15.13
C VAL C 694 5.11 -7.70 15.95
N LEU C 695 3.78 -7.68 15.88
CA LEU C 695 2.89 -6.72 16.50
C LEU C 695 2.88 -5.39 15.75
N GLY C 696 3.73 -5.21 14.76
CA GLY C 696 3.67 -4.05 13.91
C GLY C 696 2.70 -4.25 12.76
N PRO C 697 2.94 -5.27 11.94
CA PRO C 697 1.97 -5.62 10.89
C PRO C 697 0.60 -6.02 11.42
N ILE C 698 0.54 -6.64 12.60
CA ILE C 698 -0.75 -7.03 13.18
C ILE C 698 -1.62 -5.80 13.40
N TYR C 699 -1.03 -4.76 13.98
CA TYR C 699 -1.76 -3.52 14.22
C TYR C 699 -2.30 -2.94 12.92
N PHE C 700 -1.45 -2.86 11.89
CA PHE C 700 -1.85 -2.27 10.62
C PHE C 700 -2.98 -3.06 9.98
N THR C 701 -2.83 -4.38 9.90
CA THR C 701 -3.83 -5.20 9.23
C THR C 701 -5.16 -5.17 9.97
N THR C 702 -5.13 -5.31 11.30
CA THR C 702 -6.37 -5.28 12.06
C THR C 702 -7.05 -3.92 11.97
N PHE C 703 -6.27 -2.84 12.03
CA PHE C 703 -6.84 -1.50 11.92
C PHE C 703 -7.51 -1.31 10.57
N VAL C 704 -6.84 -1.72 9.49
CA VAL C 704 -7.42 -1.53 8.16
C VAL C 704 -8.70 -2.34 8.03
N PHE C 705 -8.67 -3.61 8.46
CA PHE C 705 -9.85 -4.45 8.33
C PHE C 705 -11.02 -3.91 9.13
N PHE C 706 -10.78 -3.46 10.36
CA PHE C 706 -11.88 -2.99 11.19
C PHE C 706 -12.42 -1.64 10.74
N MET C 707 -11.56 -0.72 10.30
CA MET C 707 -12.07 0.56 9.85
C MET C 707 -12.81 0.44 8.53
N PHE C 708 -12.23 -0.25 7.55
CA PHE C 708 -12.81 -0.23 6.21
C PHE C 708 -14.02 -1.14 6.06
N PHE C 709 -14.04 -2.29 6.74
CA PHE C 709 -15.06 -3.30 6.50
C PHE C 709 -16.15 -3.34 7.55
N ILE C 710 -16.02 -2.60 8.65
CA ILE C 710 -16.99 -2.70 9.73
C ILE C 710 -17.63 -1.36 10.04
N LEU C 711 -16.80 -0.39 10.45
CA LEU C 711 -17.34 0.85 11.00
C LEU C 711 -17.93 1.76 9.92
N LEU C 712 -17.25 1.88 8.78
CA LEU C 712 -17.80 2.69 7.68
C LEU C 712 -19.12 2.11 7.19
N ASN C 713 -19.19 0.78 7.06
CA ASN C 713 -20.44 0.14 6.67
C ASN C 713 -21.53 0.39 7.68
N MET C 714 -21.18 0.48 8.97
CA MET C 714 -22.18 0.73 9.99
C MET C 714 -22.72 2.17 9.90
N PHE C 715 -21.82 3.13 9.65
CA PHE C 715 -22.28 4.50 9.41
C PHE C 715 -23.22 4.56 8.22
N LEU C 716 -22.85 3.89 7.13
CA LEU C 716 -23.69 3.87 5.94
C LEU C 716 -25.04 3.23 6.22
N ALA C 717 -25.04 2.13 6.99
CA ALA C 717 -26.30 1.45 7.31
C ALA C 717 -27.21 2.35 8.14
N ILE C 718 -26.65 3.05 9.13
CA ILE C 718 -27.45 3.95 9.94
C ILE C 718 -28.08 5.03 9.07
N ILE C 719 -27.26 5.65 8.20
CA ILE C 719 -27.79 6.73 7.36
C ILE C 719 -28.87 6.21 6.42
N ASN C 720 -28.63 5.06 5.78
CA ASN C 720 -29.61 4.49 4.86
C ASN C 720 -30.93 4.21 5.56
N ASP C 721 -30.87 3.54 6.70
CA ASP C 721 -32.09 3.18 7.40
C ASP C 721 -32.86 4.42 7.85
N THR C 722 -32.15 5.41 8.38
CA THR C 722 -32.82 6.63 8.83
C THR C 722 -33.51 7.33 7.66
N TYR C 723 -32.81 7.46 6.53
CA TYR C 723 -33.38 8.15 5.39
C TYR C 723 -34.63 7.42 4.88
N SER C 724 -34.53 6.10 4.73
CA SER C 724 -35.67 5.35 4.20
C SER C 724 -36.85 5.44 5.16
N GLU C 725 -36.60 5.30 6.46
CA GLU C 725 -37.69 5.33 7.43
C GLU C 725 -38.38 6.70 7.45
N VAL C 726 -37.58 7.78 7.46
CA VAL C 726 -38.19 9.10 7.53
C VAL C 726 -38.97 9.41 6.26
N LYS C 727 -38.43 9.04 5.10
CA LYS C 727 -39.18 9.30 3.87
C LYS C 727 -40.47 8.50 3.82
N SER C 728 -40.42 7.22 4.20
CA SER C 728 -41.63 6.40 4.18
C SER C 728 -42.69 6.95 5.12
N ASP C 729 -42.29 7.29 6.35
CA ASP C 729 -43.26 7.79 7.31
C ASP C 729 -43.82 9.15 6.89
N LEU C 730 -42.98 10.04 6.34
CA LEU C 730 -43.46 11.33 5.88
C LEU C 730 -44.46 11.16 4.75
N ALA C 731 -44.16 10.28 3.79
CA ALA C 731 -45.11 10.04 2.70
C ALA C 731 -46.41 9.43 3.22
N GLN C 732 -46.31 8.49 4.17
CA GLN C 732 -47.51 7.87 4.71
C GLN C 732 -48.38 8.89 5.43
N GLN C 733 -47.77 9.78 6.22
CA GLN C 733 -48.56 10.76 6.95
C GLN C 733 -49.11 11.85 6.02
N LYS C 734 -48.40 12.16 4.94
CA LYS C 734 -48.92 13.13 3.98
C LYS C 734 -50.02 12.55 3.11
N ALA C 735 -50.05 11.21 2.97
CA ALA C 735 -51.09 10.58 2.17
C ALA C 735 -52.47 10.84 2.77
N GLU C 736 -52.59 10.78 4.09
CA GLU C 736 -53.86 11.03 4.76
C GLU C 736 -54.13 12.52 4.87
N SER D 258 -37.60 0.81 -34.96
CA SER D 258 -37.30 2.04 -35.69
C SER D 258 -35.98 2.65 -35.22
N VAL D 259 -35.53 2.23 -34.04
CA VAL D 259 -34.27 2.73 -33.49
C VAL D 259 -33.05 2.04 -34.06
N LEU D 260 -33.23 1.04 -34.93
CA LEU D 260 -32.09 0.36 -35.52
C LEU D 260 -31.26 1.29 -36.38
N ARG D 261 -31.92 2.14 -37.17
CA ARG D 261 -31.18 3.10 -38.00
C ARG D 261 -30.40 4.08 -37.13
N GLU D 262 -31.02 4.55 -36.04
CA GLU D 262 -30.31 5.45 -35.12
C GLU D 262 -29.10 4.76 -34.52
N LEU D 263 -29.27 3.51 -34.09
CA LEU D 263 -28.15 2.79 -33.48
C LEU D 263 -27.02 2.58 -34.48
N VAL D 264 -27.34 2.21 -35.71
CA VAL D 264 -26.27 1.93 -36.69
C VAL D 264 -25.57 3.22 -37.10
N THR D 265 -26.32 4.30 -37.32
CA THR D 265 -25.64 5.55 -37.68
C THR D 265 -24.81 6.08 -36.53
N TYR D 266 -25.26 5.88 -35.28
CA TYR D 266 -24.45 6.28 -34.15
C TYR D 266 -23.21 5.42 -34.01
N LEU D 267 -23.31 4.13 -34.33
CA LEU D 267 -22.14 3.26 -34.29
C LEU D 267 -21.10 3.69 -35.31
N LEU D 268 -21.53 4.03 -36.53
CA LEU D 268 -20.59 4.54 -37.53
C LEU D 268 -19.97 5.87 -37.08
N PHE D 269 -20.78 6.76 -36.52
CA PHE D 269 -20.25 8.02 -36.00
C PHE D 269 -19.22 7.76 -34.90
N LEU D 270 -19.51 6.82 -34.01
CA LEU D 270 -18.61 6.53 -32.90
C LEU D 270 -17.29 5.93 -33.38
N ILE D 271 -17.34 5.01 -34.35
CA ILE D 271 -16.09 4.42 -34.83
C ILE D 271 -15.28 5.45 -35.60
N VAL D 272 -15.95 6.34 -36.33
CA VAL D 272 -15.22 7.42 -37.01
C VAL D 272 -14.53 8.31 -35.99
N LEU D 273 -15.23 8.70 -34.92
CA LEU D 273 -14.63 9.53 -33.89
C LEU D 273 -13.48 8.81 -33.20
N CYS D 274 -13.63 7.51 -32.96
CA CYS D 274 -12.57 6.75 -32.32
C CYS D 274 -11.32 6.68 -33.19
N ILE D 275 -11.49 6.48 -34.50
CA ILE D 275 -10.32 6.42 -35.37
C ILE D 275 -9.67 7.79 -35.47
N LEU D 276 -10.47 8.87 -35.46
CA LEU D 276 -9.88 10.21 -35.44
C LEU D 276 -9.09 10.45 -34.16
N THR D 277 -9.65 10.01 -33.01
CA THR D 277 -8.95 10.15 -31.75
C THR D 277 -7.63 9.38 -31.75
N TYR D 278 -7.65 8.15 -32.27
CA TYR D 278 -6.42 7.36 -32.34
C TYR D 278 -5.41 8.02 -33.27
N GLY D 279 -5.88 8.65 -34.34
CA GLY D 279 -4.99 9.46 -35.15
C GLY D 279 -4.37 10.61 -34.41
N MET D 280 -5.14 11.28 -33.56
CA MET D 280 -4.61 12.32 -32.68
C MET D 280 -3.88 11.75 -31.47
N MET D 281 -4.15 10.48 -31.14
CA MET D 281 -3.56 9.84 -29.97
C MET D 281 -2.04 9.78 -30.01
N SER D 282 -1.45 9.42 -31.15
CA SER D 282 -0.01 9.17 -31.25
C SER D 282 0.68 10.22 -32.11
N SER D 283 0.30 11.49 -31.96
CA SER D 283 0.95 12.55 -32.72
C SER D 283 2.40 12.74 -32.35
N ASN D 284 2.83 12.21 -31.20
CA ASN D 284 4.23 12.30 -30.75
C ASN D 284 4.71 13.75 -30.70
N VAL D 285 3.87 14.62 -30.13
CA VAL D 285 4.22 16.03 -29.98
C VAL D 285 4.57 16.29 -28.53
N TYR D 286 4.03 15.46 -27.62
CA TYR D 286 4.32 15.61 -26.20
C TYR D 286 5.80 15.39 -25.92
N TYR D 287 6.39 14.37 -26.53
CA TYR D 287 7.77 14.00 -26.23
C TYR D 287 8.75 15.07 -26.71
N TYR D 288 8.51 15.61 -27.91
CA TYR D 288 9.36 16.67 -28.44
C TYR D 288 9.29 17.92 -27.57
N THR D 289 8.08 18.33 -27.18
CA THR D 289 7.94 19.51 -26.35
C THR D 289 8.57 19.29 -24.98
N ARG D 290 8.45 18.08 -24.42
CA ARG D 290 9.05 17.80 -23.13
C ARG D 290 10.58 17.92 -23.19
N MET D 291 11.19 17.29 -24.19
CA MET D 291 12.65 17.33 -24.26
C MET D 291 13.18 18.62 -24.86
N MET D 292 12.33 19.48 -25.39
CA MET D 292 12.76 20.83 -25.71
C MET D 292 12.60 21.78 -24.54
N SER D 293 11.59 21.56 -23.70
CA SER D 293 11.48 22.28 -22.44
C SER D 293 12.67 21.95 -21.53
N GLN D 294 13.08 20.68 -21.52
CA GLN D 294 14.27 20.31 -20.75
C GLN D 294 15.53 21.00 -21.27
N LEU D 295 15.51 21.50 -22.51
CA LEU D 295 16.67 22.20 -23.04
C LEU D 295 16.80 23.62 -22.47
N PHE D 296 15.70 24.24 -22.09
CA PHE D 296 15.70 25.62 -21.59
C PHE D 296 15.51 25.71 -20.08
N LEU D 297 14.62 24.90 -19.51
CA LEU D 297 14.25 25.02 -18.12
C LEU D 297 15.03 24.11 -17.18
N ASP D 298 15.94 23.30 -17.70
CA ASP D 298 16.66 22.34 -16.88
C ASP D 298 18.16 22.55 -16.84
N THR D 299 18.77 23.01 -17.92
CA THR D 299 20.21 23.19 -17.94
C THR D 299 20.62 24.32 -16.99
N PRO D 300 21.69 24.12 -16.20
CA PRO D 300 22.20 25.20 -15.35
C PRO D 300 22.33 26.52 -16.11
N VAL D 301 22.12 27.61 -15.39
CA VAL D 301 22.22 28.94 -15.98
C VAL D 301 23.64 29.17 -16.50
N SER D 302 24.64 28.82 -15.70
CA SER D 302 26.04 28.91 -16.10
C SER D 302 26.76 27.66 -15.63
N LYS D 303 28.04 27.54 -16.03
CA LYS D 303 28.81 26.36 -15.70
C LYS D 303 29.08 26.23 -14.20
N THR D 304 29.04 27.33 -13.45
CA THR D 304 29.31 27.32 -12.02
C THR D 304 28.04 27.24 -11.19
N GLU D 305 27.03 28.05 -11.51
CA GLU D 305 25.79 28.04 -10.76
C GLU D 305 24.96 26.81 -11.07
N LYS D 306 24.27 26.30 -10.05
CA LYS D 306 23.42 25.12 -10.19
C LYS D 306 21.97 25.47 -10.47
N THR D 307 21.65 26.76 -10.58
CA THR D 307 20.27 27.19 -10.78
C THR D 307 19.88 27.07 -12.25
N ASN D 308 18.56 27.05 -12.48
CA ASN D 308 17.99 27.02 -13.82
C ASN D 308 16.84 28.02 -13.88
N PHE D 309 16.14 28.05 -15.01
CA PHE D 309 15.02 28.96 -15.16
C PHE D 309 13.88 28.61 -14.20
N LYS D 310 13.72 27.32 -13.89
CA LYS D 310 12.69 26.91 -12.95
C LYS D 310 12.96 27.35 -11.52
N THR D 311 14.17 27.81 -11.21
CA THR D 311 14.56 28.17 -9.86
C THR D 311 15.23 29.53 -9.81
N LEU D 312 14.78 30.46 -10.65
CA LEU D 312 15.30 31.82 -10.57
C LEU D 312 14.86 32.47 -9.26
N SER D 313 15.74 33.27 -8.67
CA SER D 313 15.47 33.84 -7.36
C SER D 313 15.84 35.31 -7.23
N SER D 314 16.41 35.94 -8.25
CA SER D 314 16.82 37.33 -8.14
C SER D 314 16.99 37.93 -9.53
N MET D 315 17.24 39.24 -9.55
CA MET D 315 17.52 39.94 -10.80
C MET D 315 18.80 39.41 -11.45
N GLU D 316 19.83 39.13 -10.65
CA GLU D 316 21.10 38.66 -11.19
C GLU D 316 20.94 37.31 -11.87
N ASP D 317 20.10 36.44 -11.31
CA ASP D 317 19.86 35.14 -11.95
C ASP D 317 19.23 35.30 -13.31
N PHE D 318 18.26 36.22 -13.44
CA PHE D 318 17.66 36.48 -14.74
C PHE D 318 18.68 37.06 -15.71
N TRP D 319 19.49 38.00 -15.25
CA TRP D 319 20.50 38.60 -16.12
C TRP D 319 21.53 37.58 -16.58
N LYS D 320 21.84 36.60 -15.72
CA LYS D 320 22.73 35.52 -16.14
C LYS D 320 22.02 34.56 -17.08
N PHE D 321 20.71 34.36 -16.91
CA PHE D 321 19.97 33.49 -17.81
C PHE D 321 19.94 34.05 -19.22
N THR D 322 19.67 35.36 -19.36
CA THR D 322 19.60 35.91 -20.71
C THR D 322 20.97 36.01 -21.39
N GLU D 323 22.05 35.79 -20.66
CA GLU D 323 23.41 35.71 -21.22
C GLU D 323 24.01 34.39 -20.73
N GLY D 324 23.77 33.32 -21.48
CA GLY D 324 24.06 32.00 -20.97
C GLY D 324 23.12 30.94 -21.49
N SER D 325 22.41 30.28 -20.57
CA SER D 325 21.56 29.14 -20.94
C SER D 325 20.56 29.49 -22.02
N LEU D 326 20.12 30.74 -22.08
CA LEU D 326 19.22 31.14 -23.17
C LEU D 326 19.94 31.20 -24.50
N LEU D 327 21.11 31.84 -24.54
CA LEU D 327 21.78 32.08 -25.81
C LEU D 327 22.38 30.80 -26.39
N ASP D 328 23.06 30.02 -25.55
CA ASP D 328 23.72 28.81 -26.06
C ASP D 328 22.74 27.74 -26.50
N GLY D 329 21.60 27.62 -25.82
CA GLY D 329 20.58 26.68 -26.19
C GLY D 329 19.64 27.14 -27.28
N LEU D 330 19.82 28.37 -27.78
CA LEU D 330 18.98 28.91 -28.84
C LEU D 330 19.69 29.02 -30.18
N TYR D 331 21.01 29.20 -30.18
CA TYR D 331 21.80 29.25 -31.41
C TYR D 331 22.76 28.07 -31.40
N TRP D 332 22.27 26.93 -31.87
CA TRP D 332 23.10 25.73 -32.03
C TRP D 332 22.33 24.63 -32.75
N TYR D 350 15.99 20.16 -30.72
CA TYR D 350 17.30 19.51 -30.78
C TYR D 350 18.32 20.49 -31.36
N GLU D 351 18.31 20.59 -32.69
CA GLU D 351 19.17 21.53 -33.40
C GLU D 351 18.31 22.45 -34.24
N ASN D 352 17.25 22.99 -33.63
CA ASN D 352 16.24 23.75 -34.35
C ASN D 352 16.79 25.08 -34.87
N LEU D 353 16.08 25.64 -35.83
CA LEU D 353 16.44 26.93 -36.43
C LEU D 353 15.33 27.95 -36.15
N LEU D 354 15.74 29.21 -36.03
CA LEU D 354 14.80 30.27 -35.69
C LEU D 354 13.88 30.59 -36.85
N LEU D 355 12.69 31.09 -36.51
CA LEU D 355 11.71 31.54 -37.49
C LEU D 355 11.64 33.06 -37.55
N GLY D 356 12.74 33.73 -37.23
CA GLY D 356 12.76 35.18 -37.19
C GLY D 356 13.65 35.71 -36.08
N VAL D 357 13.19 36.72 -35.37
CA VAL D 357 13.94 37.36 -34.29
C VAL D 357 13.11 37.29 -33.03
N PRO D 358 13.66 36.81 -31.91
CA PRO D 358 12.92 36.84 -30.64
C PRO D 358 12.73 38.26 -30.14
N ARG D 359 11.70 38.44 -29.32
CA ARG D 359 11.36 39.75 -28.78
C ARG D 359 11.36 39.69 -27.26
N ILE D 360 11.91 40.73 -26.63
CA ILE D 360 11.92 40.85 -25.17
C ILE D 360 11.25 42.16 -24.81
N ARG D 361 10.28 42.09 -23.90
CA ARG D 361 9.44 43.23 -23.53
C ARG D 361 9.41 43.38 -22.02
N GLN D 362 9.25 44.62 -21.57
CA GLN D 362 9.23 44.94 -20.15
C GLN D 362 8.02 45.81 -19.82
N LEU D 363 7.36 45.48 -18.71
CA LEU D 363 6.26 46.26 -18.17
C LEU D 363 6.66 46.78 -16.80
N ARG D 364 6.52 48.09 -16.60
CA ARG D 364 7.02 48.75 -15.40
C ARG D 364 5.98 49.73 -14.87
N VAL D 365 6.16 50.14 -13.63
CA VAL D 365 5.28 51.11 -12.98
C VAL D 365 6.07 52.40 -12.75
N ARG D 366 5.39 53.43 -12.26
CA ARG D 366 5.98 54.75 -12.10
C ARG D 366 6.32 55.03 -10.64
N ASN D 367 7.30 55.90 -10.44
CA ASN D 367 7.69 56.32 -9.11
C ASN D 367 6.58 57.13 -8.45
N GLY D 368 6.48 56.99 -7.13
CA GLY D 368 5.44 57.69 -6.39
C GLY D 368 4.04 57.27 -6.71
N SER D 369 3.83 55.99 -7.02
CA SER D 369 2.50 55.48 -7.35
C SER D 369 1.69 55.10 -6.12
N CYS D 370 2.26 55.20 -4.92
CA CYS D 370 1.50 54.97 -3.70
C CYS D 370 1.86 56.06 -2.70
N SER D 371 1.13 56.08 -1.58
CA SER D 371 1.29 57.11 -0.56
C SER D 371 2.11 56.54 0.60
N ILE D 372 3.28 57.12 0.83
CA ILE D 372 4.08 56.73 1.99
C ILE D 372 3.48 57.35 3.25
N PRO D 373 3.22 56.57 4.30
CA PRO D 373 2.66 57.15 5.52
C PRO D 373 3.58 58.19 6.12
N GLN D 374 2.98 59.26 6.66
CA GLN D 374 3.76 60.35 7.22
C GLN D 374 4.48 59.98 8.51
N ASP D 375 4.08 58.88 9.15
CA ASP D 375 4.71 58.49 10.40
C ASP D 375 6.19 58.18 10.20
N LEU D 376 6.52 57.46 9.14
CA LEU D 376 7.90 57.11 8.81
C LEU D 376 8.13 57.40 7.34
N ARG D 377 8.56 58.62 7.04
CA ARG D 377 8.83 59.02 5.66
C ARG D 377 10.12 59.81 5.52
N ASP D 378 10.89 59.98 6.60
CA ASP D 378 12.17 60.66 6.54
C ASP D 378 13.30 59.74 6.11
N GLU D 379 13.06 58.43 6.03
CA GLU D 379 14.04 57.47 5.56
C GLU D 379 13.64 56.76 4.29
N ILE D 380 12.37 56.80 3.91
CA ILE D 380 11.89 56.23 2.65
C ILE D 380 11.46 57.38 1.75
N LYS D 381 11.97 57.39 0.53
CA LYS D 381 11.71 58.49 -0.40
C LYS D 381 10.83 58.12 -1.58
N GLU D 382 10.90 56.88 -2.07
CA GLU D 382 10.12 56.48 -3.22
C GLU D 382 9.41 55.16 -2.94
N CYS D 383 8.25 55.00 -3.55
CA CYS D 383 7.48 53.77 -3.46
C CYS D 383 6.99 53.37 -4.84
N TYR D 384 6.75 52.08 -5.02
CA TYR D 384 6.28 51.52 -6.28
C TYR D 384 5.14 50.57 -5.99
N ASP D 385 3.94 50.93 -6.43
CA ASP D 385 2.76 50.11 -6.17
C ASP D 385 2.80 48.86 -7.05
N VAL D 386 1.88 47.93 -6.74
CA VAL D 386 1.74 46.74 -7.58
C VAL D 386 1.25 47.14 -8.97
N TYR D 387 1.41 46.22 -9.92
CA TYR D 387 1.10 46.54 -11.30
C TYR D 387 -0.38 46.78 -11.50
N SER D 388 -0.70 47.82 -12.27
CA SER D 388 -2.05 48.16 -12.65
C SER D 388 -1.99 49.16 -13.78
N VAL D 389 -3.07 49.25 -14.55
CA VAL D 389 -3.12 50.20 -15.66
C VAL D 389 -3.06 51.63 -15.14
N SER D 390 -3.60 51.87 -13.95
CA SER D 390 -3.58 53.21 -13.38
C SER D 390 -2.16 53.66 -13.06
N SER D 391 -1.34 52.76 -12.52
CA SER D 391 -0.01 53.11 -12.04
C SER D 391 1.09 52.77 -13.04
N GLU D 392 0.73 52.42 -14.27
CA GLU D 392 1.74 52.08 -15.28
C GLU D 392 2.53 53.33 -15.68
N ASP D 393 3.81 53.11 -16.00
CA ASP D 393 4.70 54.18 -16.38
C ASP D 393 4.75 54.32 -17.91
N ARG D 394 4.92 55.56 -18.37
CA ARG D 394 4.99 55.83 -19.79
C ARG D 394 6.09 56.81 -20.17
N ALA D 395 6.85 57.34 -19.21
CA ALA D 395 7.90 58.30 -19.51
C ALA D 395 9.13 57.60 -20.08
N PRO D 396 9.89 58.28 -20.94
CA PRO D 396 11.13 57.69 -21.48
C PRO D 396 12.25 57.73 -20.46
N PHE D 397 12.64 56.55 -19.98
CA PHE D 397 13.69 56.42 -18.98
C PHE D 397 14.99 55.96 -19.62
N GLY D 398 16.10 56.27 -18.95
CA GLY D 398 17.41 55.87 -19.41
C GLY D 398 17.84 56.64 -20.64
N PRO D 399 18.87 56.13 -21.33
CA PRO D 399 19.31 56.78 -22.57
C PRO D 399 18.28 56.62 -23.68
N ARG D 400 17.71 57.73 -24.13
CA ARG D 400 16.64 57.69 -25.14
C ARG D 400 17.26 57.53 -26.52
N ASN D 401 17.72 56.30 -26.80
CA ASN D 401 18.29 55.96 -28.09
C ASN D 401 17.26 55.37 -29.04
N GLY D 402 16.66 54.24 -28.67
CA GLY D 402 15.77 53.51 -29.54
C GLY D 402 14.42 53.24 -28.92
N THR D 403 13.85 52.10 -29.31
CA THR D 403 12.51 51.72 -28.88
C THR D 403 12.49 50.95 -27.57
N ALA D 404 13.66 50.63 -27.01
CA ALA D 404 13.75 49.94 -25.73
C ALA D 404 13.69 50.88 -24.54
N TRP D 405 13.72 52.20 -24.78
CA TRP D 405 13.70 53.19 -23.70
C TRP D 405 12.54 54.16 -23.84
N ILE D 406 11.56 53.84 -24.69
CA ILE D 406 10.41 54.71 -24.90
C ILE D 406 9.15 53.85 -24.90
N TYR D 407 8.08 54.37 -24.30
CA TYR D 407 6.84 53.62 -24.17
C TYR D 407 6.09 53.61 -25.48
N THR D 408 5.71 52.42 -25.94
CA THR D 408 4.91 52.24 -27.14
C THR D 408 3.59 51.56 -26.77
N SER D 409 2.50 52.08 -27.31
CA SER D 409 1.18 51.62 -26.92
C SER D 409 0.94 50.19 -27.38
N GLU D 410 -0.17 49.61 -26.91
CA GLU D 410 -0.49 48.23 -27.23
C GLU D 410 -0.78 48.06 -28.72
N LYS D 411 -1.41 49.06 -29.35
CA LYS D 411 -1.86 48.92 -30.72
C LYS D 411 -0.71 48.65 -31.67
N ASP D 412 0.42 49.33 -31.48
CA ASP D 412 1.60 49.09 -32.31
C ASP D 412 2.22 47.72 -32.09
N LEU D 413 2.00 47.13 -30.92
CA LEU D 413 2.60 45.83 -30.58
C LEU D 413 1.76 44.64 -30.99
N ASN D 414 0.44 44.83 -31.21
CA ASN D 414 -0.44 43.78 -31.69
C ASN D 414 -0.44 42.58 -30.74
N GLY D 415 -0.61 42.89 -29.44
CA GLY D 415 -0.64 41.89 -28.41
C GLY D 415 -1.89 42.05 -27.55
N SER D 416 -2.06 41.10 -26.64
CA SER D 416 -3.21 41.08 -25.74
C SER D 416 -2.73 40.78 -24.33
N SER D 417 -3.69 40.64 -23.41
CA SER D 417 -3.38 40.35 -22.03
C SER D 417 -2.82 38.94 -21.88
N HIS D 418 -2.12 38.71 -20.78
CA HIS D 418 -1.49 37.41 -20.53
C HIS D 418 -2.10 36.64 -19.37
N TRP D 419 -2.69 37.32 -18.39
CA TRP D 419 -3.29 36.66 -17.22
C TRP D 419 -2.25 35.82 -16.47
N GLY D 420 -1.25 36.53 -15.94
CA GLY D 420 -0.15 35.89 -15.24
C GLY D 420 -0.51 35.32 -13.88
N ILE D 421 0.49 35.20 -13.01
CA ILE D 421 0.30 34.56 -11.71
C ILE D 421 -0.20 35.56 -10.67
N ILE D 422 0.45 36.71 -10.56
CA ILE D 422 0.07 37.69 -9.54
C ILE D 422 -0.79 38.82 -10.10
N ALA D 423 -0.86 38.98 -11.43
CA ALA D 423 -1.67 40.02 -12.04
C ALA D 423 -1.82 39.69 -13.52
N THR D 424 -2.70 40.44 -14.18
CA THR D 424 -2.87 40.37 -15.63
C THR D 424 -2.19 41.58 -16.25
N TYR D 425 -1.39 41.33 -17.30
CA TYR D 425 -0.52 42.34 -17.87
C TYR D 425 -0.99 42.72 -19.27
N SER D 426 -0.92 44.02 -19.57
CA SER D 426 -1.31 44.50 -20.88
C SER D 426 -0.28 44.07 -21.93
N GLY D 427 -0.57 44.38 -23.19
CA GLY D 427 0.33 44.08 -24.29
C GLY D 427 1.31 45.18 -24.62
N ALA D 428 1.26 46.31 -23.94
CA ALA D 428 2.17 47.42 -24.20
C ALA D 428 3.45 47.21 -23.40
N GLY D 429 4.29 48.24 -23.35
CA GLY D 429 5.52 48.21 -22.59
C GLY D 429 6.68 48.69 -23.43
N TYR D 430 7.89 48.36 -22.97
CA TYR D 430 9.12 48.72 -23.65
C TYR D 430 9.71 47.46 -24.25
N TYR D 431 9.78 47.40 -25.58
CA TYR D 431 10.14 46.19 -26.28
C TYR D 431 11.44 46.36 -27.06
N LEU D 432 12.07 45.22 -27.36
CA LEU D 432 13.26 45.20 -28.19
C LEU D 432 13.34 43.85 -28.89
N ASP D 433 13.60 43.89 -30.19
CA ASP D 433 13.76 42.68 -31.00
C ASP D 433 15.24 42.37 -31.16
N LEU D 434 15.62 41.14 -30.86
CA LEU D 434 17.01 40.72 -30.91
C LEU D 434 17.41 40.44 -32.35
N SER D 435 18.58 39.84 -32.54
CA SER D 435 19.13 39.58 -33.87
C SER D 435 19.26 38.07 -34.09
N ARG D 436 19.36 37.70 -35.36
CA ARG D 436 19.48 36.30 -35.75
C ARG D 436 20.87 35.74 -35.56
N THR D 437 21.86 36.58 -35.28
CA THR D 437 23.23 36.15 -35.04
C THR D 437 23.55 36.30 -33.55
N ARG D 438 24.18 35.27 -33.00
CA ARG D 438 24.47 35.26 -31.56
C ARG D 438 25.41 36.40 -31.18
N GLU D 439 26.42 36.67 -32.03
CA GLU D 439 27.40 37.70 -31.72
C GLU D 439 26.80 39.10 -31.66
N GLU D 440 25.60 39.31 -32.22
CA GLU D 440 24.92 40.60 -32.14
C GLU D 440 23.87 40.63 -31.05
N THR D 441 23.13 39.53 -30.87
CA THR D 441 22.16 39.46 -29.77
C THR D 441 22.87 39.55 -28.43
N ALA D 442 24.02 38.89 -28.28
CA ALA D 442 24.78 38.98 -27.05
C ALA D 442 25.25 40.41 -26.80
N ALA D 443 25.69 41.10 -27.85
CA ALA D 443 26.09 42.49 -27.70
C ALA D 443 24.91 43.37 -27.28
N GLN D 444 23.75 43.13 -27.87
CA GLN D 444 22.57 43.93 -27.53
C GLN D 444 22.17 43.71 -26.07
N VAL D 445 22.14 42.46 -25.61
CA VAL D 445 21.74 42.22 -24.23
C VAL D 445 22.82 42.70 -23.27
N ALA D 446 24.09 42.65 -23.66
CA ALA D 446 25.14 43.22 -22.83
C ALA D 446 24.99 44.73 -22.70
N SER D 447 24.64 45.41 -23.80
CA SER D 447 24.37 46.84 -23.72
C SER D 447 23.16 47.13 -22.84
N LEU D 448 22.13 46.29 -22.91
CA LEU D 448 20.98 46.45 -22.04
C LEU D 448 21.37 46.27 -20.57
N LYS D 449 22.26 45.33 -20.29
CA LYS D 449 22.68 45.10 -18.91
C LYS D 449 23.55 46.26 -18.40
N LYS D 450 24.45 46.77 -19.24
CA LYS D 450 25.32 47.86 -18.82
C LYS D 450 24.52 49.11 -18.47
N ASN D 451 23.84 49.67 -19.46
CA ASN D 451 22.91 50.77 -19.21
C ASN D 451 21.67 50.19 -18.55
N VAL D 452 21.59 50.34 -17.22
CA VAL D 452 20.62 49.62 -16.40
C VAL D 452 19.21 49.72 -16.97
N TRP D 453 18.60 48.56 -17.23
CA TRP D 453 17.27 48.47 -17.82
C TRP D 453 16.23 47.96 -16.85
N LEU D 454 16.61 47.14 -15.89
CA LEU D 454 15.69 46.56 -14.91
C LEU D 454 15.85 47.31 -13.60
N ASP D 455 15.13 48.41 -13.47
CA ASP D 455 15.18 49.23 -12.26
C ASP D 455 14.26 48.63 -11.20
N ARG D 456 14.01 49.40 -10.13
CA ARG D 456 13.06 48.96 -9.12
C ARG D 456 11.62 49.04 -9.60
N GLY D 457 11.36 49.84 -10.64
CA GLY D 457 10.02 49.96 -11.19
C GLY D 457 9.60 48.84 -12.12
N THR D 458 10.53 47.99 -12.53
CA THR D 458 10.20 46.86 -13.40
C THR D 458 9.23 45.92 -12.71
N ARG D 459 8.20 45.50 -13.42
CA ARG D 459 7.18 44.61 -12.87
C ARG D 459 7.04 43.30 -13.61
N ALA D 460 7.32 43.26 -14.91
CA ALA D 460 7.20 42.00 -15.65
C ALA D 460 8.10 42.04 -16.88
N THR D 461 8.54 40.86 -17.30
CA THR D 461 9.40 40.71 -18.47
C THR D 461 8.94 39.51 -19.28
N PHE D 462 8.75 39.72 -20.59
CA PHE D 462 8.31 38.70 -21.53
C PHE D 462 9.41 38.43 -22.55
N ILE D 463 9.58 37.16 -22.91
CA ILE D 463 10.47 36.75 -23.99
C ILE D 463 9.70 35.80 -24.90
N ASP D 464 9.65 36.10 -26.19
CA ASP D 464 8.87 35.33 -27.13
C ASP D 464 9.70 34.98 -28.36
N PHE D 465 9.57 33.73 -28.82
CA PHE D 465 10.21 33.32 -30.07
C PHE D 465 9.53 32.04 -30.59
N SER D 466 10.05 31.53 -31.70
CA SER D 466 9.52 30.33 -32.34
C SER D 466 10.64 29.55 -32.98
N VAL D 467 10.43 28.23 -33.10
CA VAL D 467 11.43 27.32 -33.66
C VAL D 467 10.74 26.30 -34.57
N TYR D 468 11.55 25.67 -35.43
CA TYR D 468 11.09 24.73 -36.43
C TYR D 468 11.56 23.30 -36.19
N ASN D 469 12.87 23.10 -36.01
CA ASN D 469 13.47 21.77 -35.80
C ASN D 469 13.17 20.86 -37.00
N ALA D 470 13.77 21.23 -38.12
CA ALA D 470 13.51 20.56 -39.40
C ALA D 470 13.68 19.04 -39.35
N ASN D 471 14.37 18.51 -38.35
CA ASN D 471 14.56 17.06 -38.27
C ASN D 471 13.22 16.33 -38.19
N ILE D 472 12.31 16.82 -37.36
CA ILE D 472 10.93 16.36 -37.31
C ILE D 472 10.04 17.58 -37.45
N ASN D 473 9.15 17.57 -38.46
CA ASN D 473 8.39 18.75 -38.82
C ASN D 473 7.38 19.06 -37.73
N LEU D 474 7.72 20.06 -36.90
CA LEU D 474 6.85 20.48 -35.80
C LEU D 474 7.23 21.90 -35.41
N PHE D 475 6.39 22.87 -35.76
CA PHE D 475 6.62 24.23 -35.33
C PHE D 475 6.33 24.35 -33.84
N CYS D 476 7.06 25.24 -33.17
CA CYS D 476 6.83 25.47 -31.75
C CYS D 476 6.95 26.95 -31.43
N VAL D 477 6.02 27.46 -30.63
CA VAL D 477 6.05 28.84 -30.14
C VAL D 477 6.37 28.81 -28.65
N VAL D 478 7.36 29.60 -28.24
CA VAL D 478 7.85 29.61 -26.87
C VAL D 478 7.67 30.99 -26.28
N ARG D 479 7.07 31.05 -25.10
CA ARG D 479 6.91 32.29 -24.35
C ARG D 479 7.36 32.07 -22.91
N LEU D 480 8.19 32.97 -22.41
CA LEU D 480 8.68 32.92 -21.05
C LEU D 480 8.37 34.24 -20.36
N LEU D 481 7.95 34.17 -19.10
CA LEU D 481 7.56 35.35 -18.34
C LEU D 481 8.24 35.33 -16.99
N VAL D 482 8.76 36.48 -16.57
CA VAL D 482 9.35 36.68 -15.26
C VAL D 482 8.60 37.82 -14.59
N GLU D 483 7.99 37.55 -13.45
CA GLU D 483 7.21 38.54 -12.71
C GLU D 483 8.01 39.03 -11.51
N PHE D 484 8.09 40.36 -11.36
CA PHE D 484 8.80 40.95 -10.23
C PHE D 484 7.78 41.53 -9.26
N PRO D 485 7.51 40.87 -8.15
CA PRO D 485 6.53 41.40 -7.19
C PRO D 485 7.05 42.65 -6.50
N ALA D 486 6.10 43.41 -5.93
CA ALA D 486 6.46 44.61 -5.18
C ALA D 486 7.19 44.30 -3.89
N THR D 487 7.22 43.04 -3.47
CA THR D 487 7.89 42.62 -2.24
C THR D 487 9.27 42.04 -2.49
N GLY D 488 9.76 42.09 -3.72
CA GLY D 488 11.07 41.57 -4.05
C GLY D 488 11.03 40.14 -4.55
N GLY D 489 12.08 39.75 -5.26
CA GLY D 489 12.18 38.43 -5.83
C GLY D 489 11.65 38.37 -7.25
N VAL D 490 11.69 37.15 -7.81
CA VAL D 490 11.17 36.88 -9.14
C VAL D 490 10.30 35.64 -9.10
N ILE D 491 9.40 35.54 -10.08
CA ILE D 491 8.56 34.37 -10.27
C ILE D 491 8.60 33.99 -11.74
N PRO D 492 9.10 32.81 -12.11
CA PRO D 492 9.15 32.41 -13.51
C PRO D 492 7.94 31.59 -13.94
N SER D 493 7.61 31.72 -15.22
CA SER D 493 6.56 30.93 -15.85
C SER D 493 6.90 30.76 -17.32
N TRP D 494 6.32 29.73 -17.93
CA TRP D 494 6.70 29.36 -19.28
C TRP D 494 5.52 28.71 -19.99
N GLN D 495 5.57 28.73 -21.32
CA GLN D 495 4.63 27.96 -22.13
C GLN D 495 5.26 27.68 -23.49
N PHE D 496 5.33 26.40 -23.85
CA PHE D 496 5.75 25.96 -25.17
C PHE D 496 4.57 25.29 -25.83
N GLN D 497 4.21 25.74 -27.03
CA GLN D 497 3.05 25.18 -27.73
C GLN D 497 3.45 24.69 -29.11
N PRO D 498 3.21 23.43 -29.43
CA PRO D 498 3.50 22.92 -30.78
C PRO D 498 2.32 23.05 -31.72
N LEU D 499 2.65 23.22 -33.00
CA LEU D 499 1.65 23.24 -34.06
C LEU D 499 2.26 22.65 -35.32
N LYS D 500 1.39 22.18 -36.21
CA LYS D 500 1.78 21.41 -37.37
C LYS D 500 1.29 22.11 -38.65
N LEU D 501 1.98 21.81 -39.75
CA LEU D 501 1.68 22.38 -41.06
C LEU D 501 1.22 21.27 -42.00
N ILE D 502 0.32 20.41 -41.52
CA ILE D 502 -0.11 19.19 -42.17
C ILE D 502 -0.34 19.37 -43.66
N ARG D 503 0.18 18.43 -44.46
CA ARG D 503 0.06 18.45 -45.90
C ARG D 503 -0.10 17.03 -46.41
N TYR D 504 -0.71 16.89 -47.59
CA TYR D 504 -0.98 15.59 -48.19
C TYR D 504 0.33 15.02 -48.72
N VAL D 505 1.07 14.34 -47.84
CA VAL D 505 2.37 13.78 -48.18
C VAL D 505 2.38 12.26 -48.22
N THR D 506 1.33 11.60 -47.73
CA THR D 506 1.27 10.14 -47.68
C THR D 506 -0.15 9.73 -48.06
N THR D 507 -0.50 8.48 -47.76
CA THR D 507 -1.87 8.02 -47.89
C THR D 507 -2.62 8.03 -46.56
N PHE D 508 -1.90 7.89 -45.44
CA PHE D 508 -2.55 7.91 -44.13
C PHE D 508 -3.14 9.28 -43.82
N ASP D 509 -2.42 10.36 -44.16
CA ASP D 509 -2.98 11.70 -43.97
C ASP D 509 -4.21 11.90 -44.85
N PHE D 510 -4.22 11.30 -46.05
CA PHE D 510 -5.42 11.32 -46.87
C PHE D 510 -6.57 10.57 -46.19
N PHE D 511 -6.25 9.46 -45.53
CA PHE D 511 -7.27 8.70 -44.81
C PHE D 511 -7.87 9.55 -43.70
N LEU D 512 -7.04 10.24 -42.93
CA LEU D 512 -7.56 11.15 -41.90
C LEU D 512 -8.32 12.32 -42.50
N ALA D 513 -7.90 12.80 -43.68
CA ALA D 513 -8.65 13.87 -44.34
C ALA D 513 -10.05 13.40 -44.72
N ALA D 514 -10.15 12.18 -45.26
CA ALA D 514 -11.45 11.60 -45.57
C ALA D 514 -12.28 11.43 -44.32
N CYS D 515 -11.64 11.04 -43.21
CA CYS D 515 -12.33 10.95 -41.93
C CYS D 515 -12.85 12.31 -41.48
N GLU D 516 -12.08 13.37 -41.70
CA GLU D 516 -12.53 14.72 -41.33
C GLU D 516 -13.74 15.13 -42.16
N ILE D 517 -13.70 14.85 -43.47
CA ILE D 517 -14.86 15.16 -44.31
C ILE D 517 -16.08 14.34 -43.88
N ILE D 518 -15.86 13.07 -43.52
CA ILE D 518 -16.95 12.23 -43.03
C ILE D 518 -17.53 12.81 -41.73
N PHE D 519 -16.66 13.30 -40.85
CA PHE D 519 -17.12 13.91 -39.61
C PHE D 519 -17.94 15.16 -39.88
N CYS D 520 -17.50 15.98 -40.86
CA CYS D 520 -18.28 17.16 -41.22
C CYS D 520 -19.66 16.77 -41.76
N PHE D 521 -19.70 15.74 -42.60
CA PHE D 521 -21.00 15.27 -43.11
C PHE D 521 -21.87 14.76 -41.97
N PHE D 522 -21.28 14.04 -41.02
CA PHE D 522 -22.04 13.49 -39.90
C PHE D 522 -22.60 14.60 -39.02
N ILE D 523 -21.79 15.63 -38.72
CA ILE D 523 -22.29 16.69 -37.86
C ILE D 523 -23.36 17.50 -38.59
N PHE D 524 -23.21 17.68 -39.91
CA PHE D 524 -24.27 18.34 -40.67
C PHE D 524 -25.57 17.53 -40.63
N TYR D 525 -25.48 16.22 -40.80
CA TYR D 525 -26.63 15.33 -40.69
C TYR D 525 -27.30 15.48 -39.32
N TYR D 526 -26.51 15.41 -38.25
CA TYR D 526 -27.07 15.50 -36.92
C TYR D 526 -27.74 16.85 -36.70
N VAL D 527 -27.12 17.93 -37.17
CA VAL D 527 -27.69 19.26 -36.92
C VAL D 527 -28.96 19.47 -37.75
N VAL D 528 -29.03 18.98 -38.98
CA VAL D 528 -30.25 19.21 -39.75
C VAL D 528 -31.41 18.42 -39.16
N GLU D 529 -31.17 17.17 -38.77
CA GLU D 529 -32.29 16.43 -38.18
C GLU D 529 -32.62 16.93 -36.76
N GLU D 530 -31.64 17.49 -36.04
CA GLU D 530 -31.98 18.17 -34.80
C GLU D 530 -32.85 19.38 -35.04
N ILE D 531 -32.56 20.14 -36.11
CA ILE D 531 -33.39 21.29 -36.47
C ILE D 531 -34.80 20.83 -36.79
N LEU D 532 -34.93 19.73 -37.53
CA LEU D 532 -36.26 19.19 -37.83
C LEU D 532 -36.99 18.80 -36.56
N GLU D 533 -36.32 18.07 -35.67
CA GLU D 533 -36.98 17.57 -34.46
C GLU D 533 -37.31 18.70 -33.49
N ILE D 534 -36.58 19.81 -33.54
CA ILE D 534 -36.93 20.96 -32.72
C ILE D 534 -38.01 21.80 -33.39
N ARG D 535 -38.10 21.77 -34.72
CA ARG D 535 -39.18 22.47 -35.41
C ARG D 535 -40.51 21.78 -35.19
N ILE D 536 -40.52 20.46 -35.10
CA ILE D 536 -41.78 19.74 -34.86
C ILE D 536 -42.22 19.79 -33.40
N HIS D 537 -41.32 20.01 -32.46
CA HIS D 537 -41.63 19.99 -31.03
C HIS D 537 -40.98 21.16 -30.31
N LYS D 538 -41.13 22.36 -30.86
CA LYS D 538 -40.49 23.53 -30.26
C LYS D 538 -41.15 23.95 -28.96
N LEU D 539 -42.40 23.54 -28.74
CA LEU D 539 -43.11 23.96 -27.52
C LEU D 539 -42.46 23.36 -26.27
N HIS D 540 -42.01 22.10 -26.35
CA HIS D 540 -41.31 21.46 -25.25
C HIS D 540 -40.10 20.72 -25.82
N TYR D 541 -38.90 21.14 -25.42
CA TYR D 541 -37.68 20.51 -25.89
C TYR D 541 -36.62 20.30 -24.82
N PHE D 542 -36.85 20.74 -23.58
CA PHE D 542 -35.82 20.69 -22.56
C PHE D 542 -36.11 19.71 -21.44
N ARG D 543 -37.33 19.16 -21.39
CA ARG D 543 -37.62 18.15 -20.38
C ARG D 543 -36.81 16.88 -20.59
N SER D 544 -36.64 16.47 -21.85
CA SER D 544 -35.79 15.32 -22.16
C SER D 544 -34.33 15.69 -21.95
N PHE D 545 -33.55 14.72 -21.45
CA PHE D 545 -32.14 14.93 -21.15
C PHE D 545 -31.23 14.68 -22.35
N TRP D 546 -31.59 13.75 -23.23
CA TRP D 546 -30.71 13.40 -24.33
C TRP D 546 -30.66 14.47 -25.41
N ASN D 547 -31.71 15.26 -25.57
CA ASN D 547 -31.67 16.35 -26.54
C ASN D 547 -30.67 17.43 -26.12
N CYS D 548 -30.61 17.73 -24.82
CA CYS D 548 -29.62 18.69 -24.34
C CYS D 548 -28.21 18.17 -24.58
N LEU D 549 -27.97 16.90 -24.31
CA LEU D 549 -26.66 16.32 -24.58
C LEU D 549 -26.33 16.37 -26.07
N ASP D 550 -27.33 16.11 -26.92
CA ASP D 550 -27.10 16.14 -28.37
C ASP D 550 -26.74 17.55 -28.83
N VAL D 551 -27.46 18.57 -28.35
CA VAL D 551 -27.15 19.93 -28.78
C VAL D 551 -25.79 20.37 -28.23
N VAL D 552 -25.44 19.95 -27.02
CA VAL D 552 -24.11 20.24 -26.49
C VAL D 552 -23.05 19.61 -27.40
N ILE D 553 -23.27 18.36 -27.80
CA ILE D 553 -22.32 17.67 -28.66
C ILE D 553 -22.16 18.40 -29.98
N VAL D 554 -23.28 18.82 -30.59
CA VAL D 554 -23.19 19.42 -31.91
C VAL D 554 -22.53 20.80 -31.84
N VAL D 555 -22.82 21.59 -30.80
CA VAL D 555 -22.18 22.90 -30.70
C VAL D 555 -20.69 22.75 -30.40
N LEU D 556 -20.31 21.77 -29.57
CA LEU D 556 -18.89 21.54 -29.33
C LEU D 556 -18.19 21.11 -30.62
N SER D 557 -18.81 20.22 -31.38
CA SER D 557 -18.21 19.77 -32.64
C SER D 557 -18.07 20.92 -33.62
N VAL D 558 -19.08 21.79 -33.71
CA VAL D 558 -19.02 22.87 -34.68
C VAL D 558 -17.97 23.91 -34.28
N VAL D 559 -17.85 24.22 -32.99
CA VAL D 559 -16.83 25.17 -32.58
C VAL D 559 -15.43 24.58 -32.77
N ALA D 560 -15.27 23.28 -32.50
CA ALA D 560 -13.98 22.64 -32.72
C ALA D 560 -13.61 22.65 -34.21
N ILE D 561 -14.57 22.35 -35.08
CA ILE D 561 -14.27 22.34 -36.51
C ILE D 561 -14.00 23.75 -37.01
N GLY D 562 -14.69 24.76 -36.45
CA GLY D 562 -14.37 26.13 -36.83
C GLY D 562 -12.96 26.53 -36.43
N ILE D 563 -12.54 26.14 -35.22
CA ILE D 563 -11.16 26.40 -34.79
C ILE D 563 -10.20 25.71 -35.74
N ASN D 564 -10.48 24.45 -36.10
CA ASN D 564 -9.58 23.71 -36.98
C ASN D 564 -9.47 24.36 -38.35
N ILE D 565 -10.58 24.79 -38.93
CA ILE D 565 -10.53 25.39 -40.26
C ILE D 565 -9.83 26.75 -40.20
N TYR D 566 -10.03 27.52 -39.14
CA TYR D 566 -9.30 28.78 -39.01
C TYR D 566 -7.80 28.51 -38.92
N ARG D 567 -7.40 27.52 -38.12
CA ARG D 567 -5.98 27.21 -37.98
C ARG D 567 -5.38 26.75 -39.29
N THR D 568 -6.08 25.89 -40.03
CA THR D 568 -5.54 25.41 -41.30
C THR D 568 -5.57 26.48 -42.38
N SER D 569 -6.45 27.47 -42.26
CA SER D 569 -6.43 28.58 -43.21
C SER D 569 -5.30 29.55 -42.92
N ASN D 570 -5.00 29.79 -41.65
CA ASN D 570 -3.94 30.73 -41.29
C ASN D 570 -2.57 30.08 -41.19
N VAL D 571 -2.48 28.75 -41.30
CA VAL D 571 -1.18 28.08 -41.28
C VAL D 571 -0.35 28.35 -42.53
N GLU D 572 -0.93 28.97 -43.56
CA GLU D 572 -0.20 29.22 -44.79
C GLU D 572 0.65 30.49 -44.74
N VAL D 573 0.60 31.23 -43.62
CA VAL D 573 1.37 32.46 -43.53
C VAL D 573 2.68 32.28 -42.74
N LEU D 574 2.78 31.23 -41.94
CA LEU D 574 3.96 31.06 -41.09
C LEU D 574 5.20 30.65 -41.88
N LEU D 575 5.04 29.98 -43.02
CA LEU D 575 6.21 29.54 -43.78
C LEU D 575 6.90 30.70 -44.49
N GLN D 576 6.28 31.87 -44.52
CA GLN D 576 6.92 33.04 -45.13
C GLN D 576 8.16 33.49 -44.36
N PHE D 577 8.21 33.23 -43.06
CA PHE D 577 9.36 33.58 -42.24
C PHE D 577 10.40 32.46 -42.18
N LEU D 578 10.14 31.32 -42.81
CA LEU D 578 11.05 30.17 -42.70
C LEU D 578 12.36 30.45 -43.42
N GLU D 579 12.30 30.94 -44.66
CA GLU D 579 13.52 31.14 -45.43
C GLU D 579 14.42 32.20 -44.80
N ASP D 580 13.95 33.44 -44.75
CA ASP D 580 14.71 34.55 -44.16
C ASP D 580 13.76 35.71 -43.93
N GLN D 581 13.67 36.16 -42.68
CA GLN D 581 12.82 37.30 -42.35
C GLN D 581 13.28 37.87 -41.01
N ASN D 582 13.74 39.12 -41.01
CA ASN D 582 14.17 39.78 -39.78
C ASN D 582 13.00 40.53 -39.14
N THR D 583 11.93 39.77 -38.91
CA THR D 583 10.72 40.31 -38.30
C THR D 583 10.18 39.30 -37.30
N PHE D 584 9.62 39.81 -36.21
CA PHE D 584 9.08 38.97 -35.16
C PHE D 584 7.69 38.47 -35.55
N PRO D 585 7.47 37.15 -35.63
CA PRO D 585 6.12 36.65 -35.91
C PRO D 585 5.28 36.51 -34.64
N ASN D 586 4.15 37.21 -34.59
CA ASN D 586 3.25 37.15 -33.43
C ASN D 586 2.27 36.00 -33.66
N PHE D 587 2.56 34.86 -33.05
CA PHE D 587 1.83 33.62 -33.27
C PHE D 587 1.27 33.06 -31.97
N GLU D 588 0.78 33.92 -31.09
CA GLU D 588 0.20 33.47 -29.83
C GLU D 588 -1.27 33.07 -29.97
N HIS D 589 -2.00 33.69 -30.91
CA HIS D 589 -3.40 33.34 -31.10
C HIS D 589 -3.54 31.90 -31.56
N LEU D 590 -2.65 31.45 -32.45
CA LEU D 590 -2.69 30.06 -32.90
C LEU D 590 -2.47 29.10 -31.74
N ALA D 591 -1.52 29.40 -30.86
CA ALA D 591 -1.26 28.55 -29.71
C ALA D 591 -2.47 28.50 -28.78
N TYR D 592 -3.06 29.66 -28.49
CA TYR D 592 -4.21 29.71 -27.61
C TYR D 592 -5.37 28.91 -28.19
N TRP D 593 -5.64 29.07 -29.49
CA TRP D 593 -6.77 28.37 -30.08
C TRP D 593 -6.48 26.87 -30.23
N GLN D 594 -5.22 26.48 -30.39
CA GLN D 594 -4.89 25.06 -30.38
C GLN D 594 -5.13 24.44 -29.02
N ILE D 595 -4.75 25.14 -27.95
CA ILE D 595 -5.03 24.66 -26.60
C ILE D 595 -6.54 24.51 -26.40
N GLN D 596 -7.29 25.52 -26.83
CA GLN D 596 -8.75 25.45 -26.73
C GLN D 596 -9.30 24.28 -27.55
N PHE D 597 -8.73 24.01 -28.71
CA PHE D 597 -9.19 22.91 -29.55
C PHE D 597 -8.98 21.56 -28.87
N ASN D 598 -7.81 21.37 -28.26
CA ASN D 598 -7.59 20.12 -27.51
C ASN D 598 -8.58 19.99 -26.36
N ASN D 599 -8.79 21.07 -25.62
CA ASN D 599 -9.71 21.03 -24.48
C ASN D 599 -11.13 20.69 -24.94
N ILE D 600 -11.54 21.26 -26.08
CA ILE D 600 -12.87 20.97 -26.61
C ILE D 600 -12.97 19.52 -27.07
N ALA D 601 -11.92 19.01 -27.72
CA ALA D 601 -11.97 17.65 -28.24
C ALA D 601 -12.12 16.63 -27.12
N ALA D 602 -11.42 16.86 -26.00
CA ALA D 602 -11.53 15.91 -24.89
C ALA D 602 -12.97 15.76 -24.41
N VAL D 603 -13.61 16.88 -24.08
CA VAL D 603 -14.98 16.82 -23.59
C VAL D 603 -15.92 16.34 -24.68
N THR D 604 -15.61 16.61 -25.95
CA THR D 604 -16.45 16.12 -27.04
C THR D 604 -16.48 14.60 -27.08
N VAL D 605 -15.30 13.97 -27.00
CA VAL D 605 -15.28 12.50 -27.03
C VAL D 605 -15.92 11.93 -25.77
N PHE D 606 -15.74 12.61 -24.63
CA PHE D 606 -16.39 12.14 -23.40
C PHE D 606 -17.91 12.14 -23.55
N PHE D 607 -18.46 13.24 -24.07
CA PHE D 607 -19.91 13.33 -24.22
C PHE D 607 -20.43 12.37 -25.29
N VAL D 608 -19.59 12.10 -26.27
CA VAL D 608 -19.91 11.16 -27.34
C VAL D 608 -19.61 9.72 -26.90
N TRP D 609 -19.31 9.56 -25.61
CA TRP D 609 -19.03 8.27 -24.98
C TRP D 609 -20.18 8.03 -24.01
N ILE D 610 -20.73 9.15 -23.54
CA ILE D 610 -21.89 9.17 -22.66
C ILE D 610 -23.17 8.93 -23.46
N LYS D 611 -23.18 9.52 -24.65
CA LYS D 611 -24.27 9.38 -25.59
C LYS D 611 -24.49 7.90 -25.89
N LEU D 612 -23.46 7.09 -25.64
CA LEU D 612 -23.62 5.67 -25.88
C LEU D 612 -24.60 5.06 -24.88
N PHE D 613 -24.86 5.74 -23.78
CA PHE D 613 -25.70 5.20 -22.70
C PHE D 613 -27.18 5.14 -22.91
N LYS D 614 -27.64 5.61 -24.07
CA LYS D 614 -29.08 5.65 -24.34
C LYS D 614 -29.53 4.55 -25.29
N PHE D 615 -28.68 3.56 -25.48
CA PHE D 615 -29.01 2.47 -26.36
C PHE D 615 -29.13 1.28 -25.46
N ILE D 616 -28.21 1.15 -24.51
CA ILE D 616 -28.26 0.04 -23.60
C ILE D 616 -29.38 0.30 -22.62
N ASN D 617 -30.56 -0.21 -22.95
CA ASN D 617 -31.76 -0.04 -22.19
C ASN D 617 -32.69 -1.02 -22.86
N PHE D 618 -32.11 -2.10 -23.31
CA PHE D 618 -32.80 -3.15 -24.05
C PHE D 618 -33.61 -4.09 -23.15
N ASN D 619 -33.08 -4.42 -21.98
CA ASN D 619 -33.70 -5.43 -21.13
C ASN D 619 -34.59 -4.79 -20.07
N ARG D 620 -35.26 -5.62 -19.28
CA ARG D 620 -36.07 -5.14 -18.17
C ARG D 620 -35.22 -4.64 -17.01
N THR D 621 -34.12 -5.34 -16.70
CA THR D 621 -33.23 -4.89 -15.64
C THR D 621 -32.59 -3.56 -15.99
N MET D 622 -32.18 -3.38 -17.25
CA MET D 622 -31.66 -2.09 -17.68
C MET D 622 -32.72 -1.00 -17.56
N SER D 623 -33.98 -1.32 -17.85
CA SER D 623 -35.05 -0.35 -17.67
C SER D 623 -35.21 0.03 -16.21
N GLN D 624 -35.14 -0.94 -15.30
CA GLN D 624 -35.23 -0.62 -13.88
C GLN D 624 -34.07 0.26 -13.43
N LEU D 625 -32.86 -0.05 -13.88
CA LEU D 625 -31.70 0.77 -13.51
C LEU D 625 -31.84 2.20 -14.04
N SER D 626 -32.27 2.33 -15.29
CA SER D 626 -32.43 3.66 -15.88
C SER D 626 -33.53 4.45 -15.16
N THR D 627 -34.64 3.79 -14.81
CA THR D 627 -35.69 4.46 -14.07
C THR D 627 -35.22 4.88 -12.69
N THR D 628 -34.43 4.02 -12.02
CA THR D 628 -33.87 4.39 -10.72
C THR D 628 -32.99 5.63 -10.84
N MET D 629 -32.13 5.67 -11.86
CA MET D 629 -31.24 6.81 -12.01
C MET D 629 -32.00 8.07 -12.39
N SER D 630 -33.06 7.94 -13.19
CA SER D 630 -33.82 9.11 -13.61
C SER D 630 -34.74 9.65 -12.52
N ARG D 631 -35.23 8.80 -11.62
CA ARG D 631 -36.19 9.24 -10.62
C ARG D 631 -35.54 9.91 -9.41
N CYS D 632 -34.21 9.91 -9.32
CA CYS D 632 -33.52 10.47 -8.15
C CYS D 632 -32.60 11.62 -8.52
N ALA D 633 -32.80 12.23 -9.70
CA ALA D 633 -31.94 13.34 -10.11
C ALA D 633 -32.20 14.58 -9.26
N LYS D 634 -33.47 14.88 -8.98
CA LYS D 634 -33.78 16.10 -8.23
C LYS D 634 -33.26 16.03 -6.80
N ASP D 635 -33.35 14.87 -6.16
CA ASP D 635 -32.84 14.74 -4.79
C ASP D 635 -31.32 14.88 -4.75
N LEU D 636 -30.63 14.29 -5.73
CA LEU D 636 -29.18 14.44 -5.80
C LEU D 636 -28.80 15.91 -6.02
N PHE D 637 -29.51 16.60 -6.91
CA PHE D 637 -29.23 18.02 -7.13
C PHE D 637 -29.50 18.83 -5.87
N GLY D 638 -30.56 18.49 -5.15
CA GLY D 638 -30.86 19.21 -3.91
C GLY D 638 -29.79 19.01 -2.86
N PHE D 639 -29.30 17.78 -2.69
CA PHE D 639 -28.25 17.54 -1.71
C PHE D 639 -26.92 18.14 -2.14
N ALA D 640 -26.68 18.27 -3.45
CA ALA D 640 -25.45 18.90 -3.91
C ALA D 640 -25.32 20.33 -3.40
N ILE D 641 -26.45 21.03 -3.23
CA ILE D 641 -26.41 22.41 -2.75
C ILE D 641 -25.89 22.45 -1.31
N MET D 642 -26.43 21.57 -0.45
CA MET D 642 -25.95 21.52 0.93
C MET D 642 -24.48 21.11 0.99
N PHE D 643 -24.11 20.12 0.19
CA PHE D 643 -22.72 19.67 0.17
C PHE D 643 -21.80 20.81 -0.23
N PHE D 644 -22.17 21.58 -1.24
CA PHE D 644 -21.33 22.69 -1.68
C PHE D 644 -21.32 23.83 -0.68
N ILE D 645 -22.41 24.04 0.06
CA ILE D 645 -22.40 25.05 1.10
C ILE D 645 -21.36 24.70 2.17
N ILE D 646 -21.38 23.43 2.63
CA ILE D 646 -20.39 23.02 3.62
C ILE D 646 -18.98 23.06 3.03
N PHE D 647 -18.85 22.69 1.75
CA PHE D 647 -17.55 22.73 1.09
C PHE D 647 -16.99 24.15 1.06
N LEU D 648 -17.83 25.13 0.71
CA LEU D 648 -17.37 26.52 0.66
C LEU D 648 -17.06 27.05 2.05
N ALA D 649 -17.82 26.64 3.07
CA ALA D 649 -17.48 27.03 4.43
C ALA D 649 -16.09 26.53 4.82
N TYR D 650 -15.82 25.25 4.56
CA TYR D 650 -14.50 24.70 4.87
C TYR D 650 -13.40 25.36 4.05
N ALA D 651 -13.68 25.65 2.77
CA ALA D 651 -12.67 26.28 1.92
C ALA D 651 -12.35 27.69 2.40
N GLN D 652 -13.36 28.44 2.82
CA GLN D 652 -13.11 29.78 3.35
C GLN D 652 -12.33 29.72 4.66
N LEU D 653 -12.65 28.75 5.53
CA LEU D 653 -11.87 28.57 6.75
C LEU D 653 -10.41 28.29 6.43
N ALA D 654 -10.17 27.37 5.49
CA ALA D 654 -8.80 27.03 5.12
C ALA D 654 -8.08 28.22 4.50
N TYR D 655 -8.77 29.00 3.69
CA TYR D 655 -8.16 30.18 3.08
C TYR D 655 -7.77 31.19 4.15
N LEU D 656 -8.63 31.40 5.15
CA LEU D 656 -8.31 32.36 6.20
C LEU D 656 -7.18 31.86 7.10
N VAL D 657 -7.07 30.55 7.30
CA VAL D 657 -6.06 30.03 8.24
C VAL D 657 -4.72 29.82 7.57
N PHE D 658 -4.67 29.12 6.43
CA PHE D 658 -3.41 28.76 5.77
C PHE D 658 -3.10 29.64 4.57
N GLY D 659 -3.72 30.81 4.46
CA GLY D 659 -3.65 31.56 3.22
C GLY D 659 -2.24 32.04 2.89
N THR D 660 -1.47 32.42 3.90
CA THR D 660 -0.18 33.06 3.69
C THR D 660 1.00 32.14 3.95
N GLN D 661 0.78 30.84 4.07
CA GLN D 661 1.90 29.98 4.48
C GLN D 661 2.12 28.78 3.59
N VAL D 662 1.07 28.17 3.05
CA VAL D 662 1.17 26.80 2.56
C VAL D 662 1.38 26.73 1.04
N ASP D 663 0.83 27.70 0.31
CA ASP D 663 0.85 27.85 -1.14
C ASP D 663 -0.13 26.89 -1.82
N ASP D 664 -0.70 25.92 -1.11
CA ASP D 664 -1.84 25.20 -1.62
C ASP D 664 -3.14 25.90 -1.26
N PHE D 665 -3.06 26.97 -0.46
CA PHE D 665 -4.21 27.76 -0.06
C PHE D 665 -3.97 29.26 -0.30
N SER D 666 -3.07 29.60 -1.22
CA SER D 666 -2.73 31.00 -1.44
C SER D 666 -3.92 31.79 -1.98
N THR D 667 -4.69 31.20 -2.89
CA THR D 667 -5.88 31.82 -3.43
C THR D 667 -7.08 30.91 -3.19
N PHE D 668 -8.28 31.47 -3.36
CA PHE D 668 -9.50 30.74 -3.05
C PHE D 668 -9.66 29.51 -3.95
N GLN D 669 -9.41 29.67 -5.25
CA GLN D 669 -9.53 28.53 -6.16
C GLN D 669 -8.53 27.44 -5.81
N GLU D 670 -7.32 27.82 -5.37
CA GLU D 670 -6.36 26.84 -4.92
C GLU D 670 -6.88 26.10 -3.70
N CYS D 671 -7.57 26.80 -2.79
CA CYS D 671 -8.16 26.12 -1.64
C CYS D 671 -9.22 25.11 -2.09
N ILE D 672 -10.04 25.50 -3.03
CA ILE D 672 -11.09 24.64 -3.55
C ILE D 672 -10.51 23.40 -4.19
N PHE D 673 -9.49 23.55 -5.00
CA PHE D 673 -8.87 22.41 -5.67
C PHE D 673 -8.09 21.54 -4.69
N THR D 674 -7.47 22.15 -3.69
CA THR D 674 -6.76 21.38 -2.67
C THR D 674 -7.74 20.51 -1.87
N GLN D 675 -8.91 21.06 -1.53
CA GLN D 675 -9.91 20.26 -0.86
C GLN D 675 -10.43 19.13 -1.74
N PHE D 676 -10.63 19.41 -3.03
CA PHE D 676 -11.03 18.37 -3.96
C PHE D 676 -9.99 17.24 -4.01
N ARG D 677 -8.71 17.61 -4.04
CA ARG D 677 -7.65 16.61 -4.02
C ARG D 677 -7.64 15.83 -2.71
N ILE D 678 -7.92 16.52 -1.60
CA ILE D 678 -8.01 15.84 -0.31
C ILE D 678 -9.11 14.79 -0.33
N ILE D 679 -10.23 15.09 -0.99
CA ILE D 679 -11.31 14.11 -1.10
C ILE D 679 -10.83 12.86 -1.82
N LEU D 680 -9.97 13.02 -2.82
CA LEU D 680 -9.41 11.89 -3.56
C LEU D 680 -8.13 11.35 -2.94
N GLY D 681 -7.77 11.80 -1.73
CA GLY D 681 -6.60 11.29 -1.06
C GLY D 681 -5.29 11.81 -1.61
N ASP D 682 -5.07 13.13 -1.52
CA ASP D 682 -3.86 13.76 -2.01
C ASP D 682 -3.35 14.78 -0.99
N ILE D 683 -3.34 14.37 0.28
CA ILE D 683 -2.96 15.29 1.35
C ILE D 683 -1.44 15.35 1.47
N ASN D 684 -0.96 16.46 2.03
CA ASN D 684 0.44 16.64 2.40
C ASN D 684 0.62 16.63 3.91
N PHE D 685 -0.06 17.53 4.61
CA PHE D 685 -0.19 17.54 6.06
C PHE D 685 1.10 17.95 6.77
N ALA D 686 2.20 18.09 6.03
CA ALA D 686 3.42 18.59 6.63
C ALA D 686 3.38 20.11 6.73
N GLU D 687 3.11 20.77 5.60
CA GLU D 687 2.97 22.23 5.61
C GLU D 687 1.77 22.66 6.43
N ILE D 688 0.68 21.89 6.40
CA ILE D 688 -0.50 22.21 7.18
C ILE D 688 -0.17 22.20 8.67
N GLU D 689 0.55 21.17 9.12
CA GLU D 689 0.91 21.07 10.53
C GLU D 689 1.92 22.15 10.92
N GLU D 690 2.90 22.43 10.05
CA GLU D 690 3.90 23.43 10.39
C GLU D 690 3.30 24.83 10.45
N ALA D 691 2.37 25.14 9.54
CA ALA D 691 1.81 26.50 9.50
C ALA D 691 1.03 26.82 10.76
N ASN D 692 0.22 25.88 11.26
CA ASN D 692 -0.58 26.09 12.45
C ASN D 692 -0.62 24.79 13.23
N ARG D 693 0.10 24.75 14.35
CA ARG D 693 0.14 23.52 15.16
C ARG D 693 -1.21 23.19 15.75
N VAL D 694 -2.06 24.20 15.97
CA VAL D 694 -3.44 24.00 16.39
C VAL D 694 -4.33 24.61 15.32
N LEU D 695 -5.54 24.07 15.16
CA LEU D 695 -6.54 24.52 14.19
C LEU D 695 -6.16 24.10 12.78
N GLY D 696 -4.96 23.57 12.60
CA GLY D 696 -4.59 22.94 11.35
C GLY D 696 -4.95 21.47 11.35
N PRO D 697 -4.39 20.72 12.31
CA PRO D 697 -4.83 19.35 12.51
C PRO D 697 -6.30 19.22 12.85
N ILE D 698 -6.86 20.18 13.57
CA ILE D 698 -8.30 20.18 13.84
C ILE D 698 -9.07 20.25 12.52
N TYR D 699 -8.67 21.16 11.64
CA TYR D 699 -9.30 21.29 10.34
C TYR D 699 -9.20 20.00 9.56
N PHE D 700 -8.01 19.41 9.50
CA PHE D 700 -7.81 18.20 8.72
C PHE D 700 -8.67 17.05 9.27
N THR D 701 -8.63 16.82 10.57
CA THR D 701 -9.36 15.72 11.17
C THR D 701 -10.86 15.89 11.00
N THR D 702 -11.37 17.09 11.26
CA THR D 702 -12.81 17.33 11.13
C THR D 702 -13.26 17.16 9.69
N PHE D 703 -12.49 17.70 8.74
CA PHE D 703 -12.86 17.54 7.33
C PHE D 703 -12.89 16.08 6.92
N VAL D 704 -11.86 15.32 7.29
CA VAL D 704 -11.80 13.92 6.91
C VAL D 704 -12.95 13.15 7.53
N PHE D 705 -13.20 13.36 8.81
CA PHE D 705 -14.27 12.63 9.49
C PHE D 705 -15.64 12.95 8.91
N PHE D 706 -15.91 14.24 8.67
CA PHE D 706 -17.24 14.63 8.22
C PHE D 706 -17.45 14.41 6.73
N MET D 707 -16.40 14.19 5.95
CA MET D 707 -16.59 13.92 4.53
C MET D 707 -16.47 12.44 4.18
N PHE D 708 -15.67 11.67 4.91
CA PHE D 708 -15.48 10.27 4.57
C PHE D 708 -16.40 9.33 5.32
N PHE D 709 -17.22 9.85 6.24
CA PHE D 709 -18.10 9.00 7.04
C PHE D 709 -19.55 9.45 7.09
N ILE D 710 -19.85 10.72 6.80
CA ILE D 710 -21.19 11.22 6.98
C ILE D 710 -21.79 11.76 5.68
N LEU D 711 -21.15 12.79 5.12
CA LEU D 711 -21.78 13.52 4.02
C LEU D 711 -21.81 12.72 2.73
N LEU D 712 -20.65 12.20 2.31
CA LEU D 712 -20.58 11.49 1.04
C LEU D 712 -21.42 10.23 1.03
N ASN D 713 -21.74 9.67 2.20
CA ASN D 713 -22.62 8.52 2.25
C ASN D 713 -24.05 8.90 1.87
N MET D 714 -24.48 10.12 2.24
CA MET D 714 -25.86 10.52 2.06
C MET D 714 -26.29 10.37 0.60
N PHE D 715 -25.43 10.78 -0.34
CA PHE D 715 -25.67 10.56 -1.76
C PHE D 715 -26.16 9.14 -2.01
N LEU D 716 -25.33 8.16 -1.66
CA LEU D 716 -25.70 6.77 -1.89
C LEU D 716 -27.04 6.44 -1.25
N ALA D 717 -27.26 6.93 -0.03
CA ALA D 717 -28.52 6.67 0.66
C ALA D 717 -29.69 7.02 -0.23
N ILE D 718 -29.67 8.24 -0.79
CA ILE D 718 -30.75 8.68 -1.68
C ILE D 718 -30.97 7.61 -2.74
N ILE D 719 -29.92 7.30 -3.51
CA ILE D 719 -30.05 6.35 -4.60
C ILE D 719 -30.63 5.05 -4.08
N ASN D 720 -30.11 4.57 -2.95
CA ASN D 720 -30.54 3.29 -2.40
C ASN D 720 -32.06 3.28 -2.27
N ASP D 721 -32.60 4.30 -1.60
CA ASP D 721 -34.05 4.30 -1.36
C ASP D 721 -34.80 4.25 -2.68
N THR D 722 -34.39 5.09 -3.64
CA THR D 722 -35.09 5.14 -4.91
C THR D 722 -35.17 3.75 -5.52
N TYR D 723 -34.04 3.04 -5.53
CA TYR D 723 -34.02 1.72 -6.14
C TYR D 723 -35.10 0.84 -5.52
N SER D 724 -35.12 0.78 -4.18
CA SER D 724 -36.12 -0.03 -3.51
C SER D 724 -37.51 0.36 -3.97
N GLU D 725 -37.80 1.67 -3.93
CA GLU D 725 -39.13 2.13 -4.31
C GLU D 725 -39.49 1.65 -5.70
N VAL D 726 -38.55 1.77 -6.65
CA VAL D 726 -38.82 1.35 -8.02
C VAL D 726 -39.28 -0.10 -8.01
N LYS D 727 -38.46 -0.98 -7.40
CA LYS D 727 -38.81 -2.40 -7.41
C LYS D 727 -40.17 -2.61 -6.77
N SER D 728 -40.45 -1.86 -5.70
CA SER D 728 -41.73 -2.03 -5.00
C SER D 728 -42.89 -1.84 -5.95
N ASP D 729 -42.86 -0.79 -6.77
CA ASP D 729 -44.02 -0.53 -7.61
C ASP D 729 -44.18 -1.61 -8.67
N LEU D 730 -43.08 -2.25 -9.08
CA LEU D 730 -43.19 -3.41 -9.95
C LEU D 730 -44.15 -4.43 -9.37
N ALA D 731 -44.01 -4.73 -8.08
CA ALA D 731 -44.95 -5.64 -7.44
C ALA D 731 -46.36 -5.12 -7.57
N GLN D 732 -46.58 -3.85 -7.24
CA GLN D 732 -47.92 -3.27 -7.34
C GLN D 732 -48.40 -3.19 -8.78
N GLN D 733 -47.50 -3.35 -9.75
CA GLN D 733 -47.89 -3.41 -11.15
C GLN D 733 -48.04 -4.84 -11.65
N LYS D 734 -47.44 -5.82 -10.97
CA LYS D 734 -47.49 -7.21 -11.40
C LYS D 734 -48.46 -8.06 -10.60
N ALA D 735 -48.72 -7.70 -9.34
CA ALA D 735 -49.63 -8.48 -8.50
C ALA D 735 -51.09 -8.17 -8.75
N GLU D 736 -51.40 -7.20 -9.60
CA GLU D 736 -52.78 -6.85 -9.91
C GLU D 736 -53.31 -7.70 -11.07
CAD PGW E . -12.89 8.90 -1.74
OAE PGW E . -13.87 9.91 -1.67
OAF PGW E . -12.75 6.56 -1.91
P PGW E . -16.82 5.69 -1.44
C01 PGW E . -20.88 7.14 -2.94
C1 PGW E . -18.79 9.35 -3.82
O01 PGW E . -19.18 8.80 -2.59
C02 PGW E . -19.42 7.43 -2.58
C2 PGW E . -18.17 10.74 -3.90
O02 PGW E . -18.94 8.73 -4.81
C03 PGW E . -19.13 6.88 -1.18
C3 PGW E . -18.69 11.48 -5.13
O03 PGW E . -21.23 7.97 -4.00
C04 PGW E . -14.96 7.52 -1.88
C4 PGW E . -20.11 11.08 -5.48
O04 PGW E . -21.75 6.16 -5.21
C05 PGW E . -13.52 7.57 -1.35
C5 PGW E . -20.74 11.98 -6.55
C06 PGW E . -25.18 16.19 -9.32
C6 PGW E . -21.84 11.27 -7.34
C07 PGW E . -26.13 15.69 -10.40
C7 PGW E . -23.03 12.17 -7.64
C08 PGW E . -27.20 16.73 -10.74
C8 PGW E . -22.63 13.61 -7.90
C09 PGW E . -27.95 16.39 -12.03
C9 PGW E . -23.84 14.53 -8.06
C10 PGW E . -23.96 15.27 -9.14
C11 PGW E . -28.09 17.58 -12.96
O11 PGW E . -17.75 6.96 -0.97
C12 PGW E . -29.09 18.62 -12.44
O12 PGW E . -15.36 6.18 -2.00
C13 PGW E . -29.99 19.17 -13.54
O13 PGW E . -16.67 4.73 -0.35
C14 PGW E . -30.49 20.58 -13.24
O14 PGW E . -17.50 4.88 -2.43
C15 PGW E . -20.07 10.46 -13.03
C16 PGW E . -20.30 11.38 -14.22
C17 PGW E . -21.19 10.76 -15.28
C18 PGW E . -21.66 11.79 -16.32
C19 PGW E . -21.88 7.32 -5.06
C20 PGW E . -22.76 8.12 -6.02
C21 PGW E . -22.89 7.44 -7.39
C22 PGW E . -21.54 6.99 -7.93
C23 PGW E . -21.30 7.46 -9.36
C24 PGW E . -19.92 8.08 -9.54
C25 PGW E . -19.81 8.86 -10.85
C26 PGW E . -19.27 10.27 -10.65
C27 PGW E . -19.70 11.21 -11.77
C28 PGW E . -20.80 13.04 -16.31
C29 PGW E . -22.74 13.92 -17.67
C30 PGW E . -21.26 14.06 -17.34
HAD PGW E . -12.08 9.14 -1.05
HADA PGW E . -12.50 8.85 -2.75
HOAE PGW E . -14.31 9.85 -0.83
HOAF PGW E . -13.01 5.73 -1.55
H01 PGW E . -21.50 7.36 -2.08
H01A PGW E . -20.99 6.11 -3.22
H02 PGW E . -18.77 6.95 -3.30
H2 PGW E . -18.43 11.29 -3.01
H2A PGW E . -17.10 10.64 -3.97
H03 PGW E . -19.45 5.84 -1.12
H03A PGW E . -19.65 7.47 -0.44
H3 PGW E . -18.67 12.55 -4.93
H3A PGW E . -18.04 11.27 -5.97
H04 PGW E . -15.62 8.02 -1.18
H04A PGW E . -15.02 8.00 -2.85
H4 PGW E . -20.11 10.05 -5.85
H4A PGW E . -20.72 11.12 -4.58
H05 PGW E . -13.53 7.48 -0.27
H5 PGW E . -21.17 12.85 -6.06
H5A PGW E . -19.96 12.30 -7.23
H06 PGW E . -25.71 16.24 -8.37
H06A PGW E . -24.83 17.18 -9.59
H6 PGW E . -22.18 10.41 -6.76
H6A PGW E . -21.42 10.91 -8.27
H07 PGW E . -26.61 14.79 -10.05
H07A PGW E . -25.55 15.47 -11.30
H7 PGW E . -23.54 11.78 -8.53
H7A PGW E . -23.72 12.13 -6.81
H08 PGW E . -27.91 16.79 -9.92
H08A PGW E . -26.72 17.69 -10.86
H8 PGW E . -22.04 13.97 -7.06
H8A PGW E . -22.03 13.66 -8.79
H09 PGW E . -27.43 15.60 -12.54
H09A PGW E . -28.94 16.03 -11.76
H11 PGW E . -28.43 17.24 -13.93
H11A PGW E . -27.11 18.05 -13.08
H12 PGW E . -29.69 18.18 -11.67
H12A PGW E . -28.53 19.45 -12.00
H13 PGW E . -30.85 18.51 -13.63
H13A PGW E . -29.44 19.18 -14.47
H14 PGW E . -29.80 21.07 -12.55
H14A PGW E . -31.47 20.53 -12.78
H14B PGW E . -30.54 21.15 -14.16
H15 PGW E . -20.98 9.90 -12.85
H15A PGW E . -19.27 9.76 -13.27
H16 PGW E . -20.77 12.30 -13.87
H16A PGW E . -19.34 11.64 -14.66
H17 PGW E . -22.06 10.32 -14.81
H17A PGW E . -20.64 9.98 -15.79
H18 PGW E . -22.69 12.05 -16.10
H18A PGW E . -21.62 11.33 -17.31
H20 PGW E . -22.32 9.11 -6.15
H20A PGW E . -23.75 8.23 -5.59
H21 PGW E . -23.33 8.15 -8.08
H21A PGW E . -23.54 6.58 -7.28
H22 PGW E . -21.50 5.91 -7.90
H22A PGW E . -20.75 7.39 -7.30
H23 PGW E . -22.05 8.20 -9.62
H23A PGW E . -21.41 6.61 -10.03
H24 PGW E . -19.18 7.28 -9.54
H24A PGW E . -19.72 8.76 -8.71
H25 PGW E . -19.14 8.31 -11.51
H25A PGW E . -20.80 8.90 -11.30
H26 PGW E . -18.19 10.23 -10.61
H26A PGW E . -19.65 10.64 -9.70
H27 PGW E . -18.87 11.88 -11.98
H27A PGW E . -20.55 11.79 -11.42
H28 PGW E . -19.77 12.76 -16.53
H28A PGW E . -20.84 13.49 -15.33
H29 PGW E . -23.09 14.82 -18.16
H29A PGW E . -23.31 13.78 -16.75
H29B PGW E . -22.89 13.06 -18.32
H30 PGW E . -21.08 15.06 -16.94
H30A PGW E . -20.68 13.93 -18.25
H9 PGW E . -24.60 14.57 -7.30
H10 PGW E . -23.20 15.24 -9.92
CA CA F . -16.42 -10.98 34.86
C1 NAG G . 32.01 -12.83 30.50
C2 NAG G . 33.53 -12.74 30.36
C3 NAG G . 34.21 -13.22 31.64
C4 NAG G . 33.36 -12.86 32.84
C5 NAG G . 32.06 -13.67 32.80
C6 NAG G . 30.91 -12.97 33.50
C7 NAG G . 33.88 -13.08 27.96
C8 NAG G . 34.42 -13.99 26.90
N2 NAG G . 33.99 -13.50 29.22
O3 NAG G . 35.49 -12.61 31.75
O4 NAG G . 34.05 -13.16 34.05
O5 NAG G . 31.66 -13.88 31.44
O6 NAG G . 29.93 -13.91 33.91
O7 NAG G . 33.38 -12.00 27.68
C1 NAG H . 50.57 -12.46 16.17
C2 NAG H . 50.74 -11.37 15.08
C3 NAG H . 52.18 -10.85 15.02
C4 NAG H . 52.66 -10.45 16.40
C5 NAG H . 52.47 -11.59 17.38
C6 NAG H . 52.86 -11.24 18.79
C7 NAG H . 50.68 -12.77 12.95
C8 NAG H . 51.84 -13.61 13.45
N2 NAG H . 50.24 -11.78 13.76
O3 NAG H . 52.25 -9.75 14.13
O4 NAG H . 54.04 -10.09 16.35
O5 NAG H . 51.08 -11.97 17.42
O6 NAG H . 51.73 -10.79 19.53
O7 NAG H . 50.17 -12.97 11.86
C1 NAG I . 38.12 -26.48 0.68
C2 NAG I . 39.50 -25.90 0.34
C3 NAG I . 39.95 -26.39 -1.04
C4 NAG I . 39.88 -27.91 -1.11
C5 NAG I . 38.50 -28.40 -0.71
C6 NAG I . 38.40 -29.91 -0.64
C7 NAG I . 40.16 -23.74 1.31
C8 NAG I . 40.95 -24.53 2.30
N2 NAG I . 39.49 -24.45 0.39
O3 NAG I . 41.27 -25.94 -1.29
O4 NAG I . 40.17 -28.35 -2.44
O5 NAG I . 38.17 -27.90 0.60
O6 NAG I . 37.13 -30.32 -0.17
O7 NAG I . 40.13 -22.52 1.32
CA CA J . -32.36 32.72 17.97
C1 NAG K . 11.23 47.47 27.95
C2 NAG K . 12.64 47.79 27.43
C3 NAG K . 13.13 49.10 28.01
C4 NAG K . 12.12 50.21 27.77
C5 NAG K . 10.76 49.80 28.29
C6 NAG K . 9.67 50.81 27.99
C7 NAG K . 14.42 46.20 26.85
C8 NAG K . 14.38 46.79 25.47
N2 NAG K . 13.57 46.71 27.74
O3 NAG K . 14.39 49.45 27.43
O4 NAG K . 12.53 51.41 28.41
O5 NAG K . 10.35 48.56 27.69
O6 NAG K . 8.40 50.36 28.47
O7 NAG K . 15.19 45.29 27.14
C1 NAG L . 34.78 42.82 29.23
C2 NAG L . 35.87 42.50 28.20
C3 NAG L . 36.61 43.77 27.81
C4 NAG L . 35.61 44.78 27.26
C5 NAG L . 34.64 45.18 28.36
C6 NAG L . 33.20 45.18 27.91
C7 NAG L . 37.14 40.41 28.02
C8 NAG L . 36.50 40.24 26.67
N2 NAG L . 36.80 41.50 28.70
O3 NAG L . 37.57 43.46 26.81
O4 NAG L . 36.31 45.94 26.81
O5 NAG L . 34.73 44.28 29.49
O6 NAG L . 32.42 46.09 28.68
O7 NAG L . 37.92 39.58 28.46
C1 NAG M . 29.57 21.29 38.17
C2 NAG M . 31.00 21.76 37.93
C3 NAG M . 31.99 20.71 38.45
C4 NAG M . 31.69 20.38 39.90
C5 NAG M . 30.23 19.96 40.06
C6 NAG M . 29.84 19.72 41.50
C7 NAG M . 31.75 23.18 36.09
C8 NAG M . 31.92 23.30 34.61
N2 NAG M . 31.23 22.03 36.53
O3 NAG M . 33.32 21.21 38.32
O4 NAG M . 32.54 19.32 40.34
O5 NAG M . 29.38 20.99 39.56
O6 NAG M . 28.46 19.99 41.71
O7 NAG M . 32.06 24.10 36.85
C1 NAG N . 2.41 44.77 -36.11
C2 NAG N . 3.88 45.14 -36.26
C3 NAG N . 4.03 46.57 -36.79
C4 NAG N . 3.16 46.79 -38.02
C5 NAG N . 1.73 46.32 -37.76
C6 NAG N . 0.87 46.48 -39.02
C7 NAG N . 5.46 45.90 -34.59
C8 NAG N . 6.89 45.49 -34.80
N2 NAG N . 4.55 45.02 -34.98
O3 NAG N . 5.40 46.79 -37.13
O4 NAG N . 3.16 48.18 -38.36
O5 NAG N . 1.74 44.95 -37.36
O6 NAG N . 0.16 47.73 -38.95
O7 NAG N . 5.16 46.97 -34.07
C1 NAG O . 23.00 55.35 -26.61
C2 NAG O . 23.96 54.18 -26.30
C3 NAG O . 25.08 54.06 -27.34
C4 NAG O . 24.52 54.34 -28.71
C5 NAG O . 24.14 55.81 -28.81
C6 NAG O . 23.07 56.10 -29.84
C7 NAG O . 25.27 55.10 -24.33
C8 NAG O . 25.70 56.31 -25.13
N2 NAG O . 24.49 54.19 -24.93
O3 NAG O . 25.63 52.74 -27.29
O4 NAG O . 25.50 54.05 -29.71
O5 NAG O . 23.65 56.30 -27.55
O6 NAG O . 23.48 57.09 -30.76
O7 NAG O . 25.63 54.96 -23.16
C1 NAG P . 10.62 59.41 -6.63
C2 NAG P . 12.09 59.79 -6.71
C3 NAG P . 12.53 60.49 -5.43
C4 NAG P . 11.61 61.67 -5.13
C5 NAG P . 10.16 61.22 -5.12
C6 NAG P . 9.19 62.35 -4.94
C7 NAG P . 14.06 58.66 -7.65
C8 NAG P . 14.79 57.35 -7.80
N2 NAG P . 12.93 58.62 -6.95
O3 NAG P . 13.87 60.94 -5.56
O4 NAG P . 11.94 62.25 -3.88
O5 NAG P . 9.83 60.57 -6.36
O6 NAG P . 9.30 62.95 -3.66
O7 NAG P . 14.48 59.70 -8.14
#